data_9FN1
# 
_entry.id   9FN1 
# 
_audit_conform.dict_name       mmcif_pdbx.dic 
_audit_conform.dict_version    5.406 
_audit_conform.dict_location   http://mmcif.pdb.org/dictionaries/ascii/mmcif_pdbx.dic 
# 
loop_
_database_2.database_id 
_database_2.database_code 
_database_2.pdbx_database_accession 
_database_2.pdbx_DOI 
PDB   9FN1         pdb_00009fn1 10.2210/pdb9fn1/pdb 
WWPDB D_1292139256 ?            ?                   
EMDB  EMD-50583    ?            ?                   
# 
loop_
_pdbx_audit_revision_history.ordinal 
_pdbx_audit_revision_history.data_content_type 
_pdbx_audit_revision_history.major_revision 
_pdbx_audit_revision_history.minor_revision 
_pdbx_audit_revision_history.revision_date 
_pdbx_audit_revision_history.part_number 
1  'Structure model' 1 0 2025-04-16 ? 
2  'EM metadata'     1 0 2025-04-16 ? 
3  FSC               1 0 2025-04-16 ? 
4  'Half map'        1 0 2025-04-16 1 
5  'Half map'        1 0 2025-04-16 2 
6  Image             1 0 2025-04-16 ? 
7  'Primary map'     1 0 2025-04-16 ? 
8  'Structure model' 1 1 2025-07-09 ? 
9  'EM metadata'     1 1 2025-07-09 ? 
10 'Structure model' 1 2 2025-10-29 ? 
# 
loop_
_pdbx_audit_revision_details.ordinal 
_pdbx_audit_revision_details.revision_ordinal 
_pdbx_audit_revision_details.data_content_type 
_pdbx_audit_revision_details.provider 
_pdbx_audit_revision_details.type 
_pdbx_audit_revision_details.description 
_pdbx_audit_revision_details.details 
1 1 'Structure model' repository 'Initial release' ? ? 
2 2 'EM metadata'     repository 'Initial release' ? ? 
3 3 FSC               repository 'Initial release' ? ? 
4 4 'Half map'        repository 'Initial release' ? ? 
5 5 'Half map'        repository 'Initial release' ? ? 
6 6 Image             repository 'Initial release' ? ? 
7 7 'Primary map'     repository 'Initial release' ? ? 
# 
loop_
_pdbx_audit_revision_group.ordinal 
_pdbx_audit_revision_group.revision_ordinal 
_pdbx_audit_revision_group.data_content_type 
_pdbx_audit_revision_group.group 
1 8  'Structure model' 'Data collection'      
2 9  'EM metadata'     'Data processing'      
3 9  'EM metadata'     'Experimental summary' 
4 10 'Structure model' 'Data collection'      
5 10 'Structure model' 'Database references'  
# 
loop_
_pdbx_audit_revision_category.ordinal 
_pdbx_audit_revision_category.revision_ordinal 
_pdbx_audit_revision_category.data_content_type 
_pdbx_audit_revision_category.category 
1 8  'Structure model' em_admin        
2 8  'Structure model' em_software     
3 9  'EM metadata'     em_admin        
4 9  'EM metadata'     em_software     
5 10 'Structure model' citation        
6 10 'Structure model' citation_author 
7 10 'Structure model' em_admin        
# 
loop_
_pdbx_audit_revision_item.ordinal 
_pdbx_audit_revision_item.revision_ordinal 
_pdbx_audit_revision_item.data_content_type 
_pdbx_audit_revision_item.item 
1  8  'Structure model' '_em_admin.last_update'             
2  8  'Structure model' '_em_software.name'                 
3  9  'EM metadata'     '_em_admin.last_update'             
4  9  'EM metadata'     '_em_software.name'                 
5  10 'Structure model' '_citation.country'                 
6  10 'Structure model' '_citation.journal_abbrev'          
7  10 'Structure model' '_citation.journal_id_ASTM'         
8  10 'Structure model' '_citation.journal_id_CSD'          
9  10 'Structure model' '_citation.journal_id_ISSN'         
10 10 'Structure model' '_citation.journal_volume'          
11 10 'Structure model' '_citation.page_first'              
12 10 'Structure model' '_citation.page_last'               
13 10 'Structure model' '_citation.pdbx_database_id_DOI'    
14 10 'Structure model' '_citation.pdbx_database_id_PubMed' 
15 10 'Structure model' '_citation.title'                   
16 10 'Structure model' '_citation.year'                    
17 10 'Structure model' '_em_admin.last_update'             
# 
_pdbx_database_status.status_code                     REL 
_pdbx_database_status.status_code_sf                  ? 
_pdbx_database_status.status_code_mr                  ? 
_pdbx_database_status.entry_id                        9FN1 
_pdbx_database_status.recvd_initial_deposition_date   2024-06-07 
_pdbx_database_status.SG_entry                        N 
_pdbx_database_status.deposit_site                    PDBE 
_pdbx_database_status.process_site                    PDBE 
_pdbx_database_status.status_code_cs                  ? 
_pdbx_database_status.status_code_nmr_data            ? 
_pdbx_database_status.methods_development_category    FoldIt 
_pdbx_database_status.pdb_format_compatible           Y 
# 
_pdbx_database_related.db_name        EMDB 
_pdbx_database_related.details        '360 A Loki CHMP4-7 rods' 
_pdbx_database_related.db_id          EMD-50583 
_pdbx_database_related.content_type   'associated EM volume' 
# 
_pdbx_contact_author.id                 2 
_pdbx_contact_author.email              c.sachse@fz-juelich.de 
_pdbx_contact_author.name_first         Carsten 
_pdbx_contact_author.name_last          Sachse 
_pdbx_contact_author.name_mi            ? 
_pdbx_contact_author.role               'principal investigator/group leader' 
_pdbx_contact_author.identifier_ORCID   0000-0002-1168-5143 
# 
loop_
_audit_author.name 
_audit_author.pdbx_ordinal 
_audit_author.identifier_ORCID 
'Melnikov, N.'            1 ? 
'Junglas, B.'             2 ? 
'Halbi, G.'               3 ? 
'Nachmias, D.'            4 ? 
'Upcher, A.'              5 ? 
'Zalk, R.'                6 ? 
'Sachse, C.'              7 ? 
'Bernheim-Groswasser, A.' 8 ? 
'Elia, N.'                9 ? 
# 
_citation.abstract                  ? 
_citation.abstract_id_CAS           ? 
_citation.book_id_ISBN              ? 
_citation.book_publisher            ? 
_citation.book_publisher_city       ? 
_citation.book_title                ? 
_citation.coordinate_linkage        ? 
_citation.country                   UK 
_citation.database_id_Medline       ? 
_citation.details                   ? 
_citation.id                        primary 
_citation.journal_abbrev            'Embo J.' 
_citation.journal_id_ASTM           EMJODG 
_citation.journal_id_CSD            0897 
_citation.journal_id_ISSN           1460-2075 
_citation.journal_full              ? 
_citation.journal_issue             ? 
_citation.journal_volume            44 
_citation.language                  ? 
_citation.page_first                665 
_citation.page_last                 681 
_citation.title                     
'The Asgard archaeal ESCRT-III system forms helical filaments and remodels eukaryotic-like membranes.' 
_citation.year                      2025 
_citation.database_id_CSD           ? 
_citation.pdbx_database_id_DOI      10.1038/s44318-024-00346-4 
_citation.pdbx_database_id_PubMed   39753954 
_citation.pdbx_database_id_patent   ? 
_citation.unpublished_flag          ? 
# 
loop_
_citation_author.citation_id 
_citation_author.name 
_citation_author.ordinal 
_citation_author.identifier_ORCID 
primary 'Melnikov, N.'            1  0000-0002-8545-8963 
primary 'Junglas, B.'             2  0000-0001-9348-3379 
primary 'Halbi, G.'               3  ?                   
primary 'Nachmias, D.'            4  0000-0003-4154-7136 
primary 'Zerbib, E.'              5  0000-0003-2626-0532 
primary 'Gueta, N.'               6  0009-0004-0847-2667 
primary 'Upcher, A.'              7  0000-0002-0910-6552 
primary 'Zalk, R.'                8  0000-0003-4251-6497 
primary 'Sachse, C.'              9  0000-0002-1168-5143 
primary 'Bernheim-Groswasser, A.' 10 0000-0003-3999-6098 
primary 'Elia, N.'                11 0000-0002-2537-6173 
# 
_entity.id                         1 
_entity.type                       polymer 
_entity.src_method                 man 
_entity.pdbx_description           'Vps20/32/60-like protein (ESCRT-III)' 
_entity.formula_weight             24739.963 
_entity.pdbx_number_of_molecules   1 
_entity.pdbx_ec                    ? 
_entity.pdbx_mutation              ? 
_entity.pdbx_fragment              ? 
_entity.details                    ? 
# 
_entity_poly.entity_id                      1 
_entity_poly.type                           'polypeptide(L)' 
_entity_poly.nstd_linkage                   no 
_entity_poly.nstd_monomer                   no 
_entity_poly.pdbx_seq_one_letter_code       
;MGLKKKLFPRKKGKEKANLITNAKVHIHKLNLVNRNYTKRAEISRKNAKIALRRGEKTRAKNFLIQYKSYNAKIDRSNNI
RSKIERQIQAIEEGQLISQTGSIFEGIRDELKYIATEASPAKVAEIAEDSDVYVSEIEEAADILAGDPEIDLGIDVTDEL
NQLETELLLSQGGTMPDAPSDDLQYIPEYGDELEEEVESKTKEKVQAEIEKLRKELES
;
_entity_poly.pdbx_seq_one_letter_code_can   
;MGLKKKLFPRKKGKEKANLITNAKVHIHKLNLVNRNYTKRAEISRKNAKIALRRGEKTRAKNFLIQYKSYNAKIDRSNNI
RSKIERQIQAIEEGQLISQTGSIFEGIRDELKYIATEASPAKVAEIAEDSDVYVSEIEEAADILAGDPEIDLGIDVTDEL
NQLETELLLSQGGTMPDAPSDDLQYIPEYGDELEEEVESKTKEKVQAEIEKLRKELES
;
_entity_poly.pdbx_strand_id                 U 
_entity_poly.pdbx_target_identifier         ? 
# 
loop_
_entity_poly_seq.entity_id 
_entity_poly_seq.num 
_entity_poly_seq.mon_id 
_entity_poly_seq.hetero 
1 1   MET n 
1 2   GLY n 
1 3   LEU n 
1 4   LYS n 
1 5   LYS n 
1 6   LYS n 
1 7   LEU n 
1 8   PHE n 
1 9   PRO n 
1 10  ARG n 
1 11  LYS n 
1 12  LYS n 
1 13  GLY n 
1 14  LYS n 
1 15  GLU n 
1 16  LYS n 
1 17  ALA n 
1 18  ASN n 
1 19  LEU n 
1 20  ILE n 
1 21  THR n 
1 22  ASN n 
1 23  ALA n 
1 24  LYS n 
1 25  VAL n 
1 26  HIS n 
1 27  ILE n 
1 28  HIS n 
1 29  LYS n 
1 30  LEU n 
1 31  ASN n 
1 32  LEU n 
1 33  VAL n 
1 34  ASN n 
1 35  ARG n 
1 36  ASN n 
1 37  TYR n 
1 38  THR n 
1 39  LYS n 
1 40  ARG n 
1 41  ALA n 
1 42  GLU n 
1 43  ILE n 
1 44  SER n 
1 45  ARG n 
1 46  LYS n 
1 47  ASN n 
1 48  ALA n 
1 49  LYS n 
1 50  ILE n 
1 51  ALA n 
1 52  LEU n 
1 53  ARG n 
1 54  ARG n 
1 55  GLY n 
1 56  GLU n 
1 57  LYS n 
1 58  THR n 
1 59  ARG n 
1 60  ALA n 
1 61  LYS n 
1 62  ASN n 
1 63  PHE n 
1 64  LEU n 
1 65  ILE n 
1 66  GLN n 
1 67  TYR n 
1 68  LYS n 
1 69  SER n 
1 70  TYR n 
1 71  ASN n 
1 72  ALA n 
1 73  LYS n 
1 74  ILE n 
1 75  ASP n 
1 76  ARG n 
1 77  SER n 
1 78  ASN n 
1 79  ASN n 
1 80  ILE n 
1 81  ARG n 
1 82  SER n 
1 83  LYS n 
1 84  ILE n 
1 85  GLU n 
1 86  ARG n 
1 87  GLN n 
1 88  ILE n 
1 89  GLN n 
1 90  ALA n 
1 91  ILE n 
1 92  GLU n 
1 93  GLU n 
1 94  GLY n 
1 95  GLN n 
1 96  LEU n 
1 97  ILE n 
1 98  SER n 
1 99  GLN n 
1 100 THR n 
1 101 GLY n 
1 102 SER n 
1 103 ILE n 
1 104 PHE n 
1 105 GLU n 
1 106 GLY n 
1 107 ILE n 
1 108 ARG n 
1 109 ASP n 
1 110 GLU n 
1 111 LEU n 
1 112 LYS n 
1 113 TYR n 
1 114 ILE n 
1 115 ALA n 
1 116 THR n 
1 117 GLU n 
1 118 ALA n 
1 119 SER n 
1 120 PRO n 
1 121 ALA n 
1 122 LYS n 
1 123 VAL n 
1 124 ALA n 
1 125 GLU n 
1 126 ILE n 
1 127 ALA n 
1 128 GLU n 
1 129 ASP n 
1 130 SER n 
1 131 ASP n 
1 132 VAL n 
1 133 TYR n 
1 134 VAL n 
1 135 SER n 
1 136 GLU n 
1 137 ILE n 
1 138 GLU n 
1 139 GLU n 
1 140 ALA n 
1 141 ALA n 
1 142 ASP n 
1 143 ILE n 
1 144 LEU n 
1 145 ALA n 
1 146 GLY n 
1 147 ASP n 
1 148 PRO n 
1 149 GLU n 
1 150 ILE n 
1 151 ASP n 
1 152 LEU n 
1 153 GLY n 
1 154 ILE n 
1 155 ASP n 
1 156 VAL n 
1 157 THR n 
1 158 ASP n 
1 159 GLU n 
1 160 LEU n 
1 161 ASN n 
1 162 GLN n 
1 163 LEU n 
1 164 GLU n 
1 165 THR n 
1 166 GLU n 
1 167 LEU n 
1 168 LEU n 
1 169 LEU n 
1 170 SER n 
1 171 GLN n 
1 172 GLY n 
1 173 GLY n 
1 174 THR n 
1 175 MET n 
1 176 PRO n 
1 177 ASP n 
1 178 ALA n 
1 179 PRO n 
1 180 SER n 
1 181 ASP n 
1 182 ASP n 
1 183 LEU n 
1 184 GLN n 
1 185 TYR n 
1 186 ILE n 
1 187 PRO n 
1 188 GLU n 
1 189 TYR n 
1 190 GLY n 
1 191 ASP n 
1 192 GLU n 
1 193 LEU n 
1 194 GLU n 
1 195 GLU n 
1 196 GLU n 
1 197 VAL n 
1 198 GLU n 
1 199 SER n 
1 200 LYS n 
1 201 THR n 
1 202 LYS n 
1 203 GLU n 
1 204 LYS n 
1 205 VAL n 
1 206 GLN n 
1 207 ALA n 
1 208 GLU n 
1 209 ILE n 
1 210 GLU n 
1 211 LYS n 
1 212 LEU n 
1 213 ARG n 
1 214 LYS n 
1 215 GLU n 
1 216 LEU n 
1 217 GLU n 
1 218 SER n 
# 
_entity_src_gen.entity_id                          1 
_entity_src_gen.pdbx_src_id                        1 
_entity_src_gen.pdbx_alt_source_flag               sample 
_entity_src_gen.pdbx_seq_type                      'Biological sequence' 
_entity_src_gen.pdbx_beg_seq_num                   1 
_entity_src_gen.pdbx_end_seq_num                   218 
_entity_src_gen.gene_src_common_name               ? 
_entity_src_gen.gene_src_genus                     ? 
_entity_src_gen.pdbx_gene_src_gene                 Lokiarch_16760 
_entity_src_gen.gene_src_species                   ? 
_entity_src_gen.gene_src_strain                    'Loki GC14_75' 
_entity_src_gen.gene_src_tissue                    ? 
_entity_src_gen.gene_src_tissue_fraction           ? 
_entity_src_gen.gene_src_details                   ? 
_entity_src_gen.pdbx_gene_src_fragment             ? 
_entity_src_gen.pdbx_gene_src_scientific_name      'Candidatus Lokiarchaeia archaeon' 
_entity_src_gen.pdbx_gene_src_ncbi_taxonomy_id     3067280 
_entity_src_gen.pdbx_gene_src_variant              ? 
_entity_src_gen.pdbx_gene_src_cell_line            ? 
_entity_src_gen.pdbx_gene_src_atcc                 ? 
_entity_src_gen.pdbx_gene_src_organ                ? 
_entity_src_gen.pdbx_gene_src_organelle            ? 
_entity_src_gen.pdbx_gene_src_cell                 ? 
_entity_src_gen.pdbx_gene_src_cellular_location    ? 
_entity_src_gen.host_org_common_name               ? 
_entity_src_gen.pdbx_host_org_scientific_name      'Escherichia coli BL21' 
_entity_src_gen.pdbx_host_org_ncbi_taxonomy_id     511693 
_entity_src_gen.host_org_genus                     ? 
_entity_src_gen.pdbx_host_org_gene                 ? 
_entity_src_gen.pdbx_host_org_organ                ? 
_entity_src_gen.host_org_species                   ? 
_entity_src_gen.pdbx_host_org_tissue               ? 
_entity_src_gen.pdbx_host_org_tissue_fraction      ? 
_entity_src_gen.pdbx_host_org_strain               ? 
_entity_src_gen.pdbx_host_org_variant              ? 
_entity_src_gen.pdbx_host_org_cell_line            ? 
_entity_src_gen.pdbx_host_org_atcc                 ? 
_entity_src_gen.pdbx_host_org_culture_collection   ? 
_entity_src_gen.pdbx_host_org_cell                 ? 
_entity_src_gen.pdbx_host_org_organelle            ? 
_entity_src_gen.pdbx_host_org_cellular_location    ? 
_entity_src_gen.pdbx_host_org_vector_type          ? 
_entity_src_gen.pdbx_host_org_vector               ? 
_entity_src_gen.host_org_details                   ? 
_entity_src_gen.expression_system_id               ? 
_entity_src_gen.plasmid_name                       ? 
_entity_src_gen.plasmid_details                    ? 
_entity_src_gen.pdbx_description                   ? 
# 
loop_
_chem_comp.id 
_chem_comp.type 
_chem_comp.mon_nstd_flag 
_chem_comp.name 
_chem_comp.pdbx_synonyms 
_chem_comp.formula 
_chem_comp.formula_weight 
ALA 'L-peptide linking' y ALANINE         ? 'C3 H7 N O2'     89.093  
ARG 'L-peptide linking' y ARGININE        ? 'C6 H15 N4 O2 1' 175.209 
ASN 'L-peptide linking' y ASPARAGINE      ? 'C4 H8 N2 O3'    132.118 
ASP 'L-peptide linking' y 'ASPARTIC ACID' ? 'C4 H7 N O4'     133.103 
GLN 'L-peptide linking' y GLUTAMINE       ? 'C5 H10 N2 O3'   146.144 
GLU 'L-peptide linking' y 'GLUTAMIC ACID' ? 'C5 H9 N O4'     147.129 
GLY 'peptide linking'   y GLYCINE         ? 'C2 H5 N O2'     75.067  
HIS 'L-peptide linking' y HISTIDINE       ? 'C6 H10 N3 O2 1' 156.162 
ILE 'L-peptide linking' y ISOLEUCINE      ? 'C6 H13 N O2'    131.173 
LEU 'L-peptide linking' y LEUCINE         ? 'C6 H13 N O2'    131.173 
LYS 'L-peptide linking' y LYSINE          ? 'C6 H15 N2 O2 1' 147.195 
MET 'L-peptide linking' y METHIONINE      ? 'C5 H11 N O2 S'  149.211 
PHE 'L-peptide linking' y PHENYLALANINE   ? 'C9 H11 N O2'    165.189 
PRO 'L-peptide linking' y PROLINE         ? 'C5 H9 N O2'     115.130 
SER 'L-peptide linking' y SERINE          ? 'C3 H7 N O3'     105.093 
THR 'L-peptide linking' y THREONINE       ? 'C4 H9 N O3'     119.119 
TYR 'L-peptide linking' y TYROSINE        ? 'C9 H11 N O3'    181.189 
VAL 'L-peptide linking' y VALINE          ? 'C5 H11 N O2'    117.146 
# 
loop_
_pdbx_poly_seq_scheme.asym_id 
_pdbx_poly_seq_scheme.entity_id 
_pdbx_poly_seq_scheme.seq_id 
_pdbx_poly_seq_scheme.mon_id 
_pdbx_poly_seq_scheme.ndb_seq_num 
_pdbx_poly_seq_scheme.pdb_seq_num 
_pdbx_poly_seq_scheme.auth_seq_num 
_pdbx_poly_seq_scheme.pdb_mon_id 
_pdbx_poly_seq_scheme.auth_mon_id 
_pdbx_poly_seq_scheme.pdb_strand_id 
_pdbx_poly_seq_scheme.pdb_ins_code 
_pdbx_poly_seq_scheme.hetero 
A 1 1   MET 1   1   ?   ?   ?   U . n 
A 1 2   GLY 2   2   ?   ?   ?   U . n 
A 1 3   LEU 3   3   ?   ?   ?   U . n 
A 1 4   LYS 4   4   ?   ?   ?   U . n 
A 1 5   LYS 5   5   ?   ?   ?   U . n 
A 1 6   LYS 6   6   ?   ?   ?   U . n 
A 1 7   LEU 7   7   ?   ?   ?   U . n 
A 1 8   PHE 8   8   ?   ?   ?   U . n 
A 1 9   PRO 9   9   ?   ?   ?   U . n 
A 1 10  ARG 10  10  ?   ?   ?   U . n 
A 1 11  LYS 11  11  ?   ?   ?   U . n 
A 1 12  LYS 12  12  ?   ?   ?   U . n 
A 1 13  GLY 13  13  ?   ?   ?   U . n 
A 1 14  LYS 14  14  ?   ?   ?   U . n 
A 1 15  GLU 15  15  15  GLU GLU U . n 
A 1 16  LYS 16  16  16  LYS LYS U . n 
A 1 17  ALA 17  17  17  ALA ALA U . n 
A 1 18  ASN 18  18  18  ASN ASN U . n 
A 1 19  LEU 19  19  19  LEU LEU U . n 
A 1 20  ILE 20  20  20  ILE ILE U . n 
A 1 21  THR 21  21  21  THR THR U . n 
A 1 22  ASN 22  22  22  ASN ASN U . n 
A 1 23  ALA 23  23  23  ALA ALA U . n 
A 1 24  LYS 24  24  24  LYS LYS U . n 
A 1 25  VAL 25  25  25  VAL VAL U . n 
A 1 26  HIS 26  26  26  HIS HIS U . n 
A 1 27  ILE 27  27  27  ILE ILE U . n 
A 1 28  HIS 28  28  28  HIS HIS U . n 
A 1 29  LYS 29  29  29  LYS LYS U . n 
A 1 30  LEU 30  30  30  LEU LEU U . n 
A 1 31  ASN 31  31  31  ASN ASN U . n 
A 1 32  LEU 32  32  32  LEU LEU U . n 
A 1 33  VAL 33  33  33  VAL VAL U . n 
A 1 34  ASN 34  34  34  ASN ASN U . n 
A 1 35  ARG 35  35  35  ARG ARG U . n 
A 1 36  ASN 36  36  36  ASN ASN U . n 
A 1 37  TYR 37  37  37  TYR TYR U . n 
A 1 38  THR 38  38  38  THR THR U . n 
A 1 39  LYS 39  39  39  LYS LYS U . n 
A 1 40  ARG 40  40  40  ARG ARG U . n 
A 1 41  ALA 41  41  41  ALA ALA U . n 
A 1 42  GLU 42  42  42  GLU GLU U . n 
A 1 43  ILE 43  43  43  ILE ILE U . n 
A 1 44  SER 44  44  44  SER SER U . n 
A 1 45  ARG 45  45  45  ARG ARG U . n 
A 1 46  LYS 46  46  46  LYS LYS U . n 
A 1 47  ASN 47  47  47  ASN ASN U . n 
A 1 48  ALA 48  48  48  ALA ALA U . n 
A 1 49  LYS 49  49  49  LYS LYS U . n 
A 1 50  ILE 50  50  50  ILE ILE U . n 
A 1 51  ALA 51  51  51  ALA ALA U . n 
A 1 52  LEU 52  52  52  LEU LEU U . n 
A 1 53  ARG 53  53  53  ARG ARG U . n 
A 1 54  ARG 54  54  54  ARG ARG U . n 
A 1 55  GLY 55  55  55  GLY GLY U . n 
A 1 56  GLU 56  56  56  GLU GLU U . n 
A 1 57  LYS 57  57  57  LYS LYS U . n 
A 1 58  THR 58  58  58  THR THR U . n 
A 1 59  ARG 59  59  59  ARG ARG U . n 
A 1 60  ALA 60  60  60  ALA ALA U . n 
A 1 61  LYS 61  61  61  LYS LYS U . n 
A 1 62  ASN 62  62  62  ASN ASN U . n 
A 1 63  PHE 63  63  63  PHE PHE U . n 
A 1 64  LEU 64  64  64  LEU LEU U . n 
A 1 65  ILE 65  65  65  ILE ILE U . n 
A 1 66  GLN 66  66  66  GLN GLN U . n 
A 1 67  TYR 67  67  67  TYR TYR U . n 
A 1 68  LYS 68  68  68  LYS LYS U . n 
A 1 69  SER 69  69  69  SER SER U . n 
A 1 70  TYR 70  70  70  TYR TYR U . n 
A 1 71  ASN 71  71  71  ASN ASN U . n 
A 1 72  ALA 72  72  72  ALA ALA U . n 
A 1 73  LYS 73  73  73  LYS LYS U . n 
A 1 74  ILE 74  74  74  ILE ILE U . n 
A 1 75  ASP 75  75  75  ASP ASP U . n 
A 1 76  ARG 76  76  76  ARG ARG U . n 
A 1 77  SER 77  77  77  SER SER U . n 
A 1 78  ASN 78  78  78  ASN ASN U . n 
A 1 79  ASN 79  79  79  ASN ASN U . n 
A 1 80  ILE 80  80  80  ILE ILE U . n 
A 1 81  ARG 81  81  81  ARG ARG U . n 
A 1 82  SER 82  82  82  SER SER U . n 
A 1 83  LYS 83  83  83  LYS LYS U . n 
A 1 84  ILE 84  84  84  ILE ILE U . n 
A 1 85  GLU 85  85  85  GLU GLU U . n 
A 1 86  ARG 86  86  86  ARG ARG U . n 
A 1 87  GLN 87  87  87  GLN GLN U . n 
A 1 88  ILE 88  88  88  ILE ILE U . n 
A 1 89  GLN 89  89  89  GLN GLN U . n 
A 1 90  ALA 90  90  90  ALA ALA U . n 
A 1 91  ILE 91  91  91  ILE ILE U . n 
A 1 92  GLU 92  92  92  GLU GLU U . n 
A 1 93  GLU 93  93  93  GLU GLU U . n 
A 1 94  GLY 94  94  94  GLY GLY U . n 
A 1 95  GLN 95  95  95  GLN GLN U . n 
A 1 96  LEU 96  96  96  LEU LEU U . n 
A 1 97  ILE 97  97  97  ILE ILE U . n 
A 1 98  SER 98  98  98  SER SER U . n 
A 1 99  GLN 99  99  99  GLN GLN U . n 
A 1 100 THR 100 100 100 THR THR U . n 
A 1 101 GLY 101 101 101 GLY GLY U . n 
A 1 102 SER 102 102 102 SER SER U . n 
A 1 103 ILE 103 103 103 ILE ILE U . n 
A 1 104 PHE 104 104 104 PHE PHE U . n 
A 1 105 GLU 105 105 105 GLU GLU U . n 
A 1 106 GLY 106 106 106 GLY GLY U . n 
A 1 107 ILE 107 107 107 ILE ILE U . n 
A 1 108 ARG 108 108 108 ARG ARG U . n 
A 1 109 ASP 109 109 109 ASP ASP U . n 
A 1 110 GLU 110 110 110 GLU GLU U . n 
A 1 111 LEU 111 111 111 LEU LEU U . n 
A 1 112 LYS 112 112 112 LYS LYS U . n 
A 1 113 TYR 113 113 113 TYR TYR U . n 
A 1 114 ILE 114 114 114 ILE ILE U . n 
A 1 115 ALA 115 115 115 ALA ALA U . n 
A 1 116 THR 116 116 116 THR THR U . n 
A 1 117 GLU 117 117 117 GLU GLU U . n 
A 1 118 ALA 118 118 118 ALA ALA U . n 
A 1 119 SER 119 119 119 SER SER U . n 
A 1 120 PRO 120 120 120 PRO PRO U . n 
A 1 121 ALA 121 121 121 ALA ALA U . n 
A 1 122 LYS 122 122 122 LYS LYS U . n 
A 1 123 VAL 123 123 123 VAL VAL U . n 
A 1 124 ALA 124 124 124 ALA ALA U . n 
A 1 125 GLU 125 125 125 GLU GLU U . n 
A 1 126 ILE 126 126 126 ILE ILE U . n 
A 1 127 ALA 127 127 127 ALA ALA U . n 
A 1 128 GLU 128 128 128 GLU GLU U . n 
A 1 129 ASP 129 129 129 ASP ASP U . n 
A 1 130 SER 130 130 130 SER SER U . n 
A 1 131 ASP 131 131 131 ASP ASP U . n 
A 1 132 VAL 132 132 132 VAL VAL U . n 
A 1 133 TYR 133 133 133 TYR TYR U . n 
A 1 134 VAL 134 134 134 VAL VAL U . n 
A 1 135 SER 135 135 135 SER SER U . n 
A 1 136 GLU 136 136 136 GLU GLU U . n 
A 1 137 ILE 137 137 137 ILE ILE U . n 
A 1 138 GLU 138 138 138 GLU GLU U . n 
A 1 139 GLU 139 139 139 GLU GLU U . n 
A 1 140 ALA 140 140 140 ALA ALA U . n 
A 1 141 ALA 141 141 141 ALA ALA U . n 
A 1 142 ASP 142 142 142 ASP ASP U . n 
A 1 143 ILE 143 143 143 ILE ILE U . n 
A 1 144 LEU 144 144 144 LEU LEU U . n 
A 1 145 ALA 145 145 145 ALA ALA U . n 
A 1 146 GLY 146 146 146 GLY GLY U . n 
A 1 147 ASP 147 147 147 ASP ASP U . n 
A 1 148 PRO 148 148 148 PRO PRO U . n 
A 1 149 GLU 149 149 149 GLU GLU U . n 
A 1 150 ILE 150 150 150 ILE ILE U . n 
A 1 151 ASP 151 151 151 ASP ASP U . n 
A 1 152 LEU 152 152 152 LEU LEU U . n 
A 1 153 GLY 153 153 153 GLY GLY U . n 
A 1 154 ILE 154 154 154 ILE ILE U . n 
A 1 155 ASP 155 155 155 ASP ASP U . n 
A 1 156 VAL 156 156 156 VAL VAL U . n 
A 1 157 THR 157 157 157 THR THR U . n 
A 1 158 ASP 158 158 158 ASP ASP U . n 
A 1 159 GLU 159 159 159 GLU GLU U . n 
A 1 160 LEU 160 160 160 LEU LEU U . n 
A 1 161 ASN 161 161 161 ASN ASN U . n 
A 1 162 GLN 162 162 162 GLN GLN U . n 
A 1 163 LEU 163 163 163 LEU LEU U . n 
A 1 164 GLU 164 164 164 GLU GLU U . n 
A 1 165 THR 165 165 165 THR THR U . n 
A 1 166 GLU 166 166 166 GLU GLU U . n 
A 1 167 LEU 167 167 167 LEU LEU U . n 
A 1 168 LEU 168 168 168 LEU LEU U . n 
A 1 169 LEU 169 169 169 LEU LEU U . n 
A 1 170 SER 170 170 170 SER SER U . n 
A 1 171 GLN 171 171 171 GLN GLN U . n 
A 1 172 GLY 172 172 172 GLY GLY U . n 
A 1 173 GLY 173 173 ?   ?   ?   U . n 
A 1 174 THR 174 174 ?   ?   ?   U . n 
A 1 175 MET 175 175 ?   ?   ?   U . n 
A 1 176 PRO 176 176 ?   ?   ?   U . n 
A 1 177 ASP 177 177 ?   ?   ?   U . n 
A 1 178 ALA 178 178 ?   ?   ?   U . n 
A 1 179 PRO 179 179 ?   ?   ?   U . n 
A 1 180 SER 180 180 ?   ?   ?   U . n 
A 1 181 ASP 181 181 ?   ?   ?   U . n 
A 1 182 ASP 182 182 ?   ?   ?   U . n 
A 1 183 LEU 183 183 ?   ?   ?   U . n 
A 1 184 GLN 184 184 ?   ?   ?   U . n 
A 1 185 TYR 185 185 ?   ?   ?   U . n 
A 1 186 ILE 186 186 ?   ?   ?   U . n 
A 1 187 PRO 187 187 ?   ?   ?   U . n 
A 1 188 GLU 188 188 ?   ?   ?   U . n 
A 1 189 TYR 189 189 ?   ?   ?   U . n 
A 1 190 GLY 190 190 ?   ?   ?   U . n 
A 1 191 ASP 191 191 ?   ?   ?   U . n 
A 1 192 GLU 192 192 ?   ?   ?   U . n 
A 1 193 LEU 193 193 ?   ?   ?   U . n 
A 1 194 GLU 194 194 ?   ?   ?   U . n 
A 1 195 GLU 195 195 ?   ?   ?   U . n 
A 1 196 GLU 196 196 ?   ?   ?   U . n 
A 1 197 VAL 197 197 ?   ?   ?   U . n 
A 1 198 GLU 198 198 ?   ?   ?   U . n 
A 1 199 SER 199 199 ?   ?   ?   U . n 
A 1 200 LYS 200 200 ?   ?   ?   U . n 
A 1 201 THR 201 201 ?   ?   ?   U . n 
A 1 202 LYS 202 202 ?   ?   ?   U . n 
A 1 203 GLU 203 203 ?   ?   ?   U . n 
A 1 204 LYS 204 204 ?   ?   ?   U . n 
A 1 205 VAL 205 205 ?   ?   ?   U . n 
A 1 206 GLN 206 206 ?   ?   ?   U . n 
A 1 207 ALA 207 207 ?   ?   ?   U . n 
A 1 208 GLU 208 208 ?   ?   ?   U . n 
A 1 209 ILE 209 209 ?   ?   ?   U . n 
A 1 210 GLU 210 210 ?   ?   ?   U . n 
A 1 211 LYS 211 211 ?   ?   ?   U . n 
A 1 212 LEU 212 212 ?   ?   ?   U . n 
A 1 213 ARG 213 213 ?   ?   ?   U . n 
A 1 214 LYS 214 214 ?   ?   ?   U . n 
A 1 215 GLU 215 215 ?   ?   ?   U . n 
A 1 216 LEU 216 216 ?   ?   ?   U . n 
A 1 217 GLU 217 217 ?   ?   ?   U . n 
A 1 218 SER 218 218 ?   ?   ?   U . n 
# 
_cell.angle_alpha                  90.00 
_cell.angle_alpha_esd              ? 
_cell.angle_beta                   90.00 
_cell.angle_beta_esd               ? 
_cell.angle_gamma                  90.00 
_cell.angle_gamma_esd              ? 
_cell.entry_id                     9FN1 
_cell.details                      ? 
_cell.formula_units_Z              ? 
_cell.length_a                     1.00 
_cell.length_a_esd                 ? 
_cell.length_b                     1.00 
_cell.length_b_esd                 ? 
_cell.length_c                     1.00 
_cell.length_c_esd                 ? 
_cell.volume                       ? 
_cell.volume_esd                   ? 
_cell.Z_PDB                        ? 
_cell.reciprocal_angle_alpha       ? 
_cell.reciprocal_angle_beta        ? 
_cell.reciprocal_angle_gamma       ? 
_cell.reciprocal_angle_alpha_esd   ? 
_cell.reciprocal_angle_beta_esd    ? 
_cell.reciprocal_angle_gamma_esd   ? 
_cell.reciprocal_length_a          ? 
_cell.reciprocal_length_b          ? 
_cell.reciprocal_length_c          ? 
_cell.reciprocal_length_a_esd      ? 
_cell.reciprocal_length_b_esd      ? 
_cell.reciprocal_length_c_esd      ? 
_cell.pdbx_unique_axis             ? 
_cell.pdbx_esd_method              ? 
# 
_symmetry.entry_id                         9FN1 
_symmetry.cell_setting                     ? 
_symmetry.Int_Tables_number                1 
_symmetry.space_group_name_Hall            ? 
_symmetry.space_group_name_H-M             'P 1' 
_symmetry.pdbx_full_space_group_name_H-M   ? 
# 
_exptl.absorpt_coefficient_mu     ? 
_exptl.absorpt_correction_T_max   ? 
_exptl.absorpt_correction_T_min   ? 
_exptl.absorpt_correction_type    ? 
_exptl.absorpt_process_details    ? 
_exptl.entry_id                   9FN1 
_exptl.crystals_number            ? 
_exptl.details                    ? 
_exptl.method                     'ELECTRON MICROSCOPY' 
_exptl.method_details             ? 
# 
_refine.pdbx_refine_id                           'ELECTRON MICROSCOPY' 
_refine.entry_id                                 9FN1 
_refine.pdbx_diffrn_id                           ? 
_refine.pdbx_TLS_residual_ADP_flag               ? 
_refine.ls_number_reflns_obs                     ? 
_refine.ls_number_reflns_all                     ? 
_refine.pdbx_ls_sigma_I                          ? 
_refine.pdbx_ls_sigma_F                          ? 
_refine.pdbx_data_cutoff_high_absF               ? 
_refine.pdbx_data_cutoff_low_absF                ? 
_refine.pdbx_data_cutoff_high_rms_absF           ? 
_refine.ls_d_res_low                             ? 
_refine.ls_d_res_high                            . 
_refine.ls_percent_reflns_obs                    ? 
_refine.ls_R_factor_obs                          ? 
_refine.ls_R_factor_all                          ? 
_refine.ls_R_factor_R_work                       ? 
_refine.ls_R_factor_R_free                       ? 
_refine.ls_R_factor_R_free_error                 ? 
_refine.ls_R_factor_R_free_error_details         ? 
_refine.ls_percent_reflns_R_free                 ? 
_refine.ls_number_reflns_R_free                  ? 
_refine.ls_number_parameters                     ? 
_refine.ls_number_restraints                     ? 
_refine.occupancy_min                            ? 
_refine.occupancy_max                            ? 
_refine.correlation_coeff_Fo_to_Fc               ? 
_refine.correlation_coeff_Fo_to_Fc_free          ? 
_refine.B_iso_mean                               ? 
_refine.aniso_B[1][1]                            ? 
_refine.aniso_B[2][2]                            ? 
_refine.aniso_B[3][3]                            ? 
_refine.aniso_B[1][2]                            ? 
_refine.aniso_B[1][3]                            ? 
_refine.aniso_B[2][3]                            ? 
_refine.solvent_model_details                    ? 
_refine.solvent_model_param_ksol                 ? 
_refine.solvent_model_param_bsol                 ? 
_refine.pdbx_solvent_vdw_probe_radii             ? 
_refine.pdbx_solvent_ion_probe_radii             ? 
_refine.pdbx_solvent_shrinkage_radii             ? 
_refine.pdbx_ls_cross_valid_method               ? 
_refine.details                                  ? 
_refine.pdbx_starting_model                      ? 
_refine.pdbx_method_to_determine_struct          ? 
_refine.pdbx_isotropic_thermal_model             ? 
_refine.pdbx_stereochemistry_target_values       ? 
_refine.pdbx_stereochem_target_val_spec_case     ? 
_refine.pdbx_R_Free_selection_details            ? 
_refine.pdbx_overall_ESU_R                       ? 
_refine.pdbx_overall_ESU_R_Free                  ? 
_refine.overall_SU_ML                            ? 
_refine.pdbx_overall_phase_error                 ? 
_refine.overall_SU_B                             ? 
_refine.overall_SU_R_Cruickshank_DPI             ? 
_refine.pdbx_overall_SU_R_free_Cruickshank_DPI   ? 
_refine.pdbx_overall_SU_R_Blow_DPI               ? 
_refine.pdbx_overall_SU_R_free_Blow_DPI          ? 
# 
loop_
_refine_ls_restr.pdbx_refine_id 
_refine_ls_restr.criterion 
_refine_ls_restr.dev_ideal 
_refine_ls_restr.dev_ideal_target 
_refine_ls_restr.number 
_refine_ls_restr.rejects 
_refine_ls_restr.type 
_refine_ls_restr.weight 
_refine_ls_restr.pdbx_restraint_function 
'ELECTRON MICROSCOPY' ? 0.007  ? 75660  ? f_bond_d           ? ? 
'ELECTRON MICROSCOPY' ? 0.908  ? 101760 ? f_angle_d          ? ? 
'ELECTRON MICROSCOPY' ? 15.178 ? 29520  ? f_dihedral_angle_d ? ? 
'ELECTRON MICROSCOPY' ? 0.054  ? 11820  ? f_chiral_restr     ? ? 
'ELECTRON MICROSCOPY' ? 0.029  ? 13380  ? f_plane_restr      ? ? 
# 
_struct.entry_id                     9FN1 
_struct.title                        '360 A Loki CHMP4-7 rods' 
_struct.pdbx_model_details           ? 
_struct.pdbx_formula_weight          ? 
_struct.pdbx_formula_weight_method   ? 
_struct.pdbx_model_type_details      ? 
_struct.pdbx_CASP_flag               N 
# 
_struct_keywords.entry_id        9FN1 
_struct_keywords.text            'ESCRT-III, membrane remodling, tubulation, archaea, Loki, LIPID BINDING PROTEIN' 
_struct_keywords.pdbx_keywords   'LIPID BINDING PROTEIN' 
# 
_struct_asym.id                            A 
_struct_asym.pdbx_blank_PDB_chainid_flag   N 
_struct_asym.pdbx_modified                 N 
_struct_asym.entity_id                     1 
_struct_asym.details                       ? 
# 
_struct_ref.id                         1 
_struct_ref.db_name                    UNP 
_struct_ref.db_code                    A0A0F8W953_LOKSG 
_struct_ref.pdbx_db_accession          A0A0F8W953 
_struct_ref.pdbx_db_isoform            ? 
_struct_ref.entity_id                  1 
_struct_ref.pdbx_seq_one_letter_code   
;MGLKKKLFPRKKGKEKANLITNAKVHIHKLNLVNRNYTKRAEISRKNAKIALRRGEKTRAKNFLIQYKSYNAKIDRSNNI
RSKIERQIQAIEEGQLISQTGSIFEGIRDELKYIATEASPAKVAEIAEDSDVYVSEIEEAADILAGDPEIDLGIDVTDEL
NQLETELLLSQGGTMPDAPSDDLQYIPEYGDELEEEVESKTKEKVQAEIEKLRKELES
;
_struct_ref.pdbx_align_begin           1 
# 
_struct_ref_seq.align_id                      1 
_struct_ref_seq.ref_id                        1 
_struct_ref_seq.pdbx_PDB_id_code              9FN1 
_struct_ref_seq.pdbx_strand_id                U 
_struct_ref_seq.seq_align_beg                 1 
_struct_ref_seq.pdbx_seq_align_beg_ins_code   ? 
_struct_ref_seq.seq_align_end                 218 
_struct_ref_seq.pdbx_seq_align_end_ins_code   ? 
_struct_ref_seq.pdbx_db_accession             A0A0F8W953 
_struct_ref_seq.db_align_beg                  1 
_struct_ref_seq.pdbx_db_align_beg_ins_code    ? 
_struct_ref_seq.db_align_end                  218 
_struct_ref_seq.pdbx_db_align_end_ins_code    ? 
_struct_ref_seq.pdbx_auth_seq_align_beg       1 
_struct_ref_seq.pdbx_auth_seq_align_end       218 
# 
_pdbx_struct_assembly.id                   1 
_pdbx_struct_assembly.details              author_and_software_defined_assembly 
_pdbx_struct_assembly.method_details       ? 
_pdbx_struct_assembly.oligomeric_details   60-meric 
_pdbx_struct_assembly.oligomeric_count     60 
# 
_pdbx_struct_assembly_gen.assembly_id       1 
_pdbx_struct_assembly_gen.oper_expression   
;1,2,3,4,5,6,7,8,9,10,11,12,13,14,15,16,17,18,19,20,21,22,23,24,25,26,27,28,29,30,31,32,33,34,35,36,37,38,39,40,41,42,43,44,45,46,47,48,49,50,51,52,53,54,55,56,57,58,59,60
;
_pdbx_struct_assembly_gen.asym_id_list      A 
# 
_pdbx_struct_assembly_auth_evidence.id                     1 
_pdbx_struct_assembly_auth_evidence.assembly_id            1 
_pdbx_struct_assembly_auth_evidence.experimental_support   'electron microscopy' 
_pdbx_struct_assembly_auth_evidence.details                'not applicable' 
# 
loop_
_pdbx_struct_oper_list.id 
_pdbx_struct_oper_list.type 
_pdbx_struct_oper_list.name 
_pdbx_struct_oper_list.symmetry_operation 
_pdbx_struct_oper_list.matrix[1][1] 
_pdbx_struct_oper_list.matrix[1][2] 
_pdbx_struct_oper_list.matrix[1][3] 
_pdbx_struct_oper_list.vector[1] 
_pdbx_struct_oper_list.matrix[2][1] 
_pdbx_struct_oper_list.matrix[2][2] 
_pdbx_struct_oper_list.matrix[2][3] 
_pdbx_struct_oper_list.vector[2] 
_pdbx_struct_oper_list.matrix[3][1] 
_pdbx_struct_oper_list.matrix[3][2] 
_pdbx_struct_oper_list.matrix[3][3] 
_pdbx_struct_oper_list.vector[3] 
1  'identity operation'       1_555 x,y,z 1.000000    0.000000    0.000000    0.00000    0.000000    1.000000    0.000000    0.00000    0.000000    0.000000    1.000000   0.00000   
2  'point symmetry operation' ?     ?     -0.43732901 -0.88950101 -0.13240868 -252.28824 0.56984579  -0.38799800 0.72438493  -57.74875  -0.69571494 0.24134204  0.67656100 -50.83761 
3  'point symmetry operation' ?     ?     0.68859867  0.63577690  -0.34874056 19.53905   -0.70529291 0.69896628  -0.11835976 -107.23246 0.16850783  0.32746677  0.92971605 57.13386  
4  'point symmetry operation' ?     ?     -0.58434417 -0.78009903 -0.22357737 -259.00729 0.42862511  -0.53064053 0.73123327  -87.95636  -0.68907384 0.33146116  0.64444671 -43.59227 
5  'point symmetry operation' ?     ?     0.82012768  0.51124459  -0.25694265 24.07477   -0.55120050 0.82640342  -0.11504634 -78.14436  0.15352177  0.23597985  0.95955490 45.28961  
6  'point symmetry operation' ?     ?     -0.69948501 -0.64086309 -0.31625145 -259.12240 0.26330881  -0.64251000 0.71961740  -118.24523 -0.66437173 0.42008989  0.61817101 -34.42142 
7  'point symmetry operation' ?     ?     0.91836978  0.35943117  -0.16554611 22.20821   -0.37722335 0.92156460  -0.09176342 -49.59446  0.11957880  0.14672078  0.98192362 31.54071  
8  'point symmetry operation' ?     ?     -0.77996214 -0.47677860 -0.40538928 -252.81046 0.08174233  -0.71982923 0.68932106  -147.29484 -0.62046479 0.50450672  0.60041338 -23.40732 
9  'point symmetry operation' ?     ?     0.97943153  0.18613956  -0.07788464 14.12186   -0.19073774 0.98001876  -0.05641280 -23.48886  0.06582765  0.07010732  0.99536471 15.91632  
10 'point symmetry operation' ?     ?     -0.82040141 -0.29666699 -0.48880366 -240.35911 -0.10800959 -0.75907332 0.64198245  -173.81651 -0.56149359 0.57947852  0.59070273 -11.57216 
11 'point symmetry operation' ?     ?     -0.81996506 -0.10829556 -0.56207562 -222.26995 -0.29783056 -0.75784110 0.58049417  -196.64317 -0.48882885 0.64338884  0.58915016 0.64200   
12 'point symmetry operation' ?     ?     0.97929357  -0.19144338 0.06583114  -19.39076  0.18696677  0.97997010  0.06856363  19.22076   -0.07763850 -0.05483567 0.99547233 -16.04554 
13 'point symmetry operation' ?     ?     -0.77821874 0.07997723  -0.62288018 -199.42930 -0.47845505 -0.71795433 0.50559062  -214.83736 -0.40676291 0.69148007  0.59699107 12.56251  
14 'point symmetry operation' ?     ?     0.91863879  -0.37723929 0.11744889  -43.01358  0.35930271  0.92128361  0.14878900  33.26241   -0.16433333 -0.09448338 0.98186960 -31.62485 
15 'point symmetry operation' ?     ?     -0.69845098 0.26245214  -0.66579704 -172.78990 -0.64201161 -0.64084178 0.42088423  -227.59591 -0.31620800 0.72141630  0.61609376 24.17637  
16 'point symmetry operation' ?     ?     0.81950959  -0.55140665 0.15605834  -69.60090  0.51155974  0.82664293  0.23445416  41.43618   -0.25828460 -0.11230403 0.95951948 -46.54897 
17 'point symmetry operation' ?     ?     -0.58272423 0.42801317  -0.69082333 -143.50312 -0.78117770 -0.52936286 0.33096292  -234.37617 -0.22403953 0.73251645  0.64282709 34.22728  
18 'point symmetry operation' ?     ?     0.68784239  -0.70604483 0.16844765  -98.76556  0.63688325  0.69837709  0.32657091  43.89551   -0.34821333 -0.11734796 0.93004151 -59.01249 
19 'point symmetry operation' ?     ?     -0.43829501 0.57173382  -0.69355352 -112.84161 -0.88909483 -0.38903855 0.24116253  -234.66952 -0.13193765 0.72233585  0.67883955 42.79426  
20 'point symmetry operation' ?     ?     0.52847681  -0.83285453 0.16451603  -128.38788 0.72833870  0.54436351  0.41616239  39.81401   -0.43615934 -0.10010856 0.89428368 -69.61106 
21 'point symmetry operation' ?     ?     -0.26740345 0.68042980  -0.68228275 -82.23608  -0.96232106 -0.22482123 0.15294649  -229.01079 -0.04932270 0.69747455  0.71491067 47.89295  
22 'point symmetry operation' ?     ?     0.34958554  -0.92638714 0.13998715  -157.38047 0.78232956  0.37084442  0.50043533  29.55987   -0.51551044 -0.06542990 0.85438204 -77.45325 
23 'point symmetry operation' ?     ?     -0.08246091 0.75762924  -0.64745538 -52.93492  -0.99623533 -0.04522828 0.07395713  -217.04093 0.02674919  0.65111641  0.75850619 51.08035  
24 'point symmetry operation' ?     ?     0.15973177  -0.98230558 0.09778344  -184.21265 0.79609806  0.18675379  0.57563121  13.47337   -0.58370684 -0.01410169 0.81184244 -82.44845 
25 'point symmetry operation' ?     ?     0.11207296  0.79244223  -0.59956217 -26.33782  -0.98984175 0.14214606  0.00284914  -200.02414 0.08748279  0.59315269  0.80032298 50.60030  
26 'point symmetry operation' ?     ?     -0.03405409 -0.99852675 0.04224438  -207.53464 0.76894575  0.00082314  0.63931351  -7.64922   -0.63840595 0.05425516  0.76778495 -84.69595 
27 'point symmetry operation' ?     ?     0.30449826  0.78863144  -0.53417322 -3.53378   -0.94320864 0.32783924  -0.05365473 -178.27277 0.13280876  0.52017464  0.84367050 47.34448  
28 'point symmetry operation' ?     ?     -0.22253147 -0.97450817 -0.02852898 -226.67454 0.70262825  -0.18059682 0.68825775  -32.83807  -0.67586448 0.13311375  0.72490529 -83.85534 
29 'point symmetry operation' ?     ?     0.39686143  0.77074824  -0.49844585 -12.49926  -0.90574695 0.41684160  -0.07659090 -144.49558 0.14874058  0.48186183  0.86353097 99.73551  
30 'point symmetry operation' ?     ?     -0.31093162 -0.94795419 -0.06858823 -252.49115 0.65681077  -0.26647457 0.70540124  -25.41910  -0.68696520 0.17428189  0.70548219 -26.62639 
31 'point symmetry operation' ?     ?     0.57088137  0.70791248  -0.41587756 2.61944    -0.80381413 0.58509579  -0.10744934 -117.82691 0.16726317  0.39562845  0.90305084 92.17712  
32 'point symmetry operation' ?     ?     -0.47704989 -0.86515249 -0.15470800 -263.73812 0.53711340  -0.42632200 0.72784521  -54.62191  -0.69565291 0.26412260  0.66806189 -21.48484 
33 'point symmetry operation' ?     ?     0.72453082  0.60700555  -0.32649690 12.01748   -0.66885697 0.73356757  -0.12045340 -89.32507  0.16639177  0.30565197  0.93749162 81.95741  
34 'point symmetry operation' ?     ?     -0.61563801 -0.74868003 -0.24590184 -268.58033 0.38825935  -0.55972093 0.73209772  -84.94493  -0.68574398 0.35523372  0.63526794 -14.09357 
35 'point symmetry operation' ?     ?     0.84716068  0.47670273  -0.23467614 14.74186   -0.51027613 0.85304263  -0.10925326 -60.12952  0.14810775  0.21230444  0.96591469 69.86422  
36 'point symmetry operation' ?     ?     -0.72366713 -0.60165231 -0.33811315 -267.21014 0.21957116  -0.66516964 0.71368008  -115.00982 -0.65428971 0.44222668  0.61346677 -3.91080  
37 'point symmetry operation' ?     ?     0.93722459  0.31783699  -0.14348887 11.43779   -0.33166805 0.93953979  -0.08521012 -32.21931  0.10773100  0.12745229  0.98597662 55.37073  
38 'point symmetry operation' ?     ?     -0.79368263 -0.43305559 -0.42723623 -259.36448 0.03420605  -0.73296565 0.67940470  -143.61391 -0.60736932 0.52461697  0.59655628 7.11247   
39 'point symmetry operation' ?     ?     0.98845354  0.13979922  -0.05844832 1.77211    -0.14237115 0.98890498  -0.04240484 -6.38176   0.05187174  0.05023739  0.99738948 39.81627  
40 'point symmetry operation' ?     ?     -0.82462461 -0.25000313 -0.50743782 -245.36559 -0.15506956 -0.76277205 0.62779964  -169.15782 -0.54401110 0.59638742  0.59023266 19.35774  
41 'point symmetry operation' ?     ?     0.99866657  -0.04833994 0.01810566  -13.62114  0.04807505  0.99873406  0.01482778  15.86284   -0.01879898 -0.01393719 0.99972637 23.56356  
42 'point symmetry operation' ?     ?     -0.81354923 -0.06153835 -0.57823087 -226.02203 -0.34324393 -0.75184668 0.56294704  -190.85488 -0.46938410 0.65646016  0.59054190 31.39678  
43 'point symmetry operation' ?     ?     0.96793443  -0.23774411 0.08111902  -34.11186  0.23073221  0.96911049  0.08710857  33.73000   -0.09932339 -0.06559887 0.99289008 7.55148   
44 'point symmetry operation' ?     ?     -0.76271693 0.12751686  -0.63403748 -202.16890 -0.52061386 -0.70269900 0.48494766  -207.77923 -0.38369856 0.69996659  0.60234793 43.55583  
45 'point symmetry operation' ?     ?     0.89667159  -0.42292710 0.13081232  -58.51502  0.40030585  0.90078412  0.16835589  46.45666   -0.18903649 -0.09859551 0.97700829 -8.05758  
46 'point symmetry operation' ?     ?     -0.67328909 0.30582027  -0.67316825 -174.77442 -0.67886758 -0.61642602 0.39894604  -219.05530 -0.29295282 0.72559887  0.62264410 54.65912  
47 'point symmetry operation' ?     ?     0.79046667  -0.59190212 0.15752505  -86.22838  0.54555965  0.79729993  0.25822021  53.28890   -0.27843566 -0.11817496 0.95315741 -21.71596 
48 'point symmetry operation' ?     ?     -0.55055113 0.46695426  -0.69198781 -145.04379 -0.81042100 -0.49783168 0.30884013  -224.13806 -0.20027842 0.73083384  0.65251081 64.47187  
49 'point symmetry operation' ?     ?     0.65210576  -0.73965835 0.16632449  -115.50561 0.66254211  0.66264182  0.34920513  53.96946   -0.36850640 -0.11752181 0.92216642 -33.78902 
50 'point symmetry operation' ?     ?     -0.39808711 0.60096176  -0.69308832 -114.33899 -0.91060553 -0.35030253 0.21928220  -222.96524 -0.11101018 0.71842379  0.68669065 71.85713  
51 'point symmetry operation' ?     ?     0.48602568  -0.85914272 0.16016601  -144.92824 0.74518407  0.50314807  0.43765549  48.31420   -0.45659645 -0.09335845 0.88476226 -44.05766 
52 'point symmetry operation' ?     ?     -0.22410401 0.70371530  -0.67421194 -83.95577  -0.97411598 -0.18274677 0.13304678  -215.64671 -0.02958296 0.68657693  0.72645479 76.71265  
53 'point symmetry operation' ?     ?     0.30436577  -0.94332100 0.13231366  -173.28216 0.78892750  0.32748022  0.51995198  36.43775   -0.53381184 -0.05387009 0.84388601 -51.26050 
54 'point symmetry operation' ?     ?     -0.03407519 0.76905004  -0.63828077 -55.17525  -0.99850124 0.00117081  0.05471593  -202.53396 0.04282645  0.63918808  0.76785738 78.72343  
55 'point symmetry operation' ?     ?     0.11289009  -0.98976981 0.08723837  -199.23485 0.79272058  0.14265207  0.59265850  19.04739   -0.59904030 0.00224996  0.80071584 -55.60523 
56 'point symmetry operation' ?     ?     0.15893107  0.79620296  -0.58378239 -29.54953  -0.98210864 0.18799506  -0.01097380 -184.00412 0.10101100  0.57508175  0.81183587 77.88964  
57 'point symmetry operation' ?     ?     -0.08070880 -0.99644702 0.02405476  -221.96213 0.75697845  -0.04557669 0.65184800  -3.02527   -0.64843675 0.07081907  0.75796750 -56.75276 
58 'point symmetry operation' ?     ?     0.35048829  0.78111861  -0.51673248 -7.92133   -0.92585829 0.37216786  -0.06540269 -161.44817 0.14122397  0.50134384  0.85364585 73.61133  
59 'point symmetry operation' ?     ?     -0.26811569 -0.96215988 -0.04860086 -239.93007 0.68067861  -0.22489649 0.69720751  -29.05080  -0.68175576 0.15385137  0.71522018 -55.30920 
60 'point symmetry operation' ?     ?     0.52861865  0.72810544  -0.43637698 8.58751    -0.83259358 0.54488581  -0.09943177 -135.29429 0.16537926  0.41588622  0.89425254 66.90913  
# 
loop_
_struct_conf.conf_type_id 
_struct_conf.id 
_struct_conf.pdbx_PDB_helix_id 
_struct_conf.beg_label_comp_id 
_struct_conf.beg_label_asym_id 
_struct_conf.beg_label_seq_id 
_struct_conf.pdbx_beg_PDB_ins_code 
_struct_conf.end_label_comp_id 
_struct_conf.end_label_asym_id 
_struct_conf.end_label_seq_id 
_struct_conf.pdbx_end_PDB_ins_code 
_struct_conf.beg_auth_comp_id 
_struct_conf.beg_auth_asym_id 
_struct_conf.beg_auth_seq_id 
_struct_conf.end_auth_comp_id 
_struct_conf.end_auth_asym_id 
_struct_conf.end_auth_seq_id 
_struct_conf.pdbx_PDB_helix_class 
_struct_conf.details 
_struct_conf.pdbx_PDB_helix_length 
HELX_P HELX_P1 AA1 GLU A 15  ? GLY A 55  ? GLU U 15  GLY U 55  1 ? 41 
HELX_P HELX_P2 AA2 GLU A 56  ? ALA A 118 ? GLU U 56  ALA U 118 1 ? 63 
HELX_P HELX_P3 AA3 SER A 119 ? ILE A 143 ? SER U 119 ILE U 143 1 ? 25 
HELX_P HELX_P4 AA4 LEU A 144 ? GLY A 146 ? LEU U 144 GLY U 146 5 ? 3  
HELX_P HELX_P5 AA5 ASP A 147 ? ASP A 155 ? ASP U 147 ASP U 155 1 ? 9  
HELX_P HELX_P6 AA6 GLU A 159 ? GLY A 172 ? GLU U 159 GLY U 172 1 ? 14 
# 
_struct_conf_type.id          HELX_P 
_struct_conf_type.criteria    ? 
_struct_conf_type.reference   ? 
# 
_pdbx_entry_details.entry_id                   9FN1 
_pdbx_entry_details.compound_details           ? 
_pdbx_entry_details.source_details             ? 
_pdbx_entry_details.nonpolymer_details         ? 
_pdbx_entry_details.sequence_details           ? 
_pdbx_entry_details.has_ligand_of_interest     ? 
_pdbx_entry_details.has_protein_modification   N 
# 
_pdbx_validate_close_contact.id               1 
_pdbx_validate_close_contact.PDB_model_num    1 
_pdbx_validate_close_contact.auth_atom_id_1   OD1 
_pdbx_validate_close_contact.auth_asym_id_1   U 
_pdbx_validate_close_contact.auth_comp_id_1   ASN 
_pdbx_validate_close_contact.auth_seq_id_1    31 
_pdbx_validate_close_contact.PDB_ins_code_1   ? 
_pdbx_validate_close_contact.label_alt_id_1   ? 
_pdbx_validate_close_contact.auth_atom_id_2   NH1 
_pdbx_validate_close_contact.auth_asym_id_2   U 
_pdbx_validate_close_contact.auth_comp_id_2   ARG 
_pdbx_validate_close_contact.auth_seq_id_2    81 
_pdbx_validate_close_contact.PDB_ins_code_2   ? 
_pdbx_validate_close_contact.label_alt_id_2   ? 
_pdbx_validate_close_contact.dist             2.17 
# 
_pdbx_validate_torsion.id              1 
_pdbx_validate_torsion.PDB_model_num   1 
_pdbx_validate_torsion.auth_comp_id    LEU 
_pdbx_validate_torsion.auth_asym_id    U 
_pdbx_validate_torsion.auth_seq_id     160 
_pdbx_validate_torsion.PDB_ins_code    ? 
_pdbx_validate_torsion.label_alt_id    ? 
_pdbx_validate_torsion.phi             -57.50 
_pdbx_validate_torsion.psi             -8.74 
# 
_pdbx_validate_planes.id              1 
_pdbx_validate_planes.PDB_model_num   1 
_pdbx_validate_planes.auth_comp_id    ARG 
_pdbx_validate_planes.auth_asym_id    U 
_pdbx_validate_planes.auth_seq_id     76 
_pdbx_validate_planes.PDB_ins_code    ? 
_pdbx_validate_planes.label_alt_id    ? 
_pdbx_validate_planes.rmsd            0.242 
_pdbx_validate_planes.type            'SIDE CHAIN' 
# 
_em_3d_fitting.id                1 
_em_3d_fitting.entry_id          9FN1 
_em_3d_fitting.method            ? 
_em_3d_fitting.target_criteria   ? 
_em_3d_fitting.details           ? 
_em_3d_fitting.overall_b_value   ? 
_em_3d_fitting.ref_space         ? 
_em_3d_fitting.ref_protocol      ? 
# 
_em_3d_reconstruction.entry_id                    9FN1 
_em_3d_reconstruction.id                          1 
_em_3d_reconstruction.method                      ? 
_em_3d_reconstruction.algorithm                   ? 
_em_3d_reconstruction.citation_id                 ? 
_em_3d_reconstruction.details                     ? 
_em_3d_reconstruction.resolution                  3.55 
_em_3d_reconstruction.resolution_method           'FSC 0.143 CUT-OFF' 
_em_3d_reconstruction.magnification_calibration   ? 
_em_3d_reconstruction.nominal_pixel_size          ? 
_em_3d_reconstruction.actual_pixel_size           ? 
_em_3d_reconstruction.num_particles               228688 
_em_3d_reconstruction.euler_angles_details        ? 
_em_3d_reconstruction.num_class_averages          ? 
_em_3d_reconstruction.refinement_type             ? 
_em_3d_reconstruction.image_processing_id         1 
_em_3d_reconstruction.symmetry_type               HELICAL 
# 
_em_buffer.id            1 
_em_buffer.specimen_id   1 
_em_buffer.name          ? 
_em_buffer.details       ? 
_em_buffer.pH            7.6 
# 
_em_entity_assembly.id                   1 
_em_entity_assembly.parent_id            0 
_em_entity_assembly.source               RECOMBINANT 
_em_entity_assembly.type                 COMPLEX 
_em_entity_assembly.name                 'Loki CHMP4-7 rods' 
_em_entity_assembly.details              'Loki CHMP4-7 rods in the presence of CHMP1-3 and DNA' 
_em_entity_assembly.synonym              ? 
_em_entity_assembly.oligomeric_details   ? 
_em_entity_assembly.entity_id_list       1 
# 
_em_imaging.entry_id                        9FN1 
_em_imaging.id                              1 
_em_imaging.astigmatism                     ? 
_em_imaging.electron_beam_tilt_params       ? 
_em_imaging.residual_tilt                   ? 
_em_imaging.microscope_model                'FEI TITAN KRIOS' 
_em_imaging.specimen_holder_type            ? 
_em_imaging.specimen_holder_model           ? 
_em_imaging.details                         ? 
_em_imaging.date                            ? 
_em_imaging.accelerating_voltage            300 
_em_imaging.illumination_mode               'FLOOD BEAM' 
_em_imaging.mode                            'BRIGHT FIELD' 
_em_imaging.nominal_cs                      ? 
_em_imaging.nominal_defocus_min             1500 
_em_imaging.nominal_defocus_max             3000 
_em_imaging.calibrated_defocus_min          ? 
_em_imaging.calibrated_defocus_max          ? 
_em_imaging.tilt_angle_min                  ? 
_em_imaging.tilt_angle_max                  ? 
_em_imaging.nominal_magnification           ? 
_em_imaging.calibrated_magnification        ? 
_em_imaging.electron_source                 'FIELD EMISSION GUN' 
_em_imaging.citation_id                     ? 
_em_imaging.temperature                     ? 
_em_imaging.detector_distance               ? 
_em_imaging.recording_temperature_minimum   ? 
_em_imaging.recording_temperature_maximum   ? 
_em_imaging.alignment_procedure             ? 
_em_imaging.c2_aperture_diameter            ? 
_em_imaging.specimen_id                     1 
_em_imaging.cryogen                         ? 
# 
_em_vitrification.entry_id              9FN1 
_em_vitrification.id                    1 
_em_vitrification.specimen_id           1 
_em_vitrification.cryogen_name          ETHANE 
_em_vitrification.humidity              ? 
_em_vitrification.temp                  ? 
_em_vitrification.chamber_temperature   ? 
_em_vitrification.instrument            ? 
_em_vitrification.method                ? 
_em_vitrification.time_resolved_state   ? 
_em_vitrification.citation_id           ? 
_em_vitrification.details               ? 
# 
_em_experiment.entry_id                9FN1 
_em_experiment.id                      1 
_em_experiment.reconstruction_method   HELICAL 
_em_experiment.aggregation_state       FILAMENT 
_em_experiment.entity_assembly_id      1 
# 
loop_
_pdbx_unobs_or_zero_occ_residues.id 
_pdbx_unobs_or_zero_occ_residues.PDB_model_num 
_pdbx_unobs_or_zero_occ_residues.polymer_flag 
_pdbx_unobs_or_zero_occ_residues.occupancy_flag 
_pdbx_unobs_or_zero_occ_residues.auth_asym_id 
_pdbx_unobs_or_zero_occ_residues.auth_comp_id 
_pdbx_unobs_or_zero_occ_residues.auth_seq_id 
_pdbx_unobs_or_zero_occ_residues.PDB_ins_code 
_pdbx_unobs_or_zero_occ_residues.label_asym_id 
_pdbx_unobs_or_zero_occ_residues.label_comp_id 
_pdbx_unobs_or_zero_occ_residues.label_seq_id 
1  1 Y 1 U MET 1   ? A MET 1   
2  1 Y 1 U GLY 2   ? A GLY 2   
3  1 Y 1 U LEU 3   ? A LEU 3   
4  1 Y 1 U LYS 4   ? A LYS 4   
5  1 Y 1 U LYS 5   ? A LYS 5   
6  1 Y 1 U LYS 6   ? A LYS 6   
7  1 Y 1 U LEU 7   ? A LEU 7   
8  1 Y 1 U PHE 8   ? A PHE 8   
9  1 Y 1 U PRO 9   ? A PRO 9   
10 1 Y 1 U ARG 10  ? A ARG 10  
11 1 Y 1 U LYS 11  ? A LYS 11  
12 1 Y 1 U LYS 12  ? A LYS 12  
13 1 Y 1 U GLY 13  ? A GLY 13  
14 1 Y 1 U LYS 14  ? A LYS 14  
15 1 Y 1 U GLY 173 ? A GLY 173 
16 1 Y 1 U THR 174 ? A THR 174 
17 1 Y 1 U MET 175 ? A MET 175 
18 1 Y 1 U PRO 176 ? A PRO 176 
19 1 Y 1 U ASP 177 ? A ASP 177 
20 1 Y 1 U ALA 178 ? A ALA 178 
21 1 Y 1 U PRO 179 ? A PRO 179 
22 1 Y 1 U SER 180 ? A SER 180 
23 1 Y 1 U ASP 181 ? A ASP 181 
24 1 Y 1 U ASP 182 ? A ASP 182 
25 1 Y 1 U LEU 183 ? A LEU 183 
26 1 Y 1 U GLN 184 ? A GLN 184 
27 1 Y 1 U TYR 185 ? A TYR 185 
28 1 Y 1 U ILE 186 ? A ILE 186 
29 1 Y 1 U PRO 187 ? A PRO 187 
30 1 Y 1 U GLU 188 ? A GLU 188 
31 1 Y 1 U TYR 189 ? A TYR 189 
32 1 Y 1 U GLY 190 ? A GLY 190 
33 1 Y 1 U ASP 191 ? A ASP 191 
34 1 Y 1 U GLU 192 ? A GLU 192 
35 1 Y 1 U LEU 193 ? A LEU 193 
36 1 Y 1 U GLU 194 ? A GLU 194 
37 1 Y 1 U GLU 195 ? A GLU 195 
38 1 Y 1 U GLU 196 ? A GLU 196 
39 1 Y 1 U VAL 197 ? A VAL 197 
40 1 Y 1 U GLU 198 ? A GLU 198 
41 1 Y 1 U SER 199 ? A SER 199 
42 1 Y 1 U LYS 200 ? A LYS 200 
43 1 Y 1 U THR 201 ? A THR 201 
44 1 Y 1 U LYS 202 ? A LYS 202 
45 1 Y 1 U GLU 203 ? A GLU 203 
46 1 Y 1 U LYS 204 ? A LYS 204 
47 1 Y 1 U VAL 205 ? A VAL 205 
48 1 Y 1 U GLN 206 ? A GLN 206 
49 1 Y 1 U ALA 207 ? A ALA 207 
50 1 Y 1 U GLU 208 ? A GLU 208 
51 1 Y 1 U ILE 209 ? A ILE 209 
52 1 Y 1 U GLU 210 ? A GLU 210 
53 1 Y 1 U LYS 211 ? A LYS 211 
54 1 Y 1 U LEU 212 ? A LEU 212 
55 1 Y 1 U ARG 213 ? A ARG 213 
56 1 Y 1 U LYS 214 ? A LYS 214 
57 1 Y 1 U GLU 215 ? A GLU 215 
58 1 Y 1 U LEU 216 ? A LEU 216 
59 1 Y 1 U GLU 217 ? A GLU 217 
60 1 Y 1 U SER 218 ? A SER 218 
# 
loop_
_chem_comp_atom.comp_id 
_chem_comp_atom.atom_id 
_chem_comp_atom.type_symbol 
_chem_comp_atom.pdbx_aromatic_flag 
_chem_comp_atom.pdbx_stereo_config 
_chem_comp_atom.pdbx_ordinal 
ALA N    N N N 1   
ALA CA   C N S 2   
ALA C    C N N 3   
ALA O    O N N 4   
ALA CB   C N N 5   
ALA OXT  O N N 6   
ALA H    H N N 7   
ALA H2   H N N 8   
ALA HA   H N N 9   
ALA HB1  H N N 10  
ALA HB2  H N N 11  
ALA HB3  H N N 12  
ALA HXT  H N N 13  
ARG N    N N N 14  
ARG CA   C N S 15  
ARG C    C N N 16  
ARG O    O N N 17  
ARG CB   C N N 18  
ARG CG   C N N 19  
ARG CD   C N N 20  
ARG NE   N N N 21  
ARG CZ   C N N 22  
ARG NH1  N N N 23  
ARG NH2  N N N 24  
ARG OXT  O N N 25  
ARG H    H N N 26  
ARG H2   H N N 27  
ARG HA   H N N 28  
ARG HB2  H N N 29  
ARG HB3  H N N 30  
ARG HG2  H N N 31  
ARG HG3  H N N 32  
ARG HD2  H N N 33  
ARG HD3  H N N 34  
ARG HE   H N N 35  
ARG HH11 H N N 36  
ARG HH12 H N N 37  
ARG HH21 H N N 38  
ARG HH22 H N N 39  
ARG HXT  H N N 40  
ASN N    N N N 41  
ASN CA   C N S 42  
ASN C    C N N 43  
ASN O    O N N 44  
ASN CB   C N N 45  
ASN CG   C N N 46  
ASN OD1  O N N 47  
ASN ND2  N N N 48  
ASN OXT  O N N 49  
ASN H    H N N 50  
ASN H2   H N N 51  
ASN HA   H N N 52  
ASN HB2  H N N 53  
ASN HB3  H N N 54  
ASN HD21 H N N 55  
ASN HD22 H N N 56  
ASN HXT  H N N 57  
ASP N    N N N 58  
ASP CA   C N S 59  
ASP C    C N N 60  
ASP O    O N N 61  
ASP CB   C N N 62  
ASP CG   C N N 63  
ASP OD1  O N N 64  
ASP OD2  O N N 65  
ASP OXT  O N N 66  
ASP H    H N N 67  
ASP H2   H N N 68  
ASP HA   H N N 69  
ASP HB2  H N N 70  
ASP HB3  H N N 71  
ASP HD2  H N N 72  
ASP HXT  H N N 73  
GLN N    N N N 74  
GLN CA   C N S 75  
GLN C    C N N 76  
GLN O    O N N 77  
GLN CB   C N N 78  
GLN CG   C N N 79  
GLN CD   C N N 80  
GLN OE1  O N N 81  
GLN NE2  N N N 82  
GLN OXT  O N N 83  
GLN H    H N N 84  
GLN H2   H N N 85  
GLN HA   H N N 86  
GLN HB2  H N N 87  
GLN HB3  H N N 88  
GLN HG2  H N N 89  
GLN HG3  H N N 90  
GLN HE21 H N N 91  
GLN HE22 H N N 92  
GLN HXT  H N N 93  
GLU N    N N N 94  
GLU CA   C N S 95  
GLU C    C N N 96  
GLU O    O N N 97  
GLU CB   C N N 98  
GLU CG   C N N 99  
GLU CD   C N N 100 
GLU OE1  O N N 101 
GLU OE2  O N N 102 
GLU OXT  O N N 103 
GLU H    H N N 104 
GLU H2   H N N 105 
GLU HA   H N N 106 
GLU HB2  H N N 107 
GLU HB3  H N N 108 
GLU HG2  H N N 109 
GLU HG3  H N N 110 
GLU HE2  H N N 111 
GLU HXT  H N N 112 
GLY N    N N N 113 
GLY CA   C N N 114 
GLY C    C N N 115 
GLY O    O N N 116 
GLY OXT  O N N 117 
GLY H    H N N 118 
GLY H2   H N N 119 
GLY HA2  H N N 120 
GLY HA3  H N N 121 
GLY HXT  H N N 122 
HIS N    N N N 123 
HIS CA   C N S 124 
HIS C    C N N 125 
HIS O    O N N 126 
HIS CB   C N N 127 
HIS CG   C Y N 128 
HIS ND1  N Y N 129 
HIS CD2  C Y N 130 
HIS CE1  C Y N 131 
HIS NE2  N Y N 132 
HIS OXT  O N N 133 
HIS H    H N N 134 
HIS H2   H N N 135 
HIS HA   H N N 136 
HIS HB2  H N N 137 
HIS HB3  H N N 138 
HIS HD1  H N N 139 
HIS HD2  H N N 140 
HIS HE1  H N N 141 
HIS HE2  H N N 142 
HIS HXT  H N N 143 
ILE N    N N N 144 
ILE CA   C N S 145 
ILE C    C N N 146 
ILE O    O N N 147 
ILE CB   C N S 148 
ILE CG1  C N N 149 
ILE CG2  C N N 150 
ILE CD1  C N N 151 
ILE OXT  O N N 152 
ILE H    H N N 153 
ILE H2   H N N 154 
ILE HA   H N N 155 
ILE HB   H N N 156 
ILE HG12 H N N 157 
ILE HG13 H N N 158 
ILE HG21 H N N 159 
ILE HG22 H N N 160 
ILE HG23 H N N 161 
ILE HD11 H N N 162 
ILE HD12 H N N 163 
ILE HD13 H N N 164 
ILE HXT  H N N 165 
LEU N    N N N 166 
LEU CA   C N S 167 
LEU C    C N N 168 
LEU O    O N N 169 
LEU CB   C N N 170 
LEU CG   C N N 171 
LEU CD1  C N N 172 
LEU CD2  C N N 173 
LEU OXT  O N N 174 
LEU H    H N N 175 
LEU H2   H N N 176 
LEU HA   H N N 177 
LEU HB2  H N N 178 
LEU HB3  H N N 179 
LEU HG   H N N 180 
LEU HD11 H N N 181 
LEU HD12 H N N 182 
LEU HD13 H N N 183 
LEU HD21 H N N 184 
LEU HD22 H N N 185 
LEU HD23 H N N 186 
LEU HXT  H N N 187 
LYS N    N N N 188 
LYS CA   C N S 189 
LYS C    C N N 190 
LYS O    O N N 191 
LYS CB   C N N 192 
LYS CG   C N N 193 
LYS CD   C N N 194 
LYS CE   C N N 195 
LYS NZ   N N N 196 
LYS OXT  O N N 197 
LYS H    H N N 198 
LYS H2   H N N 199 
LYS HA   H N N 200 
LYS HB2  H N N 201 
LYS HB3  H N N 202 
LYS HG2  H N N 203 
LYS HG3  H N N 204 
LYS HD2  H N N 205 
LYS HD3  H N N 206 
LYS HE2  H N N 207 
LYS HE3  H N N 208 
LYS HZ1  H N N 209 
LYS HZ2  H N N 210 
LYS HZ3  H N N 211 
LYS HXT  H N N 212 
MET N    N N N 213 
MET CA   C N S 214 
MET C    C N N 215 
MET O    O N N 216 
MET CB   C N N 217 
MET CG   C N N 218 
MET SD   S N N 219 
MET CE   C N N 220 
MET OXT  O N N 221 
MET H    H N N 222 
MET H2   H N N 223 
MET HA   H N N 224 
MET HB2  H N N 225 
MET HB3  H N N 226 
MET HG2  H N N 227 
MET HG3  H N N 228 
MET HE1  H N N 229 
MET HE2  H N N 230 
MET HE3  H N N 231 
MET HXT  H N N 232 
PHE N    N N N 233 
PHE CA   C N S 234 
PHE C    C N N 235 
PHE O    O N N 236 
PHE CB   C N N 237 
PHE CG   C Y N 238 
PHE CD1  C Y N 239 
PHE CD2  C Y N 240 
PHE CE1  C Y N 241 
PHE CE2  C Y N 242 
PHE CZ   C Y N 243 
PHE OXT  O N N 244 
PHE H    H N N 245 
PHE H2   H N N 246 
PHE HA   H N N 247 
PHE HB2  H N N 248 
PHE HB3  H N N 249 
PHE HD1  H N N 250 
PHE HD2  H N N 251 
PHE HE1  H N N 252 
PHE HE2  H N N 253 
PHE HZ   H N N 254 
PHE HXT  H N N 255 
PRO N    N N N 256 
PRO CA   C N S 257 
PRO C    C N N 258 
PRO O    O N N 259 
PRO CB   C N N 260 
PRO CG   C N N 261 
PRO CD   C N N 262 
PRO OXT  O N N 263 
PRO H    H N N 264 
PRO HA   H N N 265 
PRO HB2  H N N 266 
PRO HB3  H N N 267 
PRO HG2  H N N 268 
PRO HG3  H N N 269 
PRO HD2  H N N 270 
PRO HD3  H N N 271 
PRO HXT  H N N 272 
SER N    N N N 273 
SER CA   C N S 274 
SER C    C N N 275 
SER O    O N N 276 
SER CB   C N N 277 
SER OG   O N N 278 
SER OXT  O N N 279 
SER H    H N N 280 
SER H2   H N N 281 
SER HA   H N N 282 
SER HB2  H N N 283 
SER HB3  H N N 284 
SER HG   H N N 285 
SER HXT  H N N 286 
THR N    N N N 287 
THR CA   C N S 288 
THR C    C N N 289 
THR O    O N N 290 
THR CB   C N R 291 
THR OG1  O N N 292 
THR CG2  C N N 293 
THR OXT  O N N 294 
THR H    H N N 295 
THR H2   H N N 296 
THR HA   H N N 297 
THR HB   H N N 298 
THR HG1  H N N 299 
THR HG21 H N N 300 
THR HG22 H N N 301 
THR HG23 H N N 302 
THR HXT  H N N 303 
TYR N    N N N 304 
TYR CA   C N S 305 
TYR C    C N N 306 
TYR O    O N N 307 
TYR CB   C N N 308 
TYR CG   C Y N 309 
TYR CD1  C Y N 310 
TYR CD2  C Y N 311 
TYR CE1  C Y N 312 
TYR CE2  C Y N 313 
TYR CZ   C Y N 314 
TYR OH   O N N 315 
TYR OXT  O N N 316 
TYR H    H N N 317 
TYR H2   H N N 318 
TYR HA   H N N 319 
TYR HB2  H N N 320 
TYR HB3  H N N 321 
TYR HD1  H N N 322 
TYR HD2  H N N 323 
TYR HE1  H N N 324 
TYR HE2  H N N 325 
TYR HH   H N N 326 
TYR HXT  H N N 327 
VAL N    N N N 328 
VAL CA   C N S 329 
VAL C    C N N 330 
VAL O    O N N 331 
VAL CB   C N N 332 
VAL CG1  C N N 333 
VAL CG2  C N N 334 
VAL OXT  O N N 335 
VAL H    H N N 336 
VAL H2   H N N 337 
VAL HA   H N N 338 
VAL HB   H N N 339 
VAL HG11 H N N 340 
VAL HG12 H N N 341 
VAL HG13 H N N 342 
VAL HG21 H N N 343 
VAL HG22 H N N 344 
VAL HG23 H N N 345 
VAL HXT  H N N 346 
# 
loop_
_chem_comp_bond.comp_id 
_chem_comp_bond.atom_id_1 
_chem_comp_bond.atom_id_2 
_chem_comp_bond.value_order 
_chem_comp_bond.pdbx_aromatic_flag 
_chem_comp_bond.pdbx_stereo_config 
_chem_comp_bond.pdbx_ordinal 
ALA N   CA   sing N N 1   
ALA N   H    sing N N 2   
ALA N   H2   sing N N 3   
ALA CA  C    sing N N 4   
ALA CA  CB   sing N N 5   
ALA CA  HA   sing N N 6   
ALA C   O    doub N N 7   
ALA C   OXT  sing N N 8   
ALA CB  HB1  sing N N 9   
ALA CB  HB2  sing N N 10  
ALA CB  HB3  sing N N 11  
ALA OXT HXT  sing N N 12  
ARG N   CA   sing N N 13  
ARG N   H    sing N N 14  
ARG N   H2   sing N N 15  
ARG CA  C    sing N N 16  
ARG CA  CB   sing N N 17  
ARG CA  HA   sing N N 18  
ARG C   O    doub N N 19  
ARG C   OXT  sing N N 20  
ARG CB  CG   sing N N 21  
ARG CB  HB2  sing N N 22  
ARG CB  HB3  sing N N 23  
ARG CG  CD   sing N N 24  
ARG CG  HG2  sing N N 25  
ARG CG  HG3  sing N N 26  
ARG CD  NE   sing N N 27  
ARG CD  HD2  sing N N 28  
ARG CD  HD3  sing N N 29  
ARG NE  CZ   sing N N 30  
ARG NE  HE   sing N N 31  
ARG CZ  NH1  sing N N 32  
ARG CZ  NH2  doub N N 33  
ARG NH1 HH11 sing N N 34  
ARG NH1 HH12 sing N N 35  
ARG NH2 HH21 sing N N 36  
ARG NH2 HH22 sing N N 37  
ARG OXT HXT  sing N N 38  
ASN N   CA   sing N N 39  
ASN N   H    sing N N 40  
ASN N   H2   sing N N 41  
ASN CA  C    sing N N 42  
ASN CA  CB   sing N N 43  
ASN CA  HA   sing N N 44  
ASN C   O    doub N N 45  
ASN C   OXT  sing N N 46  
ASN CB  CG   sing N N 47  
ASN CB  HB2  sing N N 48  
ASN CB  HB3  sing N N 49  
ASN CG  OD1  doub N N 50  
ASN CG  ND2  sing N N 51  
ASN ND2 HD21 sing N N 52  
ASN ND2 HD22 sing N N 53  
ASN OXT HXT  sing N N 54  
ASP N   CA   sing N N 55  
ASP N   H    sing N N 56  
ASP N   H2   sing N N 57  
ASP CA  C    sing N N 58  
ASP CA  CB   sing N N 59  
ASP CA  HA   sing N N 60  
ASP C   O    doub N N 61  
ASP C   OXT  sing N N 62  
ASP CB  CG   sing N N 63  
ASP CB  HB2  sing N N 64  
ASP CB  HB3  sing N N 65  
ASP CG  OD1  doub N N 66  
ASP CG  OD2  sing N N 67  
ASP OD2 HD2  sing N N 68  
ASP OXT HXT  sing N N 69  
GLN N   CA   sing N N 70  
GLN N   H    sing N N 71  
GLN N   H2   sing N N 72  
GLN CA  C    sing N N 73  
GLN CA  CB   sing N N 74  
GLN CA  HA   sing N N 75  
GLN C   O    doub N N 76  
GLN C   OXT  sing N N 77  
GLN CB  CG   sing N N 78  
GLN CB  HB2  sing N N 79  
GLN CB  HB3  sing N N 80  
GLN CG  CD   sing N N 81  
GLN CG  HG2  sing N N 82  
GLN CG  HG3  sing N N 83  
GLN CD  OE1  doub N N 84  
GLN CD  NE2  sing N N 85  
GLN NE2 HE21 sing N N 86  
GLN NE2 HE22 sing N N 87  
GLN OXT HXT  sing N N 88  
GLU N   CA   sing N N 89  
GLU N   H    sing N N 90  
GLU N   H2   sing N N 91  
GLU CA  C    sing N N 92  
GLU CA  CB   sing N N 93  
GLU CA  HA   sing N N 94  
GLU C   O    doub N N 95  
GLU C   OXT  sing N N 96  
GLU CB  CG   sing N N 97  
GLU CB  HB2  sing N N 98  
GLU CB  HB3  sing N N 99  
GLU CG  CD   sing N N 100 
GLU CG  HG2  sing N N 101 
GLU CG  HG3  sing N N 102 
GLU CD  OE1  doub N N 103 
GLU CD  OE2  sing N N 104 
GLU OE2 HE2  sing N N 105 
GLU OXT HXT  sing N N 106 
GLY N   CA   sing N N 107 
GLY N   H    sing N N 108 
GLY N   H2   sing N N 109 
GLY CA  C    sing N N 110 
GLY CA  HA2  sing N N 111 
GLY CA  HA3  sing N N 112 
GLY C   O    doub N N 113 
GLY C   OXT  sing N N 114 
GLY OXT HXT  sing N N 115 
HIS N   CA   sing N N 116 
HIS N   H    sing N N 117 
HIS N   H2   sing N N 118 
HIS CA  C    sing N N 119 
HIS CA  CB   sing N N 120 
HIS CA  HA   sing N N 121 
HIS C   O    doub N N 122 
HIS C   OXT  sing N N 123 
HIS CB  CG   sing N N 124 
HIS CB  HB2  sing N N 125 
HIS CB  HB3  sing N N 126 
HIS CG  ND1  sing Y N 127 
HIS CG  CD2  doub Y N 128 
HIS ND1 CE1  doub Y N 129 
HIS ND1 HD1  sing N N 130 
HIS CD2 NE2  sing Y N 131 
HIS CD2 HD2  sing N N 132 
HIS CE1 NE2  sing Y N 133 
HIS CE1 HE1  sing N N 134 
HIS NE2 HE2  sing N N 135 
HIS OXT HXT  sing N N 136 
ILE N   CA   sing N N 137 
ILE N   H    sing N N 138 
ILE N   H2   sing N N 139 
ILE CA  C    sing N N 140 
ILE CA  CB   sing N N 141 
ILE CA  HA   sing N N 142 
ILE C   O    doub N N 143 
ILE C   OXT  sing N N 144 
ILE CB  CG1  sing N N 145 
ILE CB  CG2  sing N N 146 
ILE CB  HB   sing N N 147 
ILE CG1 CD1  sing N N 148 
ILE CG1 HG12 sing N N 149 
ILE CG1 HG13 sing N N 150 
ILE CG2 HG21 sing N N 151 
ILE CG2 HG22 sing N N 152 
ILE CG2 HG23 sing N N 153 
ILE CD1 HD11 sing N N 154 
ILE CD1 HD12 sing N N 155 
ILE CD1 HD13 sing N N 156 
ILE OXT HXT  sing N N 157 
LEU N   CA   sing N N 158 
LEU N   H    sing N N 159 
LEU N   H2   sing N N 160 
LEU CA  C    sing N N 161 
LEU CA  CB   sing N N 162 
LEU CA  HA   sing N N 163 
LEU C   O    doub N N 164 
LEU C   OXT  sing N N 165 
LEU CB  CG   sing N N 166 
LEU CB  HB2  sing N N 167 
LEU CB  HB3  sing N N 168 
LEU CG  CD1  sing N N 169 
LEU CG  CD2  sing N N 170 
LEU CG  HG   sing N N 171 
LEU CD1 HD11 sing N N 172 
LEU CD1 HD12 sing N N 173 
LEU CD1 HD13 sing N N 174 
LEU CD2 HD21 sing N N 175 
LEU CD2 HD22 sing N N 176 
LEU CD2 HD23 sing N N 177 
LEU OXT HXT  sing N N 178 
LYS N   CA   sing N N 179 
LYS N   H    sing N N 180 
LYS N   H2   sing N N 181 
LYS CA  C    sing N N 182 
LYS CA  CB   sing N N 183 
LYS CA  HA   sing N N 184 
LYS C   O    doub N N 185 
LYS C   OXT  sing N N 186 
LYS CB  CG   sing N N 187 
LYS CB  HB2  sing N N 188 
LYS CB  HB3  sing N N 189 
LYS CG  CD   sing N N 190 
LYS CG  HG2  sing N N 191 
LYS CG  HG3  sing N N 192 
LYS CD  CE   sing N N 193 
LYS CD  HD2  sing N N 194 
LYS CD  HD3  sing N N 195 
LYS CE  NZ   sing N N 196 
LYS CE  HE2  sing N N 197 
LYS CE  HE3  sing N N 198 
LYS NZ  HZ1  sing N N 199 
LYS NZ  HZ2  sing N N 200 
LYS NZ  HZ3  sing N N 201 
LYS OXT HXT  sing N N 202 
MET N   CA   sing N N 203 
MET N   H    sing N N 204 
MET N   H2   sing N N 205 
MET CA  C    sing N N 206 
MET CA  CB   sing N N 207 
MET CA  HA   sing N N 208 
MET C   O    doub N N 209 
MET C   OXT  sing N N 210 
MET CB  CG   sing N N 211 
MET CB  HB2  sing N N 212 
MET CB  HB3  sing N N 213 
MET CG  SD   sing N N 214 
MET CG  HG2  sing N N 215 
MET CG  HG3  sing N N 216 
MET SD  CE   sing N N 217 
MET CE  HE1  sing N N 218 
MET CE  HE2  sing N N 219 
MET CE  HE3  sing N N 220 
MET OXT HXT  sing N N 221 
PHE N   CA   sing N N 222 
PHE N   H    sing N N 223 
PHE N   H2   sing N N 224 
PHE CA  C    sing N N 225 
PHE CA  CB   sing N N 226 
PHE CA  HA   sing N N 227 
PHE C   O    doub N N 228 
PHE C   OXT  sing N N 229 
PHE CB  CG   sing N N 230 
PHE CB  HB2  sing N N 231 
PHE CB  HB3  sing N N 232 
PHE CG  CD1  doub Y N 233 
PHE CG  CD2  sing Y N 234 
PHE CD1 CE1  sing Y N 235 
PHE CD1 HD1  sing N N 236 
PHE CD2 CE2  doub Y N 237 
PHE CD2 HD2  sing N N 238 
PHE CE1 CZ   doub Y N 239 
PHE CE1 HE1  sing N N 240 
PHE CE2 CZ   sing Y N 241 
PHE CE2 HE2  sing N N 242 
PHE CZ  HZ   sing N N 243 
PHE OXT HXT  sing N N 244 
PRO N   CA   sing N N 245 
PRO N   CD   sing N N 246 
PRO N   H    sing N N 247 
PRO CA  C    sing N N 248 
PRO CA  CB   sing N N 249 
PRO CA  HA   sing N N 250 
PRO C   O    doub N N 251 
PRO C   OXT  sing N N 252 
PRO CB  CG   sing N N 253 
PRO CB  HB2  sing N N 254 
PRO CB  HB3  sing N N 255 
PRO CG  CD   sing N N 256 
PRO CG  HG2  sing N N 257 
PRO CG  HG3  sing N N 258 
PRO CD  HD2  sing N N 259 
PRO CD  HD3  sing N N 260 
PRO OXT HXT  sing N N 261 
SER N   CA   sing N N 262 
SER N   H    sing N N 263 
SER N   H2   sing N N 264 
SER CA  C    sing N N 265 
SER CA  CB   sing N N 266 
SER CA  HA   sing N N 267 
SER C   O    doub N N 268 
SER C   OXT  sing N N 269 
SER CB  OG   sing N N 270 
SER CB  HB2  sing N N 271 
SER CB  HB3  sing N N 272 
SER OG  HG   sing N N 273 
SER OXT HXT  sing N N 274 
THR N   CA   sing N N 275 
THR N   H    sing N N 276 
THR N   H2   sing N N 277 
THR CA  C    sing N N 278 
THR CA  CB   sing N N 279 
THR CA  HA   sing N N 280 
THR C   O    doub N N 281 
THR C   OXT  sing N N 282 
THR CB  OG1  sing N N 283 
THR CB  CG2  sing N N 284 
THR CB  HB   sing N N 285 
THR OG1 HG1  sing N N 286 
THR CG2 HG21 sing N N 287 
THR CG2 HG22 sing N N 288 
THR CG2 HG23 sing N N 289 
THR OXT HXT  sing N N 290 
TYR N   CA   sing N N 291 
TYR N   H    sing N N 292 
TYR N   H2   sing N N 293 
TYR CA  C    sing N N 294 
TYR CA  CB   sing N N 295 
TYR CA  HA   sing N N 296 
TYR C   O    doub N N 297 
TYR C   OXT  sing N N 298 
TYR CB  CG   sing N N 299 
TYR CB  HB2  sing N N 300 
TYR CB  HB3  sing N N 301 
TYR CG  CD1  doub Y N 302 
TYR CG  CD2  sing Y N 303 
TYR CD1 CE1  sing Y N 304 
TYR CD1 HD1  sing N N 305 
TYR CD2 CE2  doub Y N 306 
TYR CD2 HD2  sing N N 307 
TYR CE1 CZ   doub Y N 308 
TYR CE1 HE1  sing N N 309 
TYR CE2 CZ   sing Y N 310 
TYR CE2 HE2  sing N N 311 
TYR CZ  OH   sing N N 312 
TYR OH  HH   sing N N 313 
TYR OXT HXT  sing N N 314 
VAL N   CA   sing N N 315 
VAL N   H    sing N N 316 
VAL N   H2   sing N N 317 
VAL CA  C    sing N N 318 
VAL CA  CB   sing N N 319 
VAL CA  HA   sing N N 320 
VAL C   O    doub N N 321 
VAL C   OXT  sing N N 322 
VAL CB  CG1  sing N N 323 
VAL CB  CG2  sing N N 324 
VAL CB  HB   sing N N 325 
VAL CG1 HG11 sing N N 326 
VAL CG1 HG12 sing N N 327 
VAL CG1 HG13 sing N N 328 
VAL CG2 HG21 sing N N 329 
VAL CG2 HG22 sing N N 330 
VAL CG2 HG23 sing N N 331 
VAL OXT HXT  sing N N 332 
# 
_em_admin.current_status     REL 
_em_admin.deposition_date    2024-06-07 
_em_admin.deposition_site    PDBE 
_em_admin.entry_id           9FN1 
_em_admin.last_update        2025-10-29 
_em_admin.map_release_date   2025-04-16 
_em_admin.title              '360 A Loki CHMP4-7 rods' 
# 
_em_ctf_correction.details                  ? 
_em_ctf_correction.em_image_processing_id   1 
_em_ctf_correction.id                       1 
_em_ctf_correction.type                     'PHASE FLIPPING AND AMPLITUDE CORRECTION' 
# 
_em_embedding.details       ? 
_em_embedding.id            1 
_em_embedding.material      'vitrous ice' 
_em_embedding.specimen_id   1 
# 
_em_entity_assembly_molwt.entity_assembly_id   1 
_em_entity_assembly_molwt.experimental_flag    NO 
_em_entity_assembly_molwt.id                   1 
_em_entity_assembly_molwt.units                ? 
_em_entity_assembly_molwt.value                ? 
# 
_em_entity_assembly_naturalsource.cell                 ? 
_em_entity_assembly_naturalsource.cellular_location    ? 
_em_entity_assembly_naturalsource.entity_assembly_id   1 
_em_entity_assembly_naturalsource.id                   2 
_em_entity_assembly_naturalsource.ncbi_tax_id          3067280 
_em_entity_assembly_naturalsource.organism             'Candidatus Lokiarchaeia archaeon' 
_em_entity_assembly_naturalsource.organelle            ? 
_em_entity_assembly_naturalsource.organ                ? 
_em_entity_assembly_naturalsource.strain               KKK44605.1 
_em_entity_assembly_naturalsource.tissue               ? 
_em_entity_assembly_naturalsource.details              ? 
# 
_em_entity_assembly_recombinant.cell                 ? 
_em_entity_assembly_recombinant.entity_assembly_id   1 
_em_entity_assembly_recombinant.id                   2 
_em_entity_assembly_recombinant.ncbi_tax_id          562 
_em_entity_assembly_recombinant.organism             'Escherichia coli' 
_em_entity_assembly_recombinant.plasmid              ? 
_em_entity_assembly_recombinant.strain               BL21 
# 
_em_helical_entity.id                             1 
_em_helical_entity.image_processing_id            1 
_em_helical_entity.details                        ? 
_em_helical_entity.axial_symmetry                 C1 
_em_helical_entity.angular_rotation_per_subunit   173.9 
_em_helical_entity.axial_rise_per_subunit         1.05 
# 
_em_image_processing.details              ? 
_em_image_processing.id                   1 
_em_image_processing.image_recording_id   1 
# 
_em_image_recording.average_exposure_time               ? 
_em_image_recording.avg_electron_dose_per_subtomogram   ? 
_em_image_recording.avg_electron_dose_per_image         30 
_em_image_recording.details                             ? 
_em_image_recording.detector_mode                       ? 
_em_image_recording.film_or_detector_model              'GATAN K3 BIOCONTINUUM (6k x 4k)' 
_em_image_recording.id                                  1 
_em_image_recording.imaging_id                          1 
_em_image_recording.num_diffraction_images              ? 
_em_image_recording.num_grids_imaged                    ? 
_em_image_recording.num_real_images                     ? 
# 
loop_
_em_software.category 
_em_software.details 
_em_software.id 
_em_software.image_processing_id 
_em_software.fitting_id 
_em_software.imaging_id 
_em_software.name 
_em_software.version 
'PARTICLE SELECTION'       ? 1  1 ? ? ?      ? 
'IMAGE ACQUISITION'        ? 2  ? ? 1 ?      ? 
MASKING                    ? 3  ? ? ? ?      ? 
'CTF CORRECTION'           ? 4  1 ? ? ?      ? 
'LAYERLINE INDEXING'       ? 5  ? ? ? ?      ? 
'DIFFRACTION INDEXING'     ? 6  ? ? ? ?      ? 
'MODEL FITTING'            ? 7  ? ? ? ?      ? 
'MODEL REFINEMENT'         ? 8  ? ? ? PHENIX ? 
OTHER                      ? 9  ? ? ? ?      ? 
'INITIAL EULER ASSIGNMENT' ? 10 1 ? ? ?      ? 
'FINAL EULER ASSIGNMENT'   ? 11 1 ? ? ?      ? 
CLASSIFICATION             ? 12 1 ? ? ?      ? 
RECONSTRUCTION             ? 13 1 ? ? ?      ? 
# 
_em_specimen.concentration           ? 
_em_specimen.details                 ? 
_em_specimen.embedding_applied       YES 
_em_specimen.experiment_id           1 
_em_specimen.id                      1 
_em_specimen.shadowing_applied       NO 
_em_specimen.staining_applied        NO 
_em_specimen.vitrification_applied   YES 
# 
loop_
_pdbx_audit_support.funding_organization 
_pdbx_audit_support.country 
_pdbx_audit_support.grant_number 
_pdbx_audit_support.ordinal 
'Israel Science Foundation' Israel 1323/18 1 
'Israel Science Foundation' Israel 2101/20 2 
# 
_atom_sites.entry_id                    9FN1 
_atom_sites.Cartn_transf_matrix[1][1]   ? 
_atom_sites.Cartn_transf_matrix[1][2]   ? 
_atom_sites.Cartn_transf_matrix[1][3]   ? 
_atom_sites.Cartn_transf_matrix[2][1]   ? 
_atom_sites.Cartn_transf_matrix[2][2]   ? 
_atom_sites.Cartn_transf_matrix[2][3]   ? 
_atom_sites.Cartn_transf_matrix[3][1]   ? 
_atom_sites.Cartn_transf_matrix[3][2]   ? 
_atom_sites.Cartn_transf_matrix[3][3]   ? 
_atom_sites.Cartn_transf_vector[1]      ? 
_atom_sites.Cartn_transf_vector[2]      ? 
_atom_sites.Cartn_transf_vector[3]      ? 
_atom_sites.Cartn_transform_axes        ? 
_atom_sites.fract_transf_matrix[1][1]   1.000000 
_atom_sites.fract_transf_matrix[1][2]   0.000000 
_atom_sites.fract_transf_matrix[1][3]   0.000000 
_atom_sites.fract_transf_matrix[2][1]   0.000000 
_atom_sites.fract_transf_matrix[2][2]   1.000000 
_atom_sites.fract_transf_matrix[2][3]   0.000000 
_atom_sites.fract_transf_matrix[3][1]   0.000000 
_atom_sites.fract_transf_matrix[3][2]   0.000000 
_atom_sites.fract_transf_matrix[3][3]   1.000000 
_atom_sites.fract_transf_vector[1]      0.00000 
_atom_sites.fract_transf_vector[2]      0.00000 
_atom_sites.fract_transf_vector[3]      0.00000 
_atom_sites.solution_primary            ? 
_atom_sites.solution_secondary          ? 
_atom_sites.solution_hydrogens          ? 
_atom_sites.special_details             ? 
# 
loop_
_atom_type.symbol 
C 
N 
O 
# 
loop_
_atom_site.group_PDB 
_atom_site.id 
_atom_site.type_symbol 
_atom_site.label_atom_id 
_atom_site.label_alt_id 
_atom_site.label_comp_id 
_atom_site.label_asym_id 
_atom_site.label_entity_id 
_atom_site.label_seq_id 
_atom_site.pdbx_PDB_ins_code 
_atom_site.Cartn_x 
_atom_site.Cartn_y 
_atom_site.Cartn_z 
_atom_site.occupancy 
_atom_site.B_iso_or_equiv 
_atom_site.pdbx_formal_charge 
_atom_site.auth_seq_id 
_atom_site.auth_comp_id 
_atom_site.auth_asym_id 
_atom_site.auth_atom_id 
_atom_site.pdbx_PDB_model_num 
ATOM 1    N N   . GLU A 1 15  ? -3.419  -23.158 13.660  1.00 133.52 ? 15  GLU U N   1 
ATOM 2    C CA  . GLU A 1 15  ? -3.409  -21.973 14.507  1.00 133.52 ? 15  GLU U CA  1 
ATOM 3    C C   . GLU A 1 15  ? -2.084  -21.236 14.386  1.00 133.52 ? 15  GLU U C   1 
ATOM 4    O O   . GLU A 1 15  ? -1.156  -21.439 15.174  1.00 133.52 ? 15  GLU U O   1 
ATOM 5    C CB  . GLU A 1 15  ? -3.688  -22.349 15.952  1.00 133.52 ? 15  GLU U CB  1 
ATOM 6    C CG  . GLU A 1 15  ? -5.077  -22.908 16.172  1.00 133.52 ? 15  GLU U CG  1 
ATOM 7    C CD  . GLU A 1 15  ? -5.320  -23.270 17.616  1.00 133.52 ? 15  GLU U CD  1 
ATOM 8    O OE1 . GLU A 1 15  ? -4.401  -23.828 18.246  1.00 133.52 ? 15  GLU U OE1 1 
ATOM 9    O OE2 . GLU A 1 15  ? -6.425  -22.990 18.122  1.00 133.52 ? 15  GLU U OE2 1 
ATOM 10   N N   . LYS A 1 16  ? -2.024  -20.370 13.375  1.00 131.52 ? 16  LYS U N   1 
ATOM 11   C CA  . LYS A 1 16  ? -0.769  -19.732 12.999  1.00 131.52 ? 16  LYS U CA  1 
ATOM 12   C C   . LYS A 1 16  ? -0.252  -18.840 14.117  1.00 131.52 ? 16  LYS U C   1 
ATOM 13   O O   . LYS A 1 16  ? 0.957   -18.765 14.360  1.00 131.52 ? 16  LYS U O   1 
ATOM 14   C CB  . LYS A 1 16  ? -0.971  -18.933 11.713  1.00 131.52 ? 16  LYS U CB  1 
ATOM 15   C CG  . LYS A 1 16  ? -1.487  -19.769 10.553  1.00 131.52 ? 16  LYS U CG  1 
ATOM 16   C CD  . LYS A 1 16  ? -1.706  -18.908 9.319   1.00 131.52 ? 16  LYS U CD  1 
ATOM 17   C CE  . LYS A 1 16  ? -2.503  -19.647 8.255   1.00 131.52 ? 16  LYS U CE  1 
ATOM 18   N NZ  . LYS A 1 16  ? -1.686  -20.618 7.485   1.00 131.52 ? 16  LYS U NZ  1 
ATOM 19   N N   . ALA A 1 17  ? -1.160  -18.167 14.821  1.00 118.65 ? 17  ALA U N   1 
ATOM 20   C CA  . ALA A 1 17  ? -0.781  -17.483 16.049  1.00 118.65 ? 17  ALA U CA  1 
ATOM 21   C C   . ALA A 1 17  ? -0.187  -18.467 17.040  1.00 118.65 ? 17  ALA U C   1 
ATOM 22   O O   . ALA A 1 17  ? 0.919   -18.264 17.555  1.00 118.65 ? 17  ALA U O   1 
ATOM 23   C CB  . ALA A 1 17  ? -1.993  -16.772 16.649  1.00 118.65 ? 17  ALA U CB  1 
ATOM 24   N N   . ASN A 1 18  ? -0.893  -19.569 17.290  1.00 120.42 ? 18  ASN U N   1 
ATOM 25   C CA  . ASN A 1 18  ? -0.327  -20.594 18.148  1.00 120.42 ? 18  ASN U CA  1 
ATOM 26   C C   . ASN A 1 18  ? 0.926   -21.184 17.533  1.00 120.42 ? 18  ASN U C   1 
ATOM 27   O O   . ASN A 1 18  ? 1.813   -21.642 18.257  1.00 120.42 ? 18  ASN U O   1 
ATOM 28   C CB  . ASN A 1 18  ? -1.348  -21.706 18.374  1.00 120.42 ? 18  ASN U CB  1 
ATOM 29   C CG  . ASN A 1 18  ? -2.604  -21.212 19.044  1.00 120.42 ? 18  ASN U CG  1 
ATOM 30   O OD1 . ASN A 1 18  ? -3.343  -20.409 18.473  1.00 120.42 ? 18  ASN U OD1 1 
ATOM 31   N ND2 . ASN A 1 18  ? -2.867  -21.700 20.252  1.00 120.42 ? 18  ASN U ND2 1 
ATOM 32   N N   . LEU A 1 19  ? 1.039   -21.149 16.206  1.00 113.83 ? 19  LEU U N   1 
ATOM 33   C CA  . LEU A 1 19  ? 2.280   -21.574 15.579  1.00 113.83 ? 19  LEU U CA  1 
ATOM 34   C C   . LEU A 1 19  ? 3.428   -20.654 15.966  1.00 113.83 ? 19  LEU U C   1 
ATOM 35   O O   . LEU A 1 19  ? 4.522   -21.112 16.307  1.00 113.83 ? 19  LEU U O   1 
ATOM 36   C CB  . LEU A 1 19  ? 2.105   -21.627 14.064  1.00 113.83 ? 19  LEU U CB  1 
ATOM 37   C CG  . LEU A 1 19  ? 3.183   -22.308 13.225  1.00 113.83 ? 19  LEU U CG  1 
ATOM 38   C CD1 . LEU A 1 19  ? 2.594   -22.716 11.892  1.00 113.83 ? 19  LEU U CD1 1 
ATOM 39   C CD2 . LEU A 1 19  ? 4.391   -21.408 13.015  1.00 113.83 ? 19  LEU U CD2 1 
ATOM 40   N N   . ILE A 1 20  ? 3.206   -19.348 15.901  1.00 104.74 ? 20  ILE U N   1 
ATOM 41   C CA  . ILE A 1 20  ? 4.233   -18.427 16.362  1.00 104.74 ? 20  ILE U CA  1 
ATOM 42   C C   . ILE A 1 20  ? 4.344   -18.452 17.878  1.00 104.74 ? 20  ILE U C   1 
ATOM 43   O O   . ILE A 1 20  ? 5.427   -18.259 18.436  1.00 104.74 ? 20  ILE U O   1 
ATOM 44   C CB  . ILE A 1 20  ? 3.950   -17.015 15.830  1.00 104.74 ? 20  ILE U CB  1 
ATOM 45   C CG1 . ILE A 1 20  ? 3.984   -17.022 14.307  1.00 104.74 ? 20  ILE U CG1 1 
ATOM 46   C CG2 . ILE A 1 20  ? 5.000   -16.056 16.319  1.00 104.74 ? 20  ILE U CG2 1 
ATOM 47   C CD1 . ILE A 1 20  ? 3.374   -15.800 13.687  1.00 104.74 ? 20  ILE U CD1 1 
ATOM 48   N N   . THR A 1 21  ? 3.236   -18.707 18.570  1.00 100.09 ? 21  THR U N   1 
ATOM 49   C CA  . THR A 1 21  ? 3.283   -18.977 20.003  1.00 100.09 ? 21  THR U CA  1 
ATOM 50   C C   . THR A 1 21  ? 4.162   -20.172 20.348  1.00 100.09 ? 21  THR U C   1 
ATOM 51   O O   . THR A 1 21  ? 5.038   -20.083 21.214  1.00 100.09 ? 21  THR U O   1 
ATOM 52   C CB  . THR A 1 21  ? 1.871   -19.232 20.516  1.00 100.09 ? 21  THR U CB  1 
ATOM 53   O OG1 . THR A 1 21  ? 1.011   -18.171 20.097  1.00 100.09 ? 21  THR U OG1 1 
ATOM 54   C CG2 . THR A 1 21  ? 1.873   -19.314 22.019  1.00 100.09 ? 21  THR U CG2 1 
ATOM 55   N N   . ASN A 1 22  ? 3.962   -21.291 19.660  1.00 95.92  ? 22  ASN U N   1 
ATOM 56   C CA  . ASN A 1 22  ? 4.716   -22.500 19.966  1.00 95.92  ? 22  ASN U CA  1 
ATOM 57   C C   . ASN A 1 22  ? 6.212   -22.284 19.848  1.00 95.92  ? 22  ASN U C   1 
ATOM 58   O O   . ASN A 1 22  ? 6.971   -22.686 20.733  1.00 95.92  ? 22  ASN U O   1 
ATOM 59   C CB  . ASN A 1 22  ? 4.279   -23.623 19.038  1.00 95.92  ? 22  ASN U CB  1 
ATOM 60   C CG  . ASN A 1 22  ? 2.884   -24.102 19.334  1.00 95.92  ? 22  ASN U CG  1 
ATOM 61   O OD1 . ASN A 1 22  ? 2.255   -23.659 20.293  1.00 95.92  ? 22  ASN U OD1 1 
ATOM 62   N ND2 . ASN A 1 22  ? 2.381   -25.003 18.502  1.00 95.92  ? 22  ASN U ND2 1 
ATOM 63   N N   . ALA A 1 23  ? 6.649   -21.604 18.796  1.00 90.01  ? 23  ALA U N   1 
ATOM 64   C CA  . ALA A 1 23  ? 8.068   -21.304 18.643  1.00 90.01  ? 23  ALA U CA  1 
ATOM 65   C C   . ALA A 1 23  ? 8.586   -20.515 19.830  1.00 90.01  ? 23  ALA U C   1 
ATOM 66   O O   . ALA A 1 23  ? 9.632   -20.830 20.405  1.00 90.01  ? 23  ALA U O   1 
ATOM 67   C CB  . ALA A 1 23  ? 8.292   -20.536 17.345  1.00 90.01  ? 23  ALA U CB  1 
ATOM 68   N N   . LYS A 1 24  ? 7.848   -19.495 20.219  1.00 90.43  ? 24  LYS U N   1 
ATOM 69   C CA  . LYS A 1 24  ? 8.231   -18.683 21.355  1.00 90.43  ? 24  LYS U CA  1 
ATOM 70   C C   . LYS A 1 24  ? 8.194   -19.486 22.644  1.00 90.43  ? 24  LYS U C   1 
ATOM 71   O O   . LYS A 1 24  ? 8.942   -19.189 23.580  1.00 90.43  ? 24  LYS U O   1 
ATOM 72   C CB  . LYS A 1 24  ? 7.317   -17.469 21.414  1.00 90.43  ? 24  LYS U CB  1 
ATOM 73   C CG  . LYS A 1 24  ? 7.568   -16.540 20.244  1.00 90.43  ? 24  LYS U CG  1 
ATOM 74   C CD  . LYS A 1 24  ? 6.610   -15.382 20.198  1.00 90.43  ? 24  LYS U CD  1 
ATOM 75   C CE  . LYS A 1 24  ? 6.894   -14.532 18.977  1.00 90.43  ? 24  LYS U CE  1 
ATOM 76   N NZ  . LYS A 1 24  ? 5.999   -13.348 18.885  1.00 90.43  ? 24  LYS U NZ  1 
ATOM 77   N N   . VAL A 1 25  ? 7.362   -20.524 22.695  1.00 87.81  ? 25  VAL U N   1 
ATOM 78   C CA  . VAL A 1 25  ? 7.374   -21.452 23.824  1.00 87.81  ? 25  VAL U CA  1 
ATOM 79   C C   . VAL A 1 25  ? 8.684   -22.232 23.880  1.00 87.81  ? 25  VAL U C   1 
ATOM 80   O O   . VAL A 1 25  ? 9.396   -22.200 24.888  1.00 87.81  ? 25  VAL U O   1 
ATOM 81   C CB  . VAL A 1 25  ? 6.163   -22.398 23.737  1.00 87.81  ? 25  VAL U CB  1 
ATOM 82   C CG1 . VAL A 1 25  ? 6.427   -23.680 24.479  1.00 87.81  ? 25  VAL U CG1 1 
ATOM 83   C CG2 . VAL A 1 25  ? 4.919   -21.733 24.269  1.00 87.81  ? 25  VAL U CG2 1 
ATOM 84   N N   . HIS A 1 26  ? 9.050   -22.895 22.784  1.00 85.84  ? 26  HIS U N   1 
ATOM 85   C CA  . HIS A 1 26  ? 10.256  -23.717 22.761  1.00 85.84  ? 26  HIS U CA  1 
ATOM 86   C C   . HIS A 1 26  ? 11.505  -22.936 23.105  1.00 85.84  ? 26  HIS U C   1 
ATOM 87   O O   . HIS A 1 26  ? 12.464  -23.506 23.630  1.00 85.84  ? 26  HIS U O   1 
ATOM 88   C CB  . HIS A 1 26  ? 10.431  -24.346 21.386  1.00 85.84  ? 26  HIS U CB  1 
ATOM 89   C CG  . HIS A 1 26  ? 9.714   -25.644 21.232  1.00 85.84  ? 26  HIS U CG  1 
ATOM 90   N ND1 . HIS A 1 26  ? 10.311  -26.855 21.500  1.00 85.84  ? 26  HIS U ND1 1 
ATOM 91   C CD2 . HIS A 1 26  ? 8.435   -25.919 20.880  1.00 85.84  ? 26  HIS U CD2 1 
ATOM 92   C CE1 . HIS A 1 26  ? 9.433   -27.822 21.299  1.00 85.84  ? 26  HIS U CE1 1 
ATOM 93   N NE2 . HIS A 1 26  ? 8.288   -27.280 20.924  1.00 85.84  ? 26  HIS U NE2 1 
ATOM 94   N N   . ILE A 1 27  ? 11.528  -21.647 22.808  1.00 84.76  ? 27  ILE U N   1 
ATOM 95   C CA  . ILE A 1 27  ? 12.678  -20.837 23.176  1.00 84.76  ? 27  ILE U CA  1 
ATOM 96   C C   . ILE A 1 27  ? 12.932  -20.917 24.674  1.00 84.76  ? 27  ILE U C   1 
ATOM 97   O O   . ILE A 1 27  ? 14.083  -20.924 25.124  1.00 84.76  ? 27  ILE U O   1 
ATOM 98   C CB  . ILE A 1 27  ? 12.468  -19.395 22.705  1.00 84.76  ? 27  ILE U CB  1 
ATOM 99   C CG1 . ILE A 1 27  ? 12.517  -19.348 21.187  1.00 84.76  ? 27  ILE U CG1 1 
ATOM 100  C CG2 . ILE A 1 27  ? 13.568  -18.513 23.234  1.00 84.76  ? 27  ILE U CG2 1 
ATOM 101  C CD1 . ILE A 1 27  ? 11.954  -18.088 20.615  1.00 84.76  ? 27  ILE U CD1 1 
ATOM 102  N N   . HIS A 1 28  ? 11.870  -20.999 25.472  1.00 88.68  ? 28  HIS U N   1 
ATOM 103  C CA  . HIS A 1 28  ? 12.061  -21.079 26.916  1.00 88.68  ? 28  HIS U CA  1 
ATOM 104  C C   . HIS A 1 28  ? 12.576  -22.432 27.380  1.00 88.68  ? 28  HIS U C   1 
ATOM 105  O O   . HIS A 1 28  ? 13.359  -22.495 28.332  1.00 88.68  ? 28  HIS U O   1 
ATOM 106  C CB  . HIS A 1 28  ? 10.748  -20.801 27.635  1.00 88.68  ? 28  HIS U CB  1 
ATOM 107  C CG  . HIS A 1 28  ? 10.251  -19.406 27.472  1.00 88.68  ? 28  HIS U CG  1 
ATOM 108  N ND1 . HIS A 1 28  ? 9.530   -19.001 26.371  1.00 88.68  ? 28  HIS U ND1 1 
ATOM 109  C CD2 . HIS A 1 28  ? 10.373  -18.316 28.266  1.00 88.68  ? 28  HIS U CD2 1 
ATOM 110  C CE1 . HIS A 1 28  ? 9.221   -17.723 26.498  1.00 88.68  ? 28  HIS U CE1 1 
ATOM 111  N NE2 . HIS A 1 28  ? 9.722   -17.284 27.638  1.00 88.68  ? 28  HIS U NE2 1 
ATOM 112  N N   . LYS A 1 29  ? 12.184  -23.517 26.716  1.00 85.81  ? 29  LYS U N   1 
ATOM 113  C CA  . LYS A 1 29  ? 12.749  -24.816 27.053  1.00 85.81  ? 29  LYS U CA  1 
ATOM 114  C C   . LYS A 1 29  ? 14.229  -24.840 26.753  1.00 85.81  ? 29  LYS U C   1 
ATOM 115  O O   . LYS A 1 29  ? 15.042  -25.242 27.588  1.00 85.81  ? 29  LYS U O   1 
ATOM 116  C CB  . LYS A 1 29  ? 12.051  -25.922 26.274  1.00 85.81  ? 29  LYS U CB  1 
ATOM 117  C CG  . LYS A 1 29  ? 10.644  -26.180 26.697  1.00 85.81  ? 29  LYS U CG  1 
ATOM 118  C CD  . LYS A 1 29  ? 10.047  -27.270 25.851  1.00 85.81  ? 29  LYS U CD  1 
ATOM 119  C CE  . LYS A 1 29  ? 8.634   -27.567 26.275  1.00 85.81  ? 29  LYS U CE  1 
ATOM 120  N NZ  . LYS A 1 29  ? 8.044   -28.624 25.421  1.00 85.81  ? 29  LYS U NZ  1 
ATOM 121  N N   . LEU A 1 30  ? 14.594  -24.358 25.574  1.00 86.28  ? 30  LEU U N   1 
ATOM 122  C CA  . LEU A 1 30  ? 15.986  -24.347 25.172  1.00 86.28  ? 30  LEU U CA  1 
ATOM 123  C C   . LEU A 1 30  ? 16.807  -23.532 26.147  1.00 86.28  ? 30  LEU U C   1 
ATOM 124  O O   . LEU A 1 30  ? 17.922  -23.912 26.509  1.00 86.28  ? 30  LEU U O   1 
ATOM 125  C CB  . LEU A 1 30  ? 16.079  -23.765 23.766  1.00 86.28  ? 30  LEU U CB  1 
ATOM 126  C CG  . LEU A 1 30  ? 15.424  -24.668 22.729  1.00 86.28  ? 30  LEU U CG  1 
ATOM 127  C CD1 . LEU A 1 30  ? 15.252  -23.957 21.423  1.00 86.28  ? 30  LEU U CD1 1 
ATOM 128  C CD2 . LEU A 1 30  ? 16.260  -25.899 22.549  1.00 86.28  ? 30  LEU U CD2 1 
ATOM 129  N N   . ASN A 1 31  ? 16.258  -22.420 26.603  1.00 89.10  ? 31  ASN U N   1 
ATOM 130  C CA  . ASN A 1 31  ? 16.939  -21.623 27.607  1.00 89.10  ? 31  ASN U CA  1 
ATOM 131  C C   . ASN A 1 31  ? 17.006  -22.332 28.951  1.00 89.10  ? 31  ASN U C   1 
ATOM 132  O O   . ASN A 1 31  ? 18.021  -22.249 29.647  1.00 89.10  ? 31  ASN U O   1 
ATOM 133  C CB  . ASN A 1 31  ? 16.218  -20.290 27.744  1.00 89.10  ? 31  ASN U CB  1 
ATOM 134  C CG  . ASN A 1 31  ? 16.493  -19.373 26.582  1.00 89.10  ? 31  ASN U CG  1 
ATOM 135  O OD1 . ASN A 1 31  ? 17.589  -18.840 26.447  1.00 89.10  ? 31  ASN U OD1 1 
ATOM 136  N ND2 . ASN A 1 31  ? 15.504  -19.215 25.708  1.00 89.10  ? 31  ASN U ND2 1 
ATOM 137  N N   . LEU A 1 32  ? 15.948  -23.052 29.324  1.00 93.59  ? 32  LEU U N   1 
ATOM 138  C CA  . LEU A 1 32  ? 15.937  -23.770 30.600  1.00 93.59  ? 32  LEU U CA  1 
ATOM 139  C C   . LEU A 1 32  ? 17.080  -24.770 30.722  1.00 93.59  ? 32  LEU U C   1 
ATOM 140  O O   . LEU A 1 32  ? 17.820  -24.772 31.712  1.00 93.59  ? 32  LEU U O   1 
ATOM 141  C CB  . LEU A 1 32  ? 14.593  -24.477 30.761  1.00 93.59  ? 32  LEU U CB  1 
ATOM 142  C CG  . LEU A 1 32  ? 14.442  -25.487 31.895  1.00 93.59  ? 32  LEU U CG  1 
ATOM 143  C CD1 . LEU A 1 32  ? 14.700  -24.832 33.227  1.00 93.59  ? 32  LEU U CD1 1 
ATOM 144  C CD2 . LEU A 1 32  ? 13.054  -26.082 31.867  1.00 93.59  ? 32  LEU U CD2 1 
ATOM 145  N N   . VAL A 1 33  ? 17.256  -25.611 29.710  1.00 92.70  ? 33  VAL U N   1 
ATOM 146  C CA  . VAL A 1 33  ? 18.351  -26.573 29.700  1.00 92.70  ? 33  VAL U CA  1 
ATOM 147  C C   . VAL A 1 33  ? 19.696  -25.871 29.769  1.00 92.70  ? 33  VAL U C   1 
ATOM 148  O O   . VAL A 1 33  ? 20.617  -26.326 30.454  1.00 92.70  ? 33  VAL U O   1 
ATOM 149  C CB  . VAL A 1 33  ? 18.235  -27.472 28.461  1.00 92.70  ? 33  VAL U CB  1 
ATOM 150  C CG1 . VAL A 1 33  ? 19.460  -28.319 28.315  1.00 92.70  ? 33  VAL U CG1 1 
ATOM 151  C CG2 . VAL A 1 33  ? 17.004  -28.337 28.576  1.00 92.70  ? 33  VAL U CG2 1 
ATOM 152  N N   . ASN A 1 34  ? 19.815  -24.724 29.109  1.00 94.26  ? 34  ASN U N   1 
ATOM 153  C CA  . ASN A 1 34  ? 21.077  -23.997 29.119  1.00 94.26  ? 34  ASN U CA  1 
ATOM 154  C C   . ASN A 1 34  ? 21.446  -23.537 30.513  1.00 94.26  ? 34  ASN U C   1 
ATOM 155  O O   . ASN A 1 34  ? 22.629  -23.347 30.808  1.00 94.26  ? 34  ASN U O   1 
ATOM 156  C CB  . ASN A 1 34  ? 20.985  -22.811 28.175  1.00 94.26  ? 34  ASN U CB  1 
ATOM 157  C CG  . ASN A 1 34  ? 20.782  -23.240 26.749  1.00 94.26  ? 34  ASN U CG  1 
ATOM 158  O OD1 . ASN A 1 34  ? 20.773  -24.433 26.452  1.00 94.26  ? 34  ASN U OD1 1 
ATOM 159  N ND2 . ASN A 1 34  ? 20.589  -22.278 25.857  1.00 94.26  ? 34  ASN U ND2 1 
ATOM 160  N N   . ARG A 1 35  ? 20.462  -23.351 31.382  1.00 98.55  ? 35  ARG U N   1 
ATOM 161  C CA  . ARG A 1 35  ? 20.788  -23.141 32.783  1.00 98.55  ? 35  ARG U CA  1 
ATOM 162  C C   . ARG A 1 35  ? 21.402  -24.403 33.364  1.00 98.55  ? 35  ARG U C   1 
ATOM 163  O O   . ARG A 1 35  ? 22.476  -24.373 33.975  1.00 98.55  ? 35  ARG U O   1 
ATOM 164  C CB  . ARG A 1 35  ? 19.535  -22.783 33.582  1.00 98.55  ? 35  ARG U CB  1 
ATOM 165  C CG  . ARG A 1 35  ? 18.640  -21.691 33.035  1.00 98.55  ? 35  ARG U CG  1 
ATOM 166  C CD  . ARG A 1 35  ? 17.448  -21.523 33.971  1.00 98.55  ? 35  ARG U CD  1 
ATOM 167  N NE  . ARG A 1 35  ? 16.308  -20.864 33.351  1.00 98.55  ? 35  ARG U NE  1 
ATOM 168  C CZ  . ARG A 1 35  ? 15.052  -21.030 33.742  1.00 98.55  ? 35  ARG U CZ  1 
ATOM 169  N NH1 . ARG A 1 35  ? 14.748  -21.768 34.795  1.00 98.55  ? 35  ARG U NH1 1 
ATOM 170  N NH2 . ARG A 1 35  ? 14.077  -20.435 33.064  1.00 98.55  ? 35  ARG U NH2 1 
ATOM 171  N N   . ASN A 1 36  ? 20.729  -25.531 33.141  1.00 108.44 ? 36  ASN U N   1 
ATOM 172  C CA  . ASN A 1 36  ? 21.068  -26.788 33.796  1.00 108.44 ? 36  ASN U CA  1 
ATOM 173  C C   . ASN A 1 36  ? 22.485  -27.237 33.477  1.00 108.44 ? 36  ASN U C   1 
ATOM 174  O O   . ASN A 1 36  ? 23.275  -27.524 34.382  1.00 108.44 ? 36  ASN U O   1 
ATOM 175  C CB  . ASN A 1 36  ? 20.054  -27.836 33.333  1.00 108.44 ? 36  ASN U CB  1 
ATOM 176  C CG  . ASN A 1 36  ? 20.230  -29.178 33.991  1.00 108.44 ? 36  ASN U CG  1 
ATOM 177  O OD1 . ASN A 1 36  ? 21.255  -29.467 34.597  1.00 108.44 ? 36  ASN U OD1 1 
ATOM 178  N ND2 . ASN A 1 36  ? 19.221  -30.026 33.849  1.00 108.44 ? 36  ASN U ND2 1 
ATOM 179  N N   . TYR A 1 37  ? 22.843  -27.261 32.203  1.00 111.09 ? 37  TYR U N   1 
ATOM 180  C CA  . TYR A 1 37  ? 24.180  -27.701 31.839  1.00 111.09 ? 37  TYR U CA  1 
ATOM 181  C C   . TYR A 1 37  ? 25.252  -26.721 32.267  1.00 111.09 ? 37  TYR U C   1 
ATOM 182  O O   . TYR A 1 37  ? 26.385  -27.128 32.540  1.00 111.09 ? 37  TYR U O   1 
ATOM 183  C CB  . TYR A 1 37  ? 24.258  -27.995 30.347  1.00 111.09 ? 37  TYR U CB  1 
ATOM 184  C CG  . TYR A 1 37  ? 23.330  -29.104 29.913  1.00 111.09 ? 37  TYR U CG  1 
ATOM 185  C CD1 . TYR A 1 37  ? 22.647  -29.868 30.848  1.00 111.09 ? 37  TYR U CD1 1 
ATOM 186  C CD2 . TYR A 1 37  ? 23.159  -29.408 28.576  1.00 111.09 ? 37  TYR U CD2 1 
ATOM 187  C CE1 . TYR A 1 37  ? 21.815  -30.888 30.466  1.00 111.09 ? 37  TYR U CE1 1 
ATOM 188  C CE2 . TYR A 1 37  ? 22.324  -30.426 28.183  1.00 111.09 ? 37  TYR U CE2 1 
ATOM 189  C CZ  . TYR A 1 37  ? 21.655  -31.164 29.135  1.00 111.09 ? 37  TYR U CZ  1 
ATOM 190  O OH  . TYR A 1 37  ? 20.806  -32.178 28.762  1.00 111.09 ? 37  TYR U OH  1 
ATOM 191  N N   . THR A 1 38  ? 24.927  -25.437 32.345  1.00 107.43 ? 38  THR U N   1 
ATOM 192  C CA  . THR A 1 38  ? 25.886  -24.499 32.907  1.00 107.43 ? 38  THR U CA  1 
ATOM 193  C C   . THR A 1 38  ? 26.290  -24.878 34.324  1.00 107.43 ? 38  THR U C   1 
ATOM 194  O O   . THR A 1 38  ? 27.475  -24.823 34.670  1.00 107.43 ? 38  THR U O   1 
ATOM 195  C CB  . THR A 1 38  ? 25.292  -23.097 32.893  1.00 107.43 ? 38  THR U CB  1 
ATOM 196  O OG1 . THR A 1 38  ? 25.105  -22.674 31.539  1.00 107.43 ? 38  THR U OG1 1 
ATOM 197  C CG2 . THR A 1 38  ? 26.222  -22.135 33.591  1.00 107.43 ? 38  THR U CG2 1 
ATOM 198  N N   . LYS A 1 39  ? 25.330  -25.285 35.155  1.00 117.77 ? 39  LYS U N   1 
ATOM 199  C CA  . LYS A 1 39  ? 25.668  -25.712 36.510  1.00 117.77 ? 39  LYS U CA  1 
ATOM 200  C C   . LYS A 1 39  ? 26.591  -26.926 36.513  1.00 117.77 ? 39  LYS U C   1 
ATOM 201  O O   . LYS A 1 39  ? 27.631  -26.933 37.183  1.00 117.77 ? 39  LYS U O   1 
ATOM 202  C CB  . LYS A 1 39  ? 24.392  -26.018 37.292  1.00 117.77 ? 39  LYS U CB  1 
ATOM 203  C CG  . LYS A 1 39  ? 23.520  -24.812 37.559  1.00 117.77 ? 39  LYS U CG  1 
ATOM 204  C CD  . LYS A 1 39  ? 22.348  -25.168 38.467  1.00 117.77 ? 39  LYS U CD  1 
ATOM 205  C CE  . LYS A 1 39  ? 21.476  -23.952 38.758  1.00 117.77 ? 39  LYS U CE  1 
ATOM 206  N NZ  . LYS A 1 39  ? 20.341  -24.275 39.667  1.00 117.77 ? 39  LYS U NZ  1 
ATOM 207  N N   . ARG A 1 40  ? 26.245  -27.949 35.732  1.00 119.18 ? 40  ARG U N   1 
ATOM 208  C CA  . ARG A 1 40  ? 27.060  -29.155 35.671  1.00 119.18 ? 40  ARG U CA  1 
ATOM 209  C C   . ARG A 1 40  ? 28.454  -28.877 35.150  1.00 119.18 ? 40  ARG U C   1 
ATOM 210  O O   . ARG A 1 40  ? 29.416  -29.516 35.585  1.00 119.18 ? 40  ARG U O   1 
ATOM 211  C CB  . ARG A 1 40  ? 26.388  -30.197 34.788  1.00 119.18 ? 40  ARG U CB  1 
ATOM 212  C CG  . ARG A 1 40  ? 25.087  -30.724 35.322  1.00 119.18 ? 40  ARG U CG  1 
ATOM 213  C CD  . ARG A 1 40  ? 24.634  -31.868 34.456  1.00 119.18 ? 40  ARG U CD  1 
ATOM 214  N NE  . ARG A 1 40  ? 23.311  -32.355 34.815  1.00 119.18 ? 40  ARG U NE  1 
ATOM 215  C CZ  . ARG A 1 40  ? 22.764  -33.449 34.306  1.00 119.18 ? 40  ARG U CZ  1 
ATOM 216  N NH1 . ARG A 1 40  ? 23.418  -34.212 33.448  1.00 119.18 ? 40  ARG U NH1 1 
ATOM 217  N NH2 . ARG A 1 40  ? 21.535  -33.792 34.673  1.00 119.18 ? 40  ARG U NH2 1 
ATOM 218  N N   . ALA A 1 41  ? 28.589  -27.916 34.242  1.00 122.67 ? 41  ALA U N   1 
ATOM 219  C CA  . ALA A 1 41  ? 29.911  -27.558 33.753  1.00 122.67 ? 41  ALA U CA  1 
ATOM 220  C C   . ALA A 1 41  ? 30.814  -27.126 34.893  1.00 122.67 ? 41  ALA U C   1 
ATOM 221  O O   . ALA A 1 41  ? 31.944  -27.608 35.026  1.00 122.67 ? 41  ALA U O   1 
ATOM 222  C CB  . ALA A 1 41  ? 29.796  -26.450 32.712  1.00 122.67 ? 41  ALA U CB  1 
ATOM 223  N N   . GLU A 1 42  ? 30.331  -26.223 35.735  1.00 130.32 ? 42  GLU U N   1 
ATOM 224  C CA  . GLU A 1 42  ? 31.137  -25.792 36.866  1.00 130.32 ? 42  GLU U CA  1 
ATOM 225  C C   . GLU A 1 42  ? 31.380  -26.921 37.853  1.00 130.32 ? 42  GLU U C   1 
ATOM 226  O O   . GLU A 1 42  ? 32.487  -27.057 38.387  1.00 130.32 ? 42  GLU U O   1 
ATOM 227  C CB  . GLU A 1 42  ? 30.470  -24.611 37.550  1.00 130.32 ? 42  GLU U CB  1 
ATOM 228  C CG  . GLU A 1 42  ? 30.510  -23.382 36.687  1.00 130.32 ? 42  GLU U CG  1 
ATOM 229  C CD  . GLU A 1 42  ? 31.925  -23.002 36.307  1.00 130.32 ? 42  GLU U CD  1 
ATOM 230  O OE1 . GLU A 1 42  ? 32.840  -23.206 37.132  1.00 130.32 ? 42  GLU U OE1 1 
ATOM 231  O OE2 . GLU A 1 42  ? 32.124  -22.513 35.177  1.00 130.32 ? 42  GLU U OE2 1 
ATOM 232  N N   . ILE A 1 43  ? 30.365  -27.747 38.098  1.00 133.17 ? 43  ILE U N   1 
ATOM 233  C CA  . ILE A 1 43  ? 30.537  -28.899 38.977  1.00 133.17 ? 43  ILE U CA  1 
ATOM 234  C C   . ILE A 1 43  ? 31.675  -29.787 38.499  1.00 133.17 ? 43  ILE U C   1 
ATOM 235  O O   . ILE A 1 43  ? 32.544  -30.188 39.282  1.00 133.17 ? 43  ILE U O   1 
ATOM 236  C CB  . ILE A 1 43  ? 29.224  -29.691 39.073  1.00 133.17 ? 43  ILE U CB  1 
ATOM 237  C CG1 . ILE A 1 43  ? 28.206  -28.931 39.917  1.00 133.17 ? 43  ILE U CG1 1 
ATOM 238  C CG2 . ILE A 1 43  ? 29.477  -31.082 39.615  1.00 133.17 ? 43  ILE U CG2 1 
ATOM 239  C CD1 . ILE A 1 43  ? 26.812  -29.482 39.808  1.00 133.17 ? 43  ILE U CD1 1 
ATOM 240  N N   . SER A 1 44  ? 31.712  -30.075 37.203  1.00 139.06 ? 44  SER U N   1 
ATOM 241  C CA  . SER A 1 44  ? 32.805  -30.874 36.671  1.00 139.06 ? 44  SER U CA  1 
ATOM 242  C C   . SER A 1 44  ? 34.141  -30.182 36.873  1.00 139.06 ? 44  SER U C   1 
ATOM 243  O O   . SER A 1 44  ? 35.144  -30.829 37.192  1.00 139.06 ? 44  SER U O   1 
ATOM 244  C CB  . SER A 1 44  ? 32.566  -31.174 35.195  1.00 139.06 ? 44  SER U CB  1 
ATOM 245  O OG  . SER A 1 44  ? 31.312  -31.802 35.015  1.00 139.06 ? 44  SER U OG  1 
ATOM 246  N N   . ARG A 1 45  ? 34.173  -28.863 36.713  1.00 142.74 ? 45  ARG U N   1 
ATOM 247  C CA  . ARG A 1 45  ? 35.423  -28.141 36.896  1.00 142.74 ? 45  ARG U CA  1 
ATOM 248  C C   . ARG A 1 45  ? 35.888  -28.182 38.341  1.00 142.74 ? 45  ARG U C   1 
ATOM 249  O O   . ARG A 1 45  ? 37.092  -28.232 38.610  1.00 142.74 ? 45  ARG U O   1 
ATOM 250  C CB  . ARG A 1 45  ? 35.263  -26.701 36.434  1.00 142.74 ? 45  ARG U CB  1 
ATOM 251  C CG  . ARG A 1 45  ? 36.570  -26.043 36.073  1.00 142.74 ? 45  ARG U CG  1 
ATOM 252  C CD  . ARG A 1 45  ? 36.329  -24.692 35.455  1.00 142.74 ? 45  ARG U CD  1 
ATOM 253  N NE  . ARG A 1 45  ? 37.565  -24.070 35.003  1.00 142.74 ? 45  ARG U NE  1 
ATOM 254  C CZ  . ARG A 1 45  ? 37.635  -22.847 34.498  1.00 142.74 ? 45  ARG U CZ  1 
ATOM 255  N NH1 . ARG A 1 45  ? 36.554  -22.099 34.350  1.00 142.74 ? 45  ARG U NH1 1 
ATOM 256  N NH2 . ARG A 1 45  ? 38.818  -22.364 34.130  1.00 142.74 ? 45  ARG U NH2 1 
ATOM 257  N N   . LYS A 1 46  ? 34.953  -28.150 39.283  1.00 143.27 ? 46  LYS U N   1 
ATOM 258  C CA  . LYS A 1 46  ? 35.321  -28.314 40.684  1.00 143.27 ? 46  LYS U CA  1 
ATOM 259  C C   . LYS A 1 46  ? 35.969  -29.669 40.951  1.00 143.27 ? 46  LYS U C   1 
ATOM 260  O O   . LYS A 1 46  ? 36.996  -29.750 41.635  1.00 143.27 ? 46  LYS U O   1 
ATOM 261  C CB  . LYS A 1 46  ? 34.077  -28.146 41.546  1.00 143.27 ? 46  LYS U CB  1 
ATOM 262  C CG  . LYS A 1 46  ? 33.546  -26.734 41.555  1.00 143.27 ? 46  LYS U CG  1 
ATOM 263  C CD  . LYS A 1 46  ? 32.224  -26.658 42.287  1.00 143.27 ? 46  LYS U CD  1 
ATOM 264  C CE  . LYS A 1 46  ? 31.680  -25.244 42.281  1.00 143.27 ? 46  LYS U CE  1 
ATOM 265  N NZ  . LYS A 1 46  ? 30.400  -25.148 43.033  1.00 143.27 ? 46  LYS U NZ  1 
ATOM 266  N N   . ASN A 1 47  ? 35.394  -30.739 40.403  1.00 147.18 ? 47  ASN U N   1 
ATOM 267  C CA  . ASN A 1 47  ? 35.979  -32.068 40.561  1.00 147.18 ? 47  ASN U CA  1 
ATOM 268  C C   . ASN A 1 47  ? 37.373  -32.162 39.958  1.00 147.18 ? 47  ASN U C   1 
ATOM 269  O O   . ASN A 1 47  ? 38.261  -32.803 40.529  1.00 147.18 ? 47  ASN U O   1 
ATOM 270  C CB  . ASN A 1 47  ? 35.064  -33.098 39.911  1.00 147.18 ? 47  ASN U CB  1 
ATOM 271  C CG  . ASN A 1 47  ? 33.913  -33.489 40.792  1.00 147.18 ? 47  ASN U CG  1 
ATOM 272  O OD1 . ASN A 1 47  ? 33.954  -34.516 41.460  1.00 147.18 ? 47  ASN U OD1 1 
ATOM 273  N ND2 . ASN A 1 47  ? 32.880  -32.660 40.816  1.00 147.18 ? 47  ASN U ND2 1 
ATOM 274  N N   . ALA A 1 48  ? 37.587  -31.519 38.814  1.00 156.03 ? 48  ALA U N   1 
ATOM 275  C CA  . ALA A 1 48  ? 38.921  -31.473 38.230  1.00 156.03 ? 48  ALA U CA  1 
ATOM 276  C C   . ALA A 1 48  ? 39.910  -30.813 39.175  1.00 156.03 ? 48  ALA U C   1 
ATOM 277  O O   . ALA A 1 48  ? 40.996  -31.344 39.430  1.00 156.03 ? 48  ALA U O   1 
ATOM 278  C CB  . ALA A 1 48  ? 38.883  -30.734 36.898  1.00 156.03 ? 48  ALA U CB  1 
ATOM 279  N N   . LYS A 1 49  ? 39.545  -29.647 39.698  1.00 154.46 ? 49  LYS U N   1 
ATOM 280  C CA  . LYS A 1 49  ? 40.422  -28.927 40.609  1.00 154.46 ? 49  LYS U CA  1 
ATOM 281  C C   . LYS A 1 49  ? 40.777  -29.780 41.815  1.00 154.46 ? 49  LYS U C   1 
ATOM 282  O O   . LYS A 1 49  ? 41.926  -29.784 42.270  1.00 154.46 ? 49  LYS U O   1 
ATOM 283  C CB  . LYS A 1 49  ? 39.718  -27.651 41.053  1.00 154.46 ? 49  LYS U CB  1 
ATOM 284  C CG  . LYS A 1 49  ? 39.598  -26.629 39.951  1.00 154.46 ? 49  LYS U CG  1 
ATOM 285  C CD  . LYS A 1 49  ? 38.708  -25.477 40.366  1.00 154.46 ? 49  LYS U CD  1 
ATOM 286  C CE  . LYS A 1 49  ? 38.608  -24.448 39.256  1.00 154.46 ? 49  LYS U CE  1 
ATOM 287  N NZ  . LYS A 1 49  ? 37.778  -23.282 39.649  1.00 154.46 ? 49  LYS U NZ  1 
ATOM 288  N N   . ILE A 1 50  ? 39.800  -30.515 42.342  1.00 158.75 ? 50  ILE U N   1 
ATOM 289  C CA  . ILE A 1 50  ? 40.065  -31.443 43.434  1.00 158.75 ? 50  ILE U CA  1 
ATOM 290  C C   . ILE A 1 50  ? 41.021  -32.545 42.998  1.00 158.75 ? 50  ILE U C   1 
ATOM 291  O O   . ILE A 1 50  ? 42.033  -32.812 43.657  1.00 158.75 ? 50  ILE U O   1 
ATOM 292  C CB  . ILE A 1 50  ? 38.743  -32.027 43.957  1.00 158.75 ? 50  ILE U CB  1 
ATOM 293  C CG1 . ILE A 1 50  ? 37.969  -30.958 44.727  1.00 158.75 ? 50  ILE U CG1 1 
ATOM 294  C CG2 . ILE A 1 50  ? 39.001  -33.251 44.813  1.00 158.75 ? 50  ILE U CG2 1 
ATOM 295  C CD1 . ILE A 1 50  ? 36.529  -31.321 44.981  1.00 158.75 ? 50  ILE U CD1 1 
ATOM 296  N N   . ALA A 1 51  ? 40.723  -33.193 41.871  1.00 165.35 ? 51  ALA U N   1 
ATOM 297  C CA  . ALA A 1 51  ? 41.533  -34.323 41.432  1.00 165.35 ? 51  ALA U CA  1 
ATOM 298  C C   . ALA A 1 51  ? 42.970  -33.926 41.118  1.00 165.35 ? 51  ALA U C   1 
ATOM 299  O O   . ALA A 1 51  ? 43.882  -34.740 41.295  1.00 165.35 ? 51  ALA U O   1 
ATOM 300  C CB  . ALA A 1 51  ? 40.883  -35.000 40.229  1.00 165.35 ? 51  ALA U CB  1 
ATOM 301  N N   . LEU A 1 52  ? 43.200  -32.699 40.648  1.00 166.19 ? 52  LEU U N   1 
ATOM 302  C CA  . LEU A 1 52  ? 44.576  -32.223 40.565  1.00 166.19 ? 52  LEU U CA  1 
ATOM 303  C C   . LEU A 1 52  ? 45.229  -32.215 41.937  1.00 166.19 ? 52  LEU U C   1 
ATOM 304  O O   . LEU A 1 52  ? 46.380  -32.640 42.092  1.00 166.19 ? 52  LEU U O   1 
ATOM 305  C CB  . LEU A 1 52  ? 44.629  -30.826 39.948  1.00 166.19 ? 52  LEU U CB  1 
ATOM 306  C CG  . LEU A 1 52  ? 44.322  -30.695 38.460  1.00 166.19 ? 52  LEU U CG  1 
ATOM 307  C CD1 . LEU A 1 52  ? 44.399  -29.242 38.032  1.00 166.19 ? 52  LEU U CD1 1 
ATOM 308  C CD2 . LEU A 1 52  ? 45.328  -31.517 37.678  1.00 166.19 ? 52  LEU U CD2 1 
ATOM 309  N N   . ARG A 1 53  ? 44.504  -31.745 42.948  1.00 163.54 ? 53  ARG U N   1 
ATOM 310  C CA  . ARG A 1 53  ? 45.053  -31.729 44.292  1.00 163.54 ? 53  ARG U CA  1 
ATOM 311  C C   . ARG A 1 53  ? 45.128  -33.124 44.884  1.00 163.54 ? 53  ARG U C   1 
ATOM 312  O O   . ARG A 1 53  ? 45.949  -33.364 45.774  1.00 163.54 ? 53  ARG U O   1 
ATOM 313  C CB  . ARG A 1 53  ? 44.214  -30.800 45.155  1.00 163.54 ? 53  ARG U CB  1 
ATOM 314  C CG  . ARG A 1 53  ? 44.477  -29.364 44.785  1.00 163.54 ? 53  ARG U CG  1 
ATOM 315  C CD  . ARG A 1 53  ? 43.414  -28.429 45.290  1.00 163.54 ? 53  ARG U CD  1 
ATOM 316  N NE  . ARG A 1 53  ? 43.716  -27.061 44.887  1.00 163.54 ? 53  ARG U NE  1 
ATOM 317  C CZ  . ARG A 1 53  ? 43.593  -26.608 43.646  1.00 163.54 ? 53  ARG U CZ  1 
ATOM 318  N NH1 . ARG A 1 53  ? 43.111  -27.369 42.675  1.00 163.54 ? 53  ARG U NH1 1 
ATOM 319  N NH2 . ARG A 1 53  ? 43.954  -25.357 43.374  1.00 163.54 ? 53  ARG U NH2 1 
ATOM 320  N N   . ARG A 1 54  ? 44.298  -34.047 44.401  1.00 168.72 ? 54  ARG U N   1 
ATOM 321  C CA  . ARG A 1 54  ? 44.491  -35.455 44.710  1.00 168.72 ? 54  ARG U CA  1 
ATOM 322  C C   . ARG A 1 54  ? 45.768  -36.003 44.100  1.00 168.72 ? 54  ARG U C   1 
ATOM 323  O O   . ARG A 1 54  ? 46.244  -37.057 44.530  1.00 168.72 ? 54  ARG U O   1 
ATOM 324  C CB  . ARG A 1 54  ? 43.340  -36.279 44.147  1.00 168.72 ? 54  ARG U CB  1 
ATOM 325  C CG  . ARG A 1 54  ? 41.960  -35.938 44.629  1.00 168.72 ? 54  ARG U CG  1 
ATOM 326  C CD  . ARG A 1 54  ? 40.996  -36.883 43.942  1.00 168.72 ? 54  ARG U CD  1 
ATOM 327  N NE  . ARG A 1 54  ? 39.633  -36.377 43.893  1.00 168.72 ? 54  ARG U NE  1 
ATOM 328  C CZ  . ARG A 1 54  ? 38.728  -36.779 43.013  1.00 168.72 ? 54  ARG U CZ  1 
ATOM 329  N NH1 . ARG A 1 54  ? 38.997  -37.725 42.129  1.00 168.72 ? 54  ARG U NH1 1 
ATOM 330  N NH2 . ARG A 1 54  ? 37.519  -36.229 43.026  1.00 168.72 ? 54  ARG U NH2 1 
ATOM 331  N N   . GLY A 1 55  ? 46.321  -35.317 43.104  1.00 172.27 ? 55  GLY U N   1 
ATOM 332  C CA  . GLY A 1 55  ? 47.316  -35.901 42.237  1.00 172.27 ? 55  GLY U CA  1 
ATOM 333  C C   . GLY A 1 55  ? 46.756  -36.879 41.228  1.00 172.27 ? 55  GLY U C   1 
ATOM 334  O O   . GLY A 1 55  ? 47.532  -37.496 40.489  1.00 172.27 ? 55  GLY U O   1 
ATOM 335  N N   . GLU A 1 56  ? 45.434  -37.039 41.173  1.00 172.32 ? 56  GLU U N   1 
ATOM 336  C CA  . GLU A 1 56  ? 44.785  -37.942 40.233  1.00 172.32 ? 56  GLU U CA  1 
ATOM 337  C C   . GLU A 1 56  ? 44.608  -37.261 38.886  1.00 172.32 ? 56  GLU U C   1 
ATOM 338  O O   . GLU A 1 56  ? 43.503  -37.216 38.337  1.00 172.32 ? 56  GLU U O   1 
ATOM 339  C CB  . GLU A 1 56  ? 43.453  -38.419 40.804  1.00 172.32 ? 56  GLU U CB  1 
ATOM 340  C CG  . GLU A 1 56  ? 43.641  -39.286 42.040  1.00 172.32 ? 56  GLU U CG  1 
ATOM 341  C CD  . GLU A 1 56  ? 42.339  -39.682 42.697  1.00 172.32 ? 56  GLU U CD  1 
ATOM 342  O OE1 . GLU A 1 56  ? 41.281  -39.594 42.039  1.00 172.32 ? 56  GLU U OE1 1 
ATOM 343  O OE2 . GLU A 1 56  ? 42.373  -40.068 43.882  1.00 172.32 ? 56  GLU U OE2 1 
ATOM 344  N N   . LYS A 1 57  ? 45.707  -36.723 38.360  1.00 167.13 ? 57  LYS U N   1 
ATOM 345  C CA  . LYS A 1 57  ? 45.647  -35.820 37.218  1.00 167.13 ? 57  LYS U CA  1 
ATOM 346  C C   . LYS A 1 57  ? 45.004  -36.474 36.007  1.00 167.13 ? 57  LYS U C   1 
ATOM 347  O O   . LYS A 1 57  ? 44.446  -35.778 35.153  1.00 167.13 ? 57  LYS U O   1 
ATOM 348  C CB  . LYS A 1 57  ? 47.049  -35.317 36.892  1.00 167.13 ? 57  LYS U CB  1 
ATOM 349  C CG  . LYS A 1 57  ? 47.640  -34.506 38.024  1.00 167.13 ? 57  LYS U CG  1 
ATOM 350  C CD  . LYS A 1 57  ? 48.933  -33.837 37.627  1.00 167.13 ? 57  LYS U CD  1 
ATOM 351  C CE  . LYS A 1 57  ? 49.501  -33.049 38.790  1.00 167.13 ? 57  LYS U CE  1 
ATOM 352  N NZ  . LYS A 1 57  ? 50.747  -32.323 38.424  1.00 167.13 ? 57  LYS U NZ  1 
ATOM 353  N N   . THR A 1 58  ? 45.054  -37.803 35.923  1.00 162.55 ? 58  THR U N   1 
ATOM 354  C CA  . THR A 1 58  ? 44.276  -38.516 34.917  1.00 162.55 ? 58  THR U CA  1 
ATOM 355  C C   . THR A 1 58  ? 42.798  -38.172 35.033  1.00 162.55 ? 58  THR U C   1 
ATOM 356  O O   . THR A 1 58  ? 42.195  -37.611 34.110  1.00 162.55 ? 58  THR U O   1 
ATOM 357  C CB  . THR A 1 58  ? 44.482  -40.022 35.089  1.00 162.55 ? 58  THR U CB  1 
ATOM 358  O OG1 . THR A 1 58  ? 45.879  -40.329 35.013  1.00 162.55 ? 58  THR U OG1 1 
ATOM 359  C CG2 . THR A 1 58  ? 43.732  -40.798 34.023  1.00 162.55 ? 58  THR U CG2 1 
ATOM 360  N N   . ARG A 1 59  ? 42.212  -38.470 36.186  1.00 161.73 ? 59  ARG U N   1 
ATOM 361  C CA  . ARG A 1 59  ? 40.812  -38.154 36.436  1.00 161.73 ? 59  ARG U CA  1 
ATOM 362  C C   . ARG A 1 59  ? 40.560  -36.655 36.361  1.00 161.73 ? 59  ARG U C   1 
ATOM 363  O O   . ARG A 1 59  ? 39.520  -36.217 35.858  1.00 161.73 ? 59  ARG U O   1 
ATOM 364  C CB  . ARG A 1 59  ? 40.404  -38.717 37.791  1.00 161.73 ? 59  ARG U CB  1 
ATOM 365  C CG  . ARG A 1 59  ? 40.517  -40.226 37.821  1.00 161.73 ? 59  ARG U CG  1 
ATOM 366  C CD  . ARG A 1 59  ? 40.310  -40.774 39.209  1.00 161.73 ? 59  ARG U CD  1 
ATOM 367  N NE  . ARG A 1 59  ? 40.499  -42.219 39.235  1.00 161.73 ? 59  ARG U NE  1 
ATOM 368  C CZ  . ARG A 1 59  ? 40.772  -42.917 40.328  1.00 161.73 ? 59  ARG U CZ  1 
ATOM 369  N NH1 . ARG A 1 59  ? 40.919  -42.332 41.505  1.00 161.73 ? 59  ARG U NH1 1 
ATOM 370  N NH2 . ARG A 1 59  ? 40.920  -44.234 40.235  1.00 161.73 ? 59  ARG U NH2 1 
ATOM 371  N N   . ALA A 1 60  ? 41.519  -35.856 36.832  1.00 156.94 ? 60  ALA U N   1 
ATOM 372  C CA  . ALA A 1 60  ? 41.390  -34.404 36.777  1.00 156.94 ? 60  ALA U CA  1 
ATOM 373  C C   . ALA A 1 60  ? 41.186  -33.916 35.352  1.00 156.94 ? 60  ALA U C   1 
ATOM 374  O O   . ALA A 1 60  ? 40.242  -33.168 35.073  1.00 156.94 ? 60  ALA U O   1 
ATOM 375  C CB  . ALA A 1 60  ? 42.626  -33.754 37.392  1.00 156.94 ? 60  ALA U CB  1 
ATOM 376  N N   . LYS A 1 61  ? 42.049  -34.327 34.429  1.00 153.35 ? 61  LYS U N   1 
ATOM 377  C CA  . LYS A 1 61  ? 41.847  -33.879 33.063  1.00 153.35 ? 61  LYS U CA  1 
ATOM 378  C C   . LYS A 1 61  ? 40.619  -34.535 32.447  1.00 153.35 ? 61  LYS U C   1 
ATOM 379  O O   . LYS A 1 61  ? 40.039  -33.980 31.508  1.00 153.35 ? 61  LYS U O   1 
ATOM 380  C CB  . LYS A 1 61  ? 43.090  -34.144 32.218  1.00 153.35 ? 61  LYS U CB  1 
ATOM 381  C CG  . LYS A 1 61  ? 43.126  -33.304 30.949  1.00 153.35 ? 61  LYS U CG  1 
ATOM 382  C CD  . LYS A 1 61  ? 44.473  -33.351 30.241  1.00 153.35 ? 61  LYS U CD  1 
ATOM 383  C CE  . LYS A 1 61  ? 44.487  -32.416 29.032  1.00 153.35 ? 61  LYS U CE  1 
ATOM 384  N NZ  . LYS A 1 61  ? 45.786  -32.450 28.299  1.00 153.35 ? 61  LYS U NZ  1 
ATOM 385  N N   . ASN A 1 62  ? 40.174  -35.664 32.995  1.00 148.51 ? 62  ASN U N   1 
ATOM 386  C CA  . ASN A 1 62  ? 38.932  -36.267 32.530  1.00 148.51 ? 62  ASN U CA  1 
ATOM 387  C C   . ASN A 1 62  ? 37.719  -35.438 32.925  1.00 148.51 ? 62  ASN U C   1 
ATOM 388  O O   . ASN A 1 62  ? 36.812  -35.235 32.111  1.00 148.51 ? 62  ASN U O   1 
ATOM 389  C CB  . ASN A 1 62  ? 38.799  -37.675 33.096  1.00 148.51 ? 62  ASN U CB  1 
ATOM 390  C CG  . ASN A 1 62  ? 39.865  -38.598 32.585  1.00 148.51 ? 62  ASN U CG  1 
ATOM 391  O OD1 . ASN A 1 62  ? 40.600  -38.258 31.661  1.00 148.51 ? 62  ASN U OD1 1 
ATOM 392  N ND2 . ASN A 1 62  ? 39.970  -39.775 33.191  1.00 148.51 ? 62  ASN U ND2 1 
ATOM 393  N N   . PHE A 1 63  ? 37.685  -34.934 34.160  1.00 148.32 ? 63  PHE U N   1 
ATOM 394  C CA  . PHE A 1 63  ? 36.662  -33.957 34.511  1.00 148.32 ? 63  PHE U CA  1 
ATOM 395  C C   . PHE A 1 63  ? 36.723  -32.749 33.592  1.00 148.32 ? 63  PHE U C   1 
ATOM 396  O O   . PHE A 1 63  ? 35.694  -32.284 33.095  1.00 148.32 ? 63  PHE U O   1 
ATOM 397  C CB  . PHE A 1 63  ? 36.825  -33.499 35.961  1.00 148.32 ? 63  PHE U CB  1 
ATOM 398  C CG  . PHE A 1 63  ? 36.401  -34.513 36.973  1.00 148.32 ? 63  PHE U CG  1 
ATOM 399  C CD1 . PHE A 1 63  ? 35.114  -35.022 36.966  1.00 148.32 ? 63  PHE U CD1 1 
ATOM 400  C CD2 . PHE A 1 63  ? 37.275  -34.920 37.963  1.00 148.32 ? 63  PHE U CD2 1 
ATOM 401  C CE1 . PHE A 1 63  ? 34.720  -35.952 37.908  1.00 148.32 ? 63  PHE U CE1 1 
ATOM 402  C CE2 . PHE A 1 63  ? 36.888  -35.840 38.906  1.00 148.32 ? 63  PHE U CE2 1 
ATOM 403  C CZ  . PHE A 1 63  ? 35.606  -36.358 38.882  1.00 148.32 ? 63  PHE U CZ  1 
ATOM 404  N N   . LEU A 1 64  ? 37.928  -32.267 33.308  1.00 142.46 ? 64  LEU U N   1 
ATOM 405  C CA  . LEU A 1 64  ? 38.073  -31.193 32.339  1.00 142.46 ? 64  LEU U CA  1 
ATOM 406  C C   . LEU A 1 64  ? 37.556  -31.604 30.972  1.00 142.46 ? 64  LEU U C   1 
ATOM 407  O O   . LEU A 1 64  ? 36.891  -30.815 30.294  1.00 142.46 ? 64  LEU U O   1 
ATOM 408  C CB  . LEU A 1 64  ? 39.531  -30.752 32.262  1.00 142.46 ? 64  LEU U CB  1 
ATOM 409  C CG  . LEU A 1 64  ? 40.044  -30.105 33.541  1.00 142.46 ? 64  LEU U CG  1 
ATOM 410  C CD1 . LEU A 1 64  ? 41.475  -29.670 33.386  1.00 142.46 ? 64  LEU U CD1 1 
ATOM 411  C CD2 . LEU A 1 64  ? 39.164  -28.925 33.881  1.00 142.46 ? 64  LEU U CD2 1 
ATOM 412  N N   . ILE A 1 65  ? 37.793  -32.852 30.577  1.00 140.65 ? 65  ILE U N   1 
ATOM 413  C CA  . ILE A 1 65  ? 37.264  -33.318 29.302  1.00 140.65 ? 65  ILE U CA  1 
ATOM 414  C C   . ILE A 1 65  ? 35.745  -33.295 29.322  1.00 140.65 ? 65  ILE U C   1 
ATOM 415  O O   . ILE A 1 65  ? 35.101  -32.794 28.396  1.00 140.65 ? 65  ILE U O   1 
ATOM 416  C CB  . ILE A 1 65  ? 37.800  -34.723 28.989  1.00 140.65 ? 65  ILE U CB  1 
ATOM 417  C CG1 . ILE A 1 65  ? 39.274  -34.649 28.595  1.00 140.65 ? 65  ILE U CG1 1 
ATOM 418  C CG2 . ILE A 1 65  ? 36.969  -35.375 27.905  1.00 140.65 ? 65  ILE U CG2 1 
ATOM 419  C CD1 . ILE A 1 65  ? 39.986  -35.972 28.692  1.00 140.65 ? 65  ILE U CD1 1 
ATOM 420  N N   . GLN A 1 66  ? 35.149  -33.813 30.389  1.00 136.42 ? 66  GLN U N   1 
ATOM 421  C CA  . GLN A 1 66  ? 33.697  -33.786 30.485  1.00 136.42 ? 66  GLN U CA  1 
ATOM 422  C C   . GLN A 1 66  ? 33.174  -32.373 30.692  1.00 136.42 ? 66  GLN U C   1 
ATOM 423  O O   . GLN A 1 66  ? 32.093  -32.031 30.203  1.00 136.42 ? 66  GLN U O   1 
ATOM 424  C CB  . GLN A 1 66  ? 33.233  -34.687 31.623  1.00 136.42 ? 66  GLN U CB  1 
ATOM 425  C CG  . GLN A 1 66  ? 31.733  -34.766 31.759  1.00 136.42 ? 66  GLN U CG  1 
ATOM 426  C CD  . GLN A 1 66  ? 31.088  -35.414 30.561  1.00 136.42 ? 66  GLN U CD  1 
ATOM 427  O OE1 . GLN A 1 66  ? 30.565  -34.734 29.684  1.00 136.42 ? 66  GLN U OE1 1 
ATOM 428  N NE2 . GLN A 1 66  ? 31.131  -36.740 30.509  1.00 136.42 ? 66  GLN U NE2 1 
ATOM 429  N N   . TYR A 1 67  ? 33.915  -31.550 31.429  1.00 136.67 ? 67  TYR U N   1 
ATOM 430  C CA  . TYR A 1 67  ? 33.592  -30.133 31.564  1.00 136.67 ? 67  TYR U CA  1 
ATOM 431  C C   . TYR A 1 67  ? 33.361  -29.471 30.208  1.00 136.67 ? 67  TYR U C   1 
ATOM 432  O O   . TYR A 1 67  ? 32.245  -29.051 29.888  1.00 136.67 ? 67  TYR U O   1 
ATOM 433  C CB  . TYR A 1 67  ? 34.688  -29.424 32.364  1.00 136.67 ? 67  TYR U CB  1 
ATOM 434  C CG  . TYR A 1 67  ? 34.881  -27.961 32.061  1.00 136.67 ? 67  TYR U CG  1 
ATOM 435  C CD1 . TYR A 1 67  ? 33.914  -27.035 32.424  1.00 136.67 ? 67  TYR U CD1 1 
ATOM 436  C CD2 . TYR A 1 67  ? 36.042  -27.497 31.478  1.00 136.67 ? 67  TYR U CD2 1 
ATOM 437  C CE1 . TYR A 1 67  ? 34.082  -25.693 32.174  1.00 136.67 ? 67  TYR U CE1 1 
ATOM 438  C CE2 . TYR A 1 67  ? 36.221  -26.152 31.225  1.00 136.67 ? 67  TYR U CE2 1 
ATOM 439  C CZ  . TYR A 1 67  ? 35.237  -25.255 31.575  1.00 136.67 ? 67  TYR U CZ  1 
ATOM 440  O OH  . TYR A 1 67  ? 35.409  -23.913 31.327  1.00 136.67 ? 67  TYR U OH  1 
ATOM 441  N N   . LYS A 1 68  ? 34.395  -29.411 29.371  1.00 130.40 ? 68  LYS U N   1 
ATOM 442  C CA  . LYS A 1 68  ? 34.211  -28.786 28.068  1.00 130.40 ? 68  LYS U CA  1 
ATOM 443  C C   . LYS A 1 68  ? 33.337  -29.602 27.136  1.00 130.40 ? 68  LYS U C   1 
ATOM 444  O O   . LYS A 1 68  ? 33.015  -29.126 26.044  1.00 130.40 ? 68  LYS U O   1 
ATOM 445  C CB  . LYS A 1 68  ? 35.558  -28.547 27.394  1.00 130.40 ? 68  LYS U CB  1 
ATOM 446  C CG  . LYS A 1 68  ? 36.451  -27.605 28.154  1.00 130.40 ? 68  LYS U CG  1 
ATOM 447  C CD  . LYS A 1 68  ? 37.748  -27.326 27.429  1.00 130.40 ? 68  LYS U CD  1 
ATOM 448  C CE  . LYS A 1 68  ? 37.504  -26.464 26.217  1.00 130.40 ? 68  LYS U CE  1 
ATOM 449  N NZ  . LYS A 1 68  ? 37.080  -25.093 26.628  1.00 130.40 ? 68  LYS U NZ  1 
ATOM 450  N N   . SER A 1 69  ? 32.935  -30.800 27.541  1.00 123.97 ? 69  SER U N   1 
ATOM 451  C CA  . SER A 1 69  ? 31.976  -31.560 26.755  1.00 123.97 ? 69  SER U CA  1 
ATOM 452  C C   . SER A 1 69  ? 30.615  -30.882 26.709  1.00 123.97 ? 69  SER U C   1 
ATOM 453  O O   . SER A 1 69  ? 29.875  -31.050 25.735  1.00 123.97 ? 69  SER U O   1 
ATOM 454  C CB  . SER A 1 69  ? 31.854  -32.971 27.315  1.00 123.97 ? 69  SER U CB  1 
ATOM 455  O OG  . SER A 1 69  ? 33.072  -33.677 27.158  1.00 123.97 ? 69  SER U OG  1 
ATOM 456  N N   . TYR A 1 70  ? 30.252  -30.142 27.753  1.00 115.43 ? 70  TYR U N   1 
ATOM 457  C CA  . TYR A 1 70  ? 28.974  -29.438 27.766  1.00 115.43 ? 70  TYR U CA  1 
ATOM 458  C C   . TYR A 1 70  ? 28.996  -28.156 26.945  1.00 115.43 ? 70  TYR U C   1 
ATOM 459  O O   . TYR A 1 70  ? 28.034  -27.863 26.228  1.00 115.43 ? 70  TYR U O   1 
ATOM 460  C CB  . TYR A 1 70  ? 28.572  -29.089 29.196  1.00 115.43 ? 70  TYR U CB  1 
ATOM 461  C CG  . TYR A 1 70  ? 27.946  -30.215 29.970  1.00 115.43 ? 70  TYR U CG  1 
ATOM 462  C CD1 . TYR A 1 70  ? 26.811  -30.849 29.499  1.00 115.43 ? 70  TYR U CD1 1 
ATOM 463  C CD2 . TYR A 1 70  ? 28.459  -30.612 31.197  1.00 115.43 ? 70  TYR U CD2 1 
ATOM 464  C CE1 . TYR A 1 70  ? 26.218  -31.864 30.210  1.00 115.43 ? 70  TYR U CE1 1 
ATOM 465  C CE2 . TYR A 1 70  ? 27.873  -31.632 31.914  1.00 115.43 ? 70  TYR U CE2 1 
ATOM 466  C CZ  . TYR A 1 70  ? 26.752  -32.251 31.416  1.00 115.43 ? 70  TYR U CZ  1 
ATOM 467  O OH  . TYR A 1 70  ? 26.167  -33.273 32.119  1.00 115.43 ? 70  TYR U OH  1 
ATOM 468  N N   . ASN A 1 71  ? 30.096  -27.409 27.011  1.00 114.38 ? 71  ASN U N   1 
ATOM 469  C CA  . ASN A 1 71  ? 30.152  -26.081 26.411  1.00 114.38 ? 71  ASN U CA  1 
ATOM 470  C C   . ASN A 1 71  ? 29.752  -26.098 24.949  1.00 114.38 ? 71  ASN U C   1 
ATOM 471  O O   . ASN A 1 71  ? 29.011  -25.223 24.492  1.00 114.38 ? 71  ASN U O   1 
ATOM 472  C CB  . ASN A 1 71  ? 31.551  -25.505 26.575  1.00 114.38 ? 71  ASN U CB  1 
ATOM 473  C CG  . ASN A 1 71  ? 31.845  -25.131 28.000  1.00 114.38 ? 71  ASN U CG  1 
ATOM 474  O OD1 . ASN A 1 71  ? 31.034  -25.368 28.889  1.00 114.38 ? 71  ASN U OD1 1 
ATOM 475  N ND2 . ASN A 1 71  ? 33.003  -24.535 28.228  1.00 114.38 ? 71  ASN U ND2 1 
ATOM 476  N N   . ALA A 1 72  ? 30.220  -27.084 24.196  1.00 109.55 ? 72  ALA U N   1 
ATOM 477  C CA  . ALA A 1 72  ? 29.798  -27.173 22.807  1.00 109.55 ? 72  ALA U CA  1 
ATOM 478  C C   . ALA A 1 72  ? 28.294  -27.363 22.715  1.00 109.55 ? 72  ALA U C   1 
ATOM 479  O O   . ALA A 1 72  ? 27.636  -26.778 21.846  1.00 109.55 ? 72  ALA U O   1 
ATOM 480  C CB  . ALA A 1 72  ? 30.526  -28.316 22.110  1.00 109.55 ? 72  ALA U CB  1 
ATOM 481  N N   . LYS A 1 73  ? 27.727  -28.148 23.626  1.00 105.87 ? 73  LYS U N   1 
ATOM 482  C CA  . LYS A 1 73  ? 26.296  -28.411 23.583  1.00 105.87 ? 73  LYS U CA  1 
ATOM 483  C C   . LYS A 1 73  ? 25.481  -27.184 23.948  1.00 105.87 ? 73  LYS U C   1 
ATOM 484  O O   . LYS A 1 73  ? 24.386  -26.994 23.411  1.00 105.87 ? 73  LYS U O   1 
ATOM 485  C CB  . LYS A 1 73  ? 25.942  -29.572 24.499  1.00 105.87 ? 73  LYS U CB  1 
ATOM 486  C CG  . LYS A 1 73  ? 26.542  -30.882 24.071  1.00 105.87 ? 73  LYS U CG  1 
ATOM 487  C CD  . LYS A 1 73  ? 26.142  -31.965 25.031  1.00 105.87 ? 73  LYS U CD  1 
ATOM 488  C CE  . LYS A 1 73  ? 26.753  -33.287 24.657  1.00 105.87 ? 73  LYS U CE  1 
ATOM 489  N NZ  . LYS A 1 73  ? 26.244  -33.719 23.327  1.00 105.87 ? 73  LYS U NZ  1 
ATOM 490  N N   . ILE A 1 74  ? 25.983  -26.345 24.852  1.00 103.80 ? 74  ILE U N   1 
ATOM 491  C CA  . ILE A 1 74  ? 25.317  -25.072 25.108  1.00 103.80 ? 74  ILE U CA  1 
ATOM 492  C C   . ILE A 1 74  ? 25.352  -24.190 23.868  1.00 103.80 ? 74  ILE U C   1 
ATOM 493  O O   . ILE A 1 74  ? 24.325  -23.660 23.431  1.00 103.80 ? 74  ILE U O   1 
ATOM 494  C CB  . ILE A 1 74  ? 25.962  -24.360 26.309  1.00 103.80 ? 74  ILE U CB  1 
ATOM 495  C CG1 . ILE A 1 74  ? 25.649  -25.089 27.609  1.00 103.80 ? 74  ILE U CG1 1 
ATOM 496  C CG2 . ILE A 1 74  ? 25.502  -22.933 26.379  1.00 103.80 ? 74  ILE U CG2 1 
ATOM 497  C CD1 . ILE A 1 74  ? 26.302  -24.454 28.812  1.00 103.80 ? 74  ILE U CD1 1 
ATOM 498  N N   . ASP A 1 75  ? 26.524  -24.058 23.255  1.00 99.65  ? 75  ASP U N   1 
ATOM 499  C CA  . ASP A 1 75  ? 26.605  -23.299 22.020  1.00 99.65  ? 75  ASP U CA  1 
ATOM 500  C C   . ASP A 1 75  ? 25.690  -23.881 20.960  1.00 99.65  ? 75  ASP U C   1 
ATOM 501  O O   . ASP A 1 75  ? 25.063  -23.138 20.199  1.00 99.65  ? 75  ASP U O   1 
ATOM 502  C CB  . ASP A 1 75  ? 28.046  -23.259 21.535  1.00 99.65  ? 75  ASP U CB  1 
ATOM 503  C CG  . ASP A 1 75  ? 28.928  -22.455 22.449  1.00 99.65  ? 75  ASP U CG  1 
ATOM 504  O OD1 . ASP A 1 75  ? 28.377  -21.698 23.271  1.00 99.65  ? 75  ASP U OD1 1 
ATOM 505  O OD2 . ASP A 1 75  ? 30.165  -22.572 22.347  1.00 99.65  ? 75  ASP U OD2 1 
ATOM 506  N N   . ARG A 1 76  ? 25.575  -25.203 20.906  1.00 99.24  ? 76  ARG U N   1 
ATOM 507  C CA  . ARG A 1 76  ? 24.652  -25.802 19.951  1.00 99.24  ? 76  ARG U CA  1 
ATOM 508  C C   . ARG A 1 76  ? 23.239  -25.289 20.160  1.00 99.24  ? 76  ARG U C   1 
ATOM 509  O O   . ARG A 1 76  ? 22.529  -24.982 19.197  1.00 99.24  ? 76  ARG U O   1 
ATOM 510  C CB  . ARG A 1 76  ? 24.691  -27.324 20.061  1.00 99.24  ? 76  ARG U CB  1 
ATOM 511  C CG  . ARG A 1 76  ? 23.366  -27.991 19.723  1.00 99.24  ? 76  ARG U CG  1 
ATOM 512  C CD  . ARG A 1 76  ? 23.533  -29.418 19.213  1.00 99.24  ? 76  ARG U CD  1 
ATOM 513  N NE  . ARG A 1 76  ? 23.723  -29.447 17.782  1.00 99.24  ? 76  ARG U NE  1 
ATOM 514  C CZ  . ARG A 1 76  ? 24.785  -29.852 17.105  1.00 99.24  ? 76  ARG U CZ  1 
ATOM 515  N NH1 . ARG A 1 76  ? 25.029  -31.136 16.912  1.00 99.24  ? 76  ARG U NH1 1 
ATOM 516  N NH2 . ARG A 1 76  ? 25.491  -28.959 16.420  1.00 99.24  ? 76  ARG U NH2 1 
ATOM 517  N N   . SER A 1 77  ? 22.818  -25.179 21.413  1.00 94.00  ? 77  SER U N   1 
ATOM 518  C CA  . SER A 1 77  ? 21.499  -24.640 21.710  1.00 94.00  ? 77  SER U CA  1 
ATOM 519  C C   . SER A 1 77  ? 21.368  -23.177 21.306  1.00 94.00  ? 77  SER U C   1 
ATOM 520  O O   . SER A 1 77  ? 20.489  -22.822 20.513  1.00 94.00  ? 77  SER U O   1 
ATOM 521  C CB  . SER A 1 77  ? 21.201  -24.813 23.195  1.00 94.00  ? 77  SER U CB  1 
ATOM 522  O OG  . SER A 1 77  ? 19.964  -24.215 23.518  1.00 94.00  ? 77  SER U OG  1 
ATOM 523  N N   . ASN A 1 78  ? 22.285  -22.326 21.776  1.00 95.37  ? 78  ASN U N   1 
ATOM 524  C CA  . ASN A 1 78  ? 22.187  -20.892 21.512  1.00 95.37  ? 78  ASN U CA  1 
ATOM 525  C C   . ASN A 1 78  ? 22.031  -20.581 20.041  1.00 95.37  ? 78  ASN U C   1 
ATOM 526  O O   . ASN A 1 78  ? 21.217  -19.737 19.656  1.00 95.37  ? 78  ASN U O   1 
ATOM 527  C CB  . ASN A 1 78  ? 23.425  -20.175 22.043  1.00 95.37  ? 78  ASN U CB  1 
ATOM 528  C CG  . ASN A 1 78  ? 23.349  -19.916 23.516  1.00 95.37  ? 78  ASN U CG  1 
ATOM 529  O OD1 . ASN A 1 78  ? 22.296  -20.087 24.130  1.00 95.37  ? 78  ASN U OD1 1 
ATOM 530  N ND2 . ASN A 1 78  ? 24.461  -19.487 24.101  1.00 95.37  ? 78  ASN U ND2 1 
ATOM 531  N N   . ASN A 1 79  ? 22.749  -21.290 19.199  1.00 87.42  ? 79  ASN U N   1 
ATOM 532  C CA  . ASN A 1 79  ? 22.680  -20.983 17.788  1.00 87.42  ? 79  ASN U CA  1 
ATOM 533  C C   . ASN A 1 79  ? 21.357  -21.446 17.205  1.00 87.42  ? 79  ASN U C   1 
ATOM 534  O O   . ASN A 1 79  ? 20.792  -20.785 16.329  1.00 87.42  ? 79  ASN U O   1 
ATOM 535  C CB  . ASN A 1 79  ? 23.868  -21.614 17.093  1.00 87.42  ? 79  ASN U CB  1 
ATOM 536  C CG  . ASN A 1 79  ? 25.168  -21.115 17.662  1.00 87.42  ? 79  ASN U CG  1 
ATOM 537  O OD1 . ASN A 1 79  ? 25.190  -20.121 18.387  1.00 87.42  ? 79  ASN U OD1 1 
ATOM 538  N ND2 . ASN A 1 79  ? 26.256  -21.804 17.358  1.00 87.42  ? 79  ASN U ND2 1 
ATOM 539  N N   . ILE A 1 80  ? 20.833  -22.563 17.699  1.00 81.81  ? 80  ILE U N   1 
ATOM 540  C CA  . ILE A 1 80  ? 19.514  -23.005 17.272  1.00 81.81  ? 80  ILE U CA  1 
ATOM 541  C C   . ILE A 1 80  ? 18.432  -22.042 17.729  1.00 81.81  ? 80  ILE U C   1 
ATOM 542  O O   . ILE A 1 80  ? 17.469  -21.788 17.000  1.00 81.81  ? 80  ILE U O   1 
ATOM 543  C CB  . ILE A 1 80  ? 19.242  -24.419 17.801  1.00 81.81  ? 80  ILE U CB  1 
ATOM 544  C CG1 . ILE A 1 80  ? 20.098  -25.440 17.073  1.00 81.81  ? 80  ILE U CG1 1 
ATOM 545  C CG2 . ILE A 1 80  ? 17.788  -24.779 17.625  1.00 81.81  ? 80  ILE U CG2 1 
ATOM 546  C CD1 . ILE A 1 80  ? 20.040  -26.788 17.719  1.00 81.81  ? 80  ILE U CD1 1 
ATOM 547  N N   . ARG A 1 81  ? 18.554  -21.498 18.935  1.00 85.46  ? 81  ARG U N   1 
ATOM 548  C CA  . ARG A 1 81  ? 17.632  -20.451 19.367  1.00 85.46  ? 81  ARG U CA  1 
ATOM 549  C C   . ARG A 1 81  ? 17.665  -19.241 18.437  1.00 85.46  ? 81  ARG U C   1 
ATOM 550  O O   . ARG A 1 81  ? 16.632  -18.824 17.905  1.00 85.46  ? 81  ARG U O   1 
ATOM 551  C CB  . ARG A 1 81  ? 17.948  -20.056 20.803  1.00 85.46  ? 81  ARG U CB  1 
ATOM 552  C CG  . ARG A 1 81  ? 17.112  -18.942 21.338  1.00 85.46  ? 81  ARG U CG  1 
ATOM 553  C CD  . ARG A 1 81  ? 17.477  -18.721 22.781  1.00 85.46  ? 81  ARG U CD  1 
ATOM 554  N NE  . ARG A 1 81  ? 16.865  -17.532 23.348  1.00 85.46  ? 81  ARG U NE  1 
ATOM 555  C CZ  . ARG A 1 81  ? 17.394  -16.818 24.327  1.00 85.46  ? 81  ARG U CZ  1 
ATOM 556  N NH1 . ARG A 1 81  ? 18.340  -17.312 25.107  1.00 85.46  ? 81  ARG U NH1 1 
ATOM 557  N NH2 . ARG A 1 81  ? 16.873  -15.631 24.616  1.00 85.46  ? 81  ARG U NH2 1 
ATOM 558  N N   . SER A 1 82  ? 18.850  -18.670 18.218  1.00 85.09  ? 82  SER U N   1 
ATOM 559  C CA  . SER A 1 82  ? 18.963  -17.494 17.359  1.00 85.09  ? 82  SER U CA  1 
ATOM 560  C C   . SER A 1 82  ? 18.403  -17.761 15.973  1.00 85.09  ? 82  SER U C   1 
ATOM 561  O O   . SER A 1 82  ? 17.690  -16.926 15.413  1.00 85.09  ? 82  SER U O   1 
ATOM 562  C CB  . SER A 1 82  ? 20.418  -17.044 17.259  1.00 85.09  ? 82  SER U CB  1 
ATOM 563  O OG  . SER A 1 82  ? 20.957  -16.797 18.540  1.00 85.09  ? 82  SER U OG  1 
ATOM 564  N N   . LYS A 1 83  ? 18.701  -18.926 15.414  1.00 83.29  ? 83  LYS U N   1 
ATOM 565  C CA  . LYS A 1 83  ? 18.151  -19.286 14.117  1.00 83.29  ? 83  LYS U CA  1 
ATOM 566  C C   . LYS A 1 83  ? 16.630  -19.290 14.090  1.00 83.29  ? 83  LYS U C   1 
ATOM 567  O O   . LYS A 1 83  ? 16.029  -18.854 13.105  1.00 83.29  ? 83  LYS U O   1 
ATOM 568  C CB  . LYS A 1 83  ? 18.651  -20.660 13.703  1.00 83.29  ? 83  LYS U CB  1 
ATOM 569  C CG  . LYS A 1 83  ? 18.119  -21.070 12.352  1.00 83.29  ? 83  LYS U CG  1 
ATOM 570  C CD  . LYS A 1 83  ? 18.882  -22.229 11.758  1.00 83.29  ? 83  LYS U CD  1 
ATOM 571  C CE  . LYS A 1 83  ? 18.274  -22.660 10.440  1.00 83.29  ? 83  LYS U CE  1 
ATOM 572  N NZ  . LYS A 1 83  ? 19.083  -23.725 9.800   1.00 83.29  ? 83  LYS U NZ  1 
ATOM 573  N N   . ILE A 1 84  ? 15.979  -19.765 15.147  1.00 87.45  ? 84  ILE U N   1 
ATOM 574  C CA  . ILE A 1 84  ? 14.520  -19.735 15.110  1.00 87.45  ? 84  ILE U CA  1 
ATOM 575  C C   . ILE A 1 84  ? 13.943  -18.350 15.376  1.00 87.45  ? 84  ILE U C   1 
ATOM 576  O O   . ILE A 1 84  ? 12.931  -17.977 14.774  1.00 87.45  ? 84  ILE U O   1 
ATOM 577  C CB  . ILE A 1 84  ? 13.919  -20.783 16.053  1.00 87.45  ? 84  ILE U CB  1 
ATOM 578  C CG1 . ILE A 1 84  ? 12.430  -20.878 15.780  1.00 87.45  ? 84  ILE U CG1 1 
ATOM 579  C CG2 . ILE A 1 84  ? 14.159  -20.445 17.492  1.00 87.45  ? 84  ILE U CG2 1 
ATOM 580  C CD1 . ILE A 1 84  ? 11.858  -22.143 16.208  1.00 87.45  ? 84  ILE U CD1 1 
ATOM 581  N N   . GLU A 1 85  ? 14.561  -17.548 16.243  1.00 94.19  ? 85  GLU U N   1 
ATOM 582  C CA  . GLU A 1 85  ? 14.079  -16.176 16.402  1.00 94.19  ? 85  GLU U CA  1 
ATOM 583  C C   . GLU A 1 85  ? 14.079  -15.428 15.079  1.00 94.19  ? 85  GLU U C   1 
ATOM 584  O O   . GLU A 1 85  ? 13.099  -14.764 14.729  1.00 94.19  ? 85  GLU U O   1 
ATOM 585  C CB  . GLU A 1 85  ? 14.907  -15.416 17.434  1.00 94.19  ? 85  GLU U CB  1 
ATOM 586  C CG  . GLU A 1 85  ? 14.606  -15.789 18.865  1.00 94.19  ? 85  GLU U CG  1 
ATOM 587  C CD  . GLU A 1 85  ? 15.421  -14.984 19.848  1.00 94.19  ? 85  GLU U CD  1 
ATOM 588  O OE1 . GLU A 1 85  ? 16.154  -14.080 19.407  1.00 94.19  ? 85  GLU U OE1 1 
ATOM 589  O OE2 . GLU A 1 85  ? 15.319  -15.240 21.064  1.00 94.19  ? 85  GLU U OE2 1 
ATOM 590  N N   . ARG A 1 86  ? 15.144  -15.570 14.309  1.00 85.35  ? 86  ARG U N   1 
ATOM 591  C CA  . ARG A 1 86  ? 15.210  -14.918 13.015  1.00 85.35  ? 86  ARG U CA  1 
ATOM 592  C C   . ARG A 1 86  ? 14.124  -15.432 12.089  1.00 85.35  ? 86  ARG U C   1 
ATOM 593  O O   . ARG A 1 86  ? 13.549  -14.664 11.315  1.00 85.35  ? 86  ARG U O   1 
ATOM 594  C CB  . ARG A 1 86  ? 16.590  -15.150 12.424  1.00 85.35  ? 86  ARG U CB  1 
ATOM 595  C CG  . ARG A 1 86  ? 17.632  -14.387 13.174  1.00 85.35  ? 86  ARG U CG  1 
ATOM 596  C CD  . ARG A 1 86  ? 19.013  -14.714 12.697  1.00 85.35  ? 86  ARG U CD  1 
ATOM 597  N NE  . ARG A 1 86  ? 20.000  -13.997 13.487  1.00 85.35  ? 86  ARG U NE  1 
ATOM 598  C CZ  . ARG A 1 86  ? 21.295  -14.270 13.485  1.00 85.35  ? 86  ARG U CZ  1 
ATOM 599  N NH1 . ARG A 1 86  ? 21.800  -15.192 12.688  1.00 85.35  ? 86  ARG U NH1 1 
ATOM 600  N NH2 . ARG A 1 86  ? 22.103  -13.588 14.286  1.00 85.35  ? 86  ARG U NH2 1 
ATOM 601  N N   . GLN A 1 87  ? 13.815  -16.718 12.157  1.00 84.64  ? 87  GLN U N   1 
ATOM 602  C CA  . GLN A 1 87  ? 12.790  -17.249 11.273  1.00 84.64  ? 87  GLN U CA  1 
ATOM 603  C C   . GLN A 1 87  ? 11.367  -16.930 11.705  1.00 84.64  ? 87  GLN U C   1 
ATOM 604  O O   . GLN A 1 87  ? 10.471  -16.934 10.857  1.00 84.64  ? 87  GLN U O   1 
ATOM 605  C CB  . GLN A 1 87  ? 12.947  -18.757 11.128  1.00 84.64  ? 87  GLN U CB  1 
ATOM 606  C CG  . GLN A 1 87  ? 14.176  -19.135 10.342  1.00 84.64  ? 87  GLN U CG  1 
ATOM 607  C CD  . GLN A 1 87  ? 14.171  -20.581 9.912   1.00 84.64  ? 87  GLN U CD  1 
ATOM 608  O OE1 . GLN A 1 87  ? 15.005  -21.372 10.346  1.00 84.64  ? 87  GLN U OE1 1 
ATOM 609  N NE2 . GLN A 1 87  ? 13.219  -20.941 9.059   1.00 84.64  ? 87  GLN U NE2 1 
ATOM 610  N N   . ILE A 1 88  ? 11.122  -16.643 12.978  1.00 86.39  ? 88  ILE U N   1 
ATOM 611  C CA  . ILE A 1 88  ? 9.833   -16.066 13.351  1.00 86.39  ? 88  ILE U CA  1 
ATOM 612  C C   . ILE A 1 88  ? 9.651   -14.717 12.680  1.00 86.39  ? 88  ILE U C   1 
ATOM 613  O O   . ILE A 1 88  ? 8.649   -14.464 12.002  1.00 86.39  ? 88  ILE U O   1 
ATOM 614  C CB  . ILE A 1 88  ? 9.717   -15.930 14.876  1.00 86.39  ? 88  ILE U CB  1 
ATOM 615  C CG1 . ILE A 1 88  ? 9.603   -17.293 15.541  1.00 86.39  ? 88  ILE U CG1 1 
ATOM 616  C CG2 . ILE A 1 88  ? 8.504   -15.114 15.227  1.00 86.39  ? 88  ILE U CG2 1 
ATOM 617  C CD1 . ILE A 1 88  ? 10.000  -17.265 16.998  1.00 86.39  ? 88  ILE U CD1 1 
ATOM 618  N N   . GLN A 1 89  ? 10.648  -13.849 12.831  1.00 86.61  ? 89  GLN U N   1 
ATOM 619  C CA  . GLN A 1 89  ? 10.574  -12.492 12.313  1.00 86.61  ? 89  GLN U CA  1 
ATOM 620  C C   . GLN A 1 89  ? 10.259  -12.479 10.828  1.00 86.61  ? 89  GLN U C   1 
ATOM 621  O O   . GLN A 1 89  ? 9.479   -11.646 10.358  1.00 86.61  ? 89  GLN U O   1 
ATOM 622  C CB  . GLN A 1 89  ? 11.887  -11.778 12.608  1.00 86.61  ? 89  GLN U CB  1 
ATOM 623  C CG  . GLN A 1 89  ? 11.989  -10.371 12.107  1.00 86.61  ? 89  GLN U CG  1 
ATOM 624  C CD  . GLN A 1 89  ? 13.262  -9.703  12.571  1.00 86.61  ? 89  GLN U CD  1 
ATOM 625  O OE1 . GLN A 1 89  ? 13.886  -10.139 13.535  1.00 86.61  ? 89  GLN U OE1 1 
ATOM 626  N NE2 . GLN A 1 89  ? 13.663  -8.646  11.878  1.00 86.61  ? 89  GLN U NE2 1 
ATOM 627  N N   . ALA A 1 90  ? 10.832  -13.406 10.078  1.00 79.46  ? 90  ALA U N   1 
ATOM 628  C CA  . ALA A 1 90  ? 10.519  -13.483 8.663   1.00 79.46  ? 90  ALA U CA  1 
ATOM 629  C C   . ALA A 1 90  ? 9.058   -13.825 8.411   1.00 79.46  ? 90  ALA U C   1 
ATOM 630  O O   . ALA A 1 90  ? 8.538   -13.492 7.346   1.00 79.46  ? 90  ALA U O   1 
ATOM 631  C CB  . ALA A 1 90  ? 11.429  -14.499 7.989   1.00 79.46  ? 90  ALA U CB  1 
ATOM 632  N N   . ILE A 1 91  ? 8.379   -14.472 9.355   1.00 82.56  ? 91  ILE U N   1 
ATOM 633  C CA  . ILE A 1 91  ? 6.941   -14.662 9.198   1.00 82.56  ? 91  ILE U CA  1 
ATOM 634  C C   . ILE A 1 91  ? 6.167   -13.442 9.672   1.00 82.56  ? 91  ILE U C   1 
ATOM 635  O O   . ILE A 1 91  ? 5.125   -13.103 9.105   1.00 82.56  ? 91  ILE U O   1 
ATOM 636  C CB  . ILE A 1 91  ? 6.470   -15.947 9.891   1.00 82.56  ? 91  ILE U CB  1 
ATOM 637  C CG1 . ILE A 1 91  ? 6.984   -17.146 9.116   1.00 82.56  ? 91  ILE U CG1 1 
ATOM 638  C CG2 . ILE A 1 91  ? 4.959   -16.014 9.937   1.00 82.56  ? 91  ILE U CG2 1 
ATOM 639  C CD1 . ILE A 1 91  ? 6.394   -18.437 9.566   1.00 82.56  ? 91  ILE U CD1 1 
ATOM 640  N N   . GLU A 1 92  ? 6.642   -12.758 10.707  1.00 87.79  ? 92  GLU U N   1 
ATOM 641  C CA  . GLU A 1 92  ? 6.019   -11.490 11.067  1.00 87.79  ? 92  GLU U CA  1 
ATOM 642  C C   . GLU A 1 92  ? 6.087   -10.510 9.903   1.00 87.79  ? 92  GLU U C   1 
ATOM 643  O O   . GLU A 1 92  ? 5.056   -10.075 9.384   1.00 87.79  ? 92  GLU U O   1 
ATOM 644  C CB  . GLU A 1 92  ? 6.675   -10.896 12.313  1.00 87.79  ? 92  GLU U CB  1 
ATOM 645  C CG  . GLU A 1 92  ? 6.402   -11.673 13.583  1.00 87.79  ? 92  GLU U CG  1 
ATOM 646  C CD  . GLU A 1 92  ? 6.995   -11.020 14.815  1.00 87.79  ? 92  GLU U CD  1 
ATOM 647  O OE1 . GLU A 1 92  ? 7.698   -10.003 14.674  1.00 87.79  ? 92  GLU U OE1 1 
ATOM 648  O OE2 . GLU A 1 92  ? 6.748   -11.519 15.930  1.00 87.79  ? 92  GLU U OE2 1 
ATOM 649  N N   . GLU A 1 93  ? 7.298   -10.188 9.446   1.00 78.71  ? 93  GLU U N   1 
ATOM 650  C CA  . GLU A 1 93  ? 7.443   -9.214  8.369   1.00 78.71  ? 93  GLU U CA  1 
ATOM 651  C C   . GLU A 1 93  ? 6.778   -9.710  7.100   1.00 78.71  ? 93  GLU U C   1 
ATOM 652  O O   . GLU A 1 93  ? 6.055   -8.966  6.436   1.00 78.71  ? 93  GLU U O   1 
ATOM 653  C CB  . GLU A 1 93  ? 8.914   -8.960  8.090   1.00 78.71  ? 93  GLU U CB  1 
ATOM 654  C CG  . GLU A 1 93  ? 9.673   -8.328  9.204   1.00 78.71  ? 93  GLU U CG  1 
ATOM 655  C CD  . GLU A 1 93  ? 11.013  -7.820  8.737   1.00 78.71  ? 93  GLU U CD  1 
ATOM 656  O OE1 . GLU A 1 93  ? 11.669  -8.516  7.937   1.00 78.71  ? 93  GLU U OE1 1 
ATOM 657  O OE2 . GLU A 1 93  ? 11.409  -6.721  9.161   1.00 78.71  ? 93  GLU U OE2 1 
ATOM 658  N N   . GLY A 1 94  ? 6.980   -10.977 6.772   1.00 77.61  ? 94  GLY U N   1 
ATOM 659  C CA  . GLY A 1 94  ? 6.404   -11.517 5.558   1.00 77.61  ? 94  GLY U CA  1 
ATOM 660  C C   . GLY A 1 94  ? 4.893   -11.441 5.542   1.00 77.61  ? 94  GLY U C   1 
ATOM 661  O O   . GLY A 1 94  ? 4.291   -11.104 4.522   1.00 77.61  ? 94  GLY U O   1 
ATOM 662  N N   . GLN A 1 95  ? 4.261   -11.754 6.667   1.00 76.61  ? 95  GLN U N   1 
ATOM 663  C CA  . GLN A 1 95  ? 2.805   -11.755 6.722   1.00 76.61  ? 95  GLN U CA  1 
ATOM 664  C C   . GLN A 1 95  ? 2.192   -10.384 6.463   1.00 76.61  ? 95  GLN U C   1 
ATOM 665  O O   . GLN A 1 95  ? 1.126   -10.297 5.844   1.00 76.61  ? 95  GLN U O   1 
ATOM 666  C CB  . GLN A 1 95  ? 2.329   -12.287 8.066   1.00 76.61  ? 95  GLN U CB  1 
ATOM 667  C CG  . GLN A 1 95  ? 0.836   -12.359 8.163   1.00 76.61  ? 95  GLN U CG  1 
ATOM 668  C CD  . GLN A 1 95  ? 0.251   -13.345 7.190   1.00 76.61  ? 95  GLN U CD  1 
ATOM 669  O OE1 . GLN A 1 95  ? -0.243  -12.961 6.136   1.00 76.61  ? 95  GLN U OE1 1 
ATOM 670  N NE2 . GLN A 1 95  ? 0.302   -14.627 7.533   1.00 76.61  ? 95  GLN U NE2 1 
ATOM 671  N N   . LEU A 1 96  ? 2.825   -9.299  6.920   1.00 76.07  ? 96  LEU U N   1 
ATOM 672  C CA  . LEU A 1 96  ? 2.251   -7.992  6.597   1.00 76.07  ? 96  LEU U CA  1 
ATOM 673  C C   . LEU A 1 96  ? 2.458   -7.628  5.138   1.00 76.07  ? 96  LEU U C   1 
ATOM 674  O O   . LEU A 1 96  ? 1.590   -6.995  4.533   1.00 76.07  ? 96  LEU U O   1 
ATOM 675  C CB  . LEU A 1 96  ? 2.834   -6.915  7.512   1.00 76.07  ? 96  LEU U CB  1 
ATOM 676  C CG  . LEU A 1 96  ? 4.192   -6.294  7.165   1.00 76.07  ? 96  LEU U CG  1 
ATOM 677  C CD1 . LEU A 1 96  ? 4.132   -5.105  6.230   1.00 76.07  ? 96  LEU U CD1 1 
ATOM 678  C CD2 . LEU A 1 96  ? 4.861   -5.875  8.461   1.00 76.07  ? 96  LEU U CD2 1 
ATOM 679  N N   . ILE A 1 97  ? 3.577   -8.037  4.552   1.00 69.44  ? 97  ILE U N   1 
ATOM 680  C CA  . ILE A 1 97  ? 3.827   -7.762  3.144   1.00 69.44  ? 97  ILE U CA  1 
ATOM 681  C C   . ILE A 1 97  ? 2.734   -8.397  2.305   1.00 69.44  ? 97  ILE U C   1 
ATOM 682  O O   . ILE A 1 97  ? 2.215   -7.788  1.367   1.00 69.44  ? 97  ILE U O   1 
ATOM 683  C CB  . ILE A 1 97  ? 5.235   -8.208  2.732   1.00 69.44  ? 97  ILE U CB  1 
ATOM 684  C CG1 . ILE A 1 97  ? 6.257   -7.219  3.286   1.00 69.44  ? 97  ILE U CG1 1 
ATOM 685  C CG2 . ILE A 1 97  ? 5.341   -8.243  1.249   1.00 69.44  ? 97  ILE U CG2 1 
ATOM 686  C CD1 . ILE A 1 97  ? 7.511   -7.856  3.780   1.00 69.44  ? 97  ILE U CD1 1 
ATOM 687  N N   . SER A 1 98  ? 2.389   -9.643  2.613   1.00 70.31  ? 98  SER U N   1 
ATOM 688  C CA  . SER A 1 98  ? 1.342   -10.338 1.873   1.00 70.31  ? 98  SER U CA  1 
ATOM 689  C C   . SER A 1 98  ? 0.047   -9.540  1.840   1.00 70.31  ? 98  SER U C   1 
ATOM 690  O O   . SER A 1 98  ? -0.607  -9.457  0.796   1.00 70.31  ? 98  SER U O   1 
ATOM 691  C CB  . SER A 1 98  ? 1.079   -11.698 2.498   1.00 70.31  ? 98  SER U CB  1 
ATOM 692  O OG  . SER A 1 98  ? 0.023   -12.347 1.821   1.00 70.31  ? 98  SER U OG  1 
ATOM 693  N N   . GLN A 1 99  ? -0.377  -8.986  2.973   1.00 74.46  ? 99  GLN U N   1 
ATOM 694  C CA  . GLN A 1 99  ? -1.647  -8.266  2.960   1.00 74.46  ? 99  GLN U CA  1 
ATOM 695  C C   . GLN A 1 99  ? -1.524  -6.966  2.180   1.00 74.46  ? 99  GLN U C   1 
ATOM 696  O O   . GLN A 1 99  ? -2.453  -6.577  1.465   1.00 74.46  ? 99  GLN U O   1 
ATOM 697  C CB  . GLN A 1 99  ? -2.132  -8.008  4.377   1.00 74.46  ? 99  GLN U CB  1 
ATOM 698  C CG  . GLN A 1 99  ? -2.662  -9.251  5.053   1.00 74.46  ? 99  GLN U CG  1 
ATOM 699  C CD  . GLN A 1 99  ? -3.648  -8.941  6.149   1.00 74.46  ? 99  GLN U CD  1 
ATOM 700  O OE1 . GLN A 1 99  ? -3.682  -7.831  6.671   1.00 74.46  ? 99  GLN U OE1 1 
ATOM 701  N NE2 . GLN A 1 99  ? -4.464  -9.925  6.505   1.00 74.46  ? 99  GLN U NE2 1 
ATOM 702  N N   . THR A 1 100 ? -0.384  -6.282  2.306   1.00 68.24  ? 100 THR U N   1 
ATOM 703  C CA  . THR A 1 100 ? -0.139  -5.087  1.507   1.00 68.24  ? 100 THR U CA  1 
ATOM 704  C C   . THR A 1 100 ? -0.353  -5.369  0.033   1.00 68.24  ? 100 THR U C   1 
ATOM 705  O O   . THR A 1 100 ? -0.956  -4.567  -0.682  1.00 68.24  ? 100 THR U O   1 
ATOM 706  C CB  . THR A 1 100 ? 1.283   -4.582  1.742   1.00 68.24  ? 100 THR U CB  1 
ATOM 707  O OG1 . THR A 1 100 ? 1.461   -4.279  3.126   1.00 68.24  ? 100 THR U OG1 1 
ATOM 708  C CG2 . THR A 1 100 ? 1.576   -3.368  0.924   1.00 68.24  ? 100 THR U CG2 1 
ATOM 709  N N   . GLY A 1 101 ? 0.103   -6.524  -0.429  1.00 73.29  ? 101 GLY U N   1 
ATOM 710  C CA  . GLY A 1 101 ? -0.100  -6.893  -1.815  1.00 73.29  ? 101 GLY U CA  1 
ATOM 711  C C   . GLY A 1 101 ? -1.552  -7.018  -2.225  1.00 73.29  ? 101 GLY U C   1 
ATOM 712  O O   . GLY A 1 101 ? -1.903  -6.713  -3.364  1.00 73.29  ? 101 GLY U O   1 
ATOM 713  N N   . SER A 1 102 ? -2.416  -7.455  -1.314  1.00 74.15  ? 102 SER U N   1 
ATOM 714  C CA  . SER A 1 102 ? -3.821  -7.636  -1.667  1.00 74.15  ? 102 SER U CA  1 
ATOM 715  C C   . SER A 1 102 ? -4.611  -6.339  -1.778  1.00 74.15  ? 102 SER U C   1 
ATOM 716  O O   . SER A 1 102 ? -5.513  -6.239  -2.614  1.00 74.15  ? 102 SER U O   1 
ATOM 717  C CB  . SER A 1 102 ? -4.506  -8.547  -0.662  1.00 74.15  ? 102 SER U CB  1 
ATOM 718  O OG  . SER A 1 102 ? -5.836  -8.802  -1.069  1.00 74.15  ? 102 SER U OG  1 
ATOM 719  N N   . ILE A 1 103 ? -4.319  -5.340  -0.950  1.00 71.04  ? 103 ILE U N   1 
ATOM 720  C CA  . ILE A 1 103 ? -4.967  -4.044  -1.138  1.00 71.04  ? 103 ILE U CA  1 
ATOM 721  C C   . ILE A 1 103 ? -4.476  -3.334  -2.397  1.00 71.04  ? 103 ILE U C   1 
ATOM 722  O O   . ILE A 1 103 ? -5.269  -2.705  -3.104  1.00 71.04  ? 103 ILE U O   1 
ATOM 723  C CB  . ILE A 1 103 ? -4.825  -3.185  0.130   1.00 71.04  ? 103 ILE U CB  1 
ATOM 724  C CG1 . ILE A 1 103 ? -3.382  -2.774  0.379   1.00 71.04  ? 103 ILE U CG1 1 
ATOM 725  C CG2 . ILE A 1 103 ? -5.402  -3.913  1.318   1.00 71.04  ? 103 ILE U CG2 1 
ATOM 726  C CD1 . ILE A 1 103 ? -3.210  -2.065  1.686   1.00 71.04  ? 103 ILE U CD1 1 
ATOM 727  N N   . PHE A 1 104 ? -3.197  -3.458  -2.742  1.00 67.85  ? 104 PHE U N   1 
ATOM 728  C CA  . PHE A 1 104 ? -2.767  -2.942  -4.039  1.00 67.85  ? 104 PHE U CA  1 
ATOM 729  C C   . PHE A 1 104 ? -3.463  -3.660  -5.179  1.00 67.85  ? 104 PHE U C   1 
ATOM 730  O O   . PHE A 1 104 ? -3.660  -3.079  -6.245  1.00 67.85  ? 104 PHE U O   1 
ATOM 731  C CB  . PHE A 1 104 ? -1.261  -3.068  -4.201  1.00 67.85  ? 104 PHE U CB  1 
ATOM 732  C CG  . PHE A 1 104 ? -0.485  -2.004  -3.510  1.00 67.85  ? 104 PHE U CG  1 
ATOM 733  C CD1 . PHE A 1 104 ? -0.665  -1.748  -2.179  1.00 67.85  ? 104 PHE U CD1 1 
ATOM 734  C CD2 . PHE A 1 104 ? 0.481   -1.304  -4.186  1.00 67.85  ? 104 PHE U CD2 1 
ATOM 735  C CE1 . PHE A 1 104 ? 0.072   -0.780  -1.556  1.00 67.85  ? 104 PHE U CE1 1 
ATOM 736  C CE2 . PHE A 1 104 ? 1.219   -0.344  -3.566  1.00 67.85  ? 104 PHE U CE2 1 
ATOM 737  C CZ  . PHE A 1 104 ? 1.017   -0.080  -2.253  1.00 67.85  ? 104 PHE U CZ  1 
ATOM 738  N N   . GLU A 1 105 ? -3.811  -4.926  -4.992  1.00 75.73  ? 105 GLU U N   1 
ATOM 739  C CA  . GLU A 1 105 ? -4.692  -5.595  -5.941  1.00 75.73  ? 105 GLU U CA  1 
ATOM 740  C C   . GLU A 1 105 ? -6.107  -5.023  -5.916  1.00 75.73  ? 105 GLU U C   1 
ATOM 741  O O   . GLU A 1 105 ? -6.763  -4.935  -6.958  1.00 75.73  ? 105 GLU U O   1 
ATOM 742  C CB  . GLU A 1 105 ? -4.724  -7.091  -5.668  1.00 75.73  ? 105 GLU U CB  1 
ATOM 743  C CG  . GLU A 1 105 ? -5.691  -7.839  -6.561  1.00 75.73  ? 105 GLU U CG  1 
ATOM 744  C CD  . GLU A 1 105 ? -5.558  -9.334  -6.448  1.00 75.73  ? 105 GLU U CD  1 
ATOM 745  O OE1 . GLU A 1 105 ? -4.447  -9.809  -6.160  1.00 75.73  ? 105 GLU U OE1 1 
ATOM 746  O OE2 . GLU A 1 105 ? -6.567  -10.040 -6.639  1.00 75.73  ? 105 GLU U OE2 1 
ATOM 747  N N   . GLY A 1 106 ? -6.606  -4.640  -4.745  1.00 71.45  ? 106 GLY U N   1 
ATOM 748  C CA  . GLY A 1 106 ? -7.898  -3.971  -4.694  1.00 71.45  ? 106 GLY U CA  1 
ATOM 749  C C   . GLY A 1 106 ? -7.907  -2.613  -5.369  1.00 71.45  ? 106 GLY U C   1 
ATOM 750  O O   . GLY A 1 106 ? -8.876  -2.253  -6.040  1.00 71.45  ? 106 GLY U O   1 
ATOM 751  N N   . ILE A 1 107 ? -6.821  -1.857  -5.226  1.00 67.34  ? 107 ILE U N   1 
ATOM 752  C CA  . ILE A 1 107 ? -6.673  -0.597  -5.946  1.00 67.34  ? 107 ILE U CA  1 
ATOM 753  C C   . ILE A 1 107 ? -6.720  -0.826  -7.452  1.00 67.34  ? 107 ILE U C   1 
ATOM 754  O O   . ILE A 1 107 ? -7.485  -0.174  -8.167  1.00 67.34  ? 107 ILE U O   1 
ATOM 755  C CB  . ILE A 1 107 ? -5.377  0.111   -5.518  1.00 67.34  ? 107 ILE U CB  1 
ATOM 756  C CG1 . ILE A 1 107 ? -5.552  0.752   -4.148  1.00 67.34  ? 107 ILE U CG1 1 
ATOM 757  C CG2 . ILE A 1 107 ? -4.970  1.140   -6.530  1.00 67.34  ? 107 ILE U CG2 1 
ATOM 758  C CD1 . ILE A 1 107 ? -4.350  1.510   -3.692  1.00 67.34  ? 107 ILE U CD1 1 
ATOM 759  N N   . ARG A 1 108 ? -5.924  -1.767  -7.951  1.00 74.67  ? 108 ARG U N   1 
ATOM 760  C CA  . ARG A 1 108 ? -5.919  -2.072  -9.378  1.00 74.67  ? 108 ARG U CA  1 
ATOM 761  C C   . ARG A 1 108 ? -7.307  -2.396  -9.920  1.00 74.67  ? 108 ARG U C   1 
ATOM 762  O O   . ARG A 1 108 ? -7.719  -1.850  -10.945 1.00 74.67  ? 108 ARG U O   1 
ATOM 763  C CB  . ARG A 1 108 ? -4.981  -3.234  -9.663  1.00 74.67  ? 108 ARG U CB  1 
ATOM 764  C CG  . ARG A 1 108 ? -4.819  -3.482  -11.137 1.00 74.67  ? 108 ARG U CG  1 
ATOM 765  C CD  . ARG A 1 108 ? -4.377  -4.903  -11.390 1.00 74.67  ? 108 ARG U CD  1 
ATOM 766  N NE  . ARG A 1 108 ? -5.543  -5.773  -11.407 1.00 74.67  ? 108 ARG U NE  1 
ATOM 767  C CZ  . ARG A 1 108 ? -5.684  -6.830  -12.187 1.00 74.67  ? 108 ARG U CZ  1 
ATOM 768  N NH1 . ARG A 1 108 ? -4.754  -7.174  -13.056 1.00 74.67  ? 108 ARG U NH1 1 
ATOM 769  N NH2 . ARG A 1 108 ? -6.786  -7.564  -12.088 1.00 74.67  ? 108 ARG U NH2 1 
ATOM 770  N N   . ASP A 1 109 ? -8.050  -3.270  -9.261  1.00 82.04  ? 109 ASP U N   1 
ATOM 771  C CA  . ASP A 1 109 ? -9.317  -3.682  -9.862  1.00 82.04  ? 109 ASP U CA  1 
ATOM 772  C C   . ASP A 1 109 ? -10.388 -2.612  -9.824  1.00 82.04  ? 109 ASP U C   1 
ATOM 773  O O   . ASP A 1 109 ? -11.485 -2.859  -10.332 1.00 82.04  ? 109 ASP U O   1 
ATOM 774  C CB  . ASP A 1 109 ? -9.846  -4.959  -9.219  1.00 82.04  ? 109 ASP U CB  1 
ATOM 775  C CG  . ASP A 1 109 ? -9.137  -6.200  -9.730  1.00 82.04  ? 109 ASP U CG  1 
ATOM 776  O OD1 . ASP A 1 109 ? -8.045  -6.064  -10.323 1.00 82.04  ? 109 ASP U OD1 1 
ATOM 777  O OD2 . ASP A 1 109 ? -9.684  -7.309  -9.556  1.00 82.04  ? 109 ASP U OD2 1 
ATOM 778  N N   . GLU A 1 110 ? -10.135 -1.456  -9.226  1.00 78.86  ? 110 GLU U N   1 
ATOM 779  C CA  . GLU A 1 110 ? -11.031 -0.322  -9.413  1.00 78.86  ? 110 GLU U CA  1 
ATOM 780  C C   . GLU A 1 110 ? -10.496 0.720   -10.382 1.00 78.86  ? 110 GLU U C   1 
ATOM 781  O O   . GLU A 1 110 ? -11.270 1.257   -11.176 1.00 78.86  ? 110 GLU U O   1 
ATOM 782  C CB  . GLU A 1 110 ? -11.369 0.321   -8.074  1.00 78.86  ? 110 GLU U CB  1 
ATOM 783  C CG  . GLU A 1 110 ? -12.327 -0.555  -7.317  1.00 78.86  ? 110 GLU U CG  1 
ATOM 784  C CD  . GLU A 1 110 ? -13.626 -0.758  -8.080  1.00 78.86  ? 110 GLU U CD  1 
ATOM 785  O OE1 . GLU A 1 110 ? -14.005 0.131   -8.869  1.00 78.86  ? 110 GLU U OE1 1 
ATOM 786  O OE2 . GLU A 1 110 ? -14.257 -1.821  -7.916  1.00 78.86  ? 110 GLU U OE2 1 
ATOM 787  N N   . LEU A 1 111 ? -9.197  1.019   -10.356 1.00 69.78  ? 111 LEU U N   1 
ATOM 788  C CA  . LEU A 1 111 ? -8.645  1.892   -11.384 1.00 69.78  ? 111 LEU U CA  1 
ATOM 789  C C   . LEU A 1 111 ? -9.013  1.383   -12.769 1.00 69.78  ? 111 LEU U C   1 
ATOM 790  O O   . LEU A 1 111 ? -9.269  2.175   -13.679 1.00 69.78  ? 111 LEU U O   1 
ATOM 791  C CB  . LEU A 1 111 ? -7.132  2.006   -11.234 1.00 69.78  ? 111 LEU U CB  1 
ATOM 792  C CG  . LEU A 1 111 ? -6.684  2.996   -10.167 1.00 69.78  ? 111 LEU U CG  1 
ATOM 793  C CD1 . LEU A 1 111 ? -5.209  2.894   -9.899  1.00 69.78  ? 111 LEU U CD1 1 
ATOM 794  C CD2 . LEU A 1 111 ? -7.031  4.379   -10.600 1.00 69.78  ? 111 LEU U CD2 1 
ATOM 795  N N   . LYS A 1 112 ? -9.057  0.064   -12.948 1.00 73.88  ? 112 LYS U N   1 
ATOM 796  C CA  . LYS A 1 112 ? -9.465  -0.497  -14.231 1.00 73.88  ? 112 LYS U CA  1 
ATOM 797  C C   . LYS A 1 112 ? -10.908 -0.141  -14.555 1.00 73.88  ? 112 LYS U C   1 
ATOM 798  O O   . LYS A 1 112 ? -11.242 0.149   -15.708 1.00 73.88  ? 112 LYS U O   1 
ATOM 799  C CB  . LYS A 1 112 ? -9.311  -2.017  -14.247 1.00 73.88  ? 112 LYS U CB  1 
ATOM 800  C CG  . LYS A 1 112 ? -9.709  -2.587  -15.595 1.00 73.88  ? 112 LYS U CG  1 
ATOM 801  C CD  . LYS A 1 112 ? -9.214  -3.988  -15.862 1.00 73.88  ? 112 LYS U CD  1 
ATOM 802  C CE  . LYS A 1 112 ? -9.445  -4.907  -14.686 1.00 73.88  ? 112 LYS U CE  1 
ATOM 803  N NZ  . LYS A 1 112 ? -9.652  -6.305  -15.168 1.00 73.88  ? 112 LYS U NZ  1 
ATOM 804  N N   . TYR A 1 113 ? -11.780 -0.177  -13.556 1.00 79.05  ? 113 TYR U N   1 
ATOM 805  C CA  . TYR A 1 113 ? -13.199 0.071   -13.773 1.00 79.05  ? 113 TYR U CA  1 
ATOM 806  C C   . TYR A 1 113 ? -13.520 1.542   -13.989 1.00 79.05  ? 113 TYR U C   1 
ATOM 807  O O   . TYR A 1 113 ? -14.418 1.863   -14.769 1.00 79.05  ? 113 TYR U O   1 
ATOM 808  C CB  . TYR A 1 113 ? -13.997 -0.466  -12.597 1.00 79.05  ? 113 TYR U CB  1 
ATOM 809  C CG  . TYR A 1 113 ? -15.478 -0.383  -12.792 1.00 79.05  ? 113 TYR U CG  1 
ATOM 810  C CD1 . TYR A 1 113 ? -16.160 -1.402  -13.426 1.00 79.05  ? 113 TYR U CD1 1 
ATOM 811  C CD2 . TYR A 1 113 ? -16.200 0.696   -12.317 1.00 79.05  ? 113 TYR U CD2 1 
ATOM 812  C CE1 . TYR A 1 113 ? -17.510 -1.337  -13.611 1.00 79.05  ? 113 TYR U CE1 1 
ATOM 813  C CE2 . TYR A 1 113 ? -17.557 0.763   -12.487 1.00 79.05  ? 113 TYR U CE2 1 
ATOM 814  C CZ  . TYR A 1 113 ? -18.208 -0.256  -13.139 1.00 79.05  ? 113 TYR U CZ  1 
ATOM 815  O OH  . TYR A 1 113 ? -19.571 -0.212  -13.317 1.00 79.05  ? 113 TYR U OH  1 
ATOM 816  N N   . ILE A 1 114 ? -12.828 2.448   -13.309 1.00 71.92  ? 114 ILE U N   1 
ATOM 817  C CA  . ILE A 1 114 ? -12.887 3.857   -13.692 1.00 71.92  ? 114 ILE U CA  1 
ATOM 818  C C   . ILE A 1 114 ? -12.357 4.067   -15.106 1.00 71.92  ? 114 ILE U C   1 
ATOM 819  O O   . ILE A 1 114 ? -13.036 4.656   -15.952 1.00 71.92  ? 114 ILE U O   1 
ATOM 820  C CB  . ILE A 1 114 ? -12.129 4.725   -12.678 1.00 71.92  ? 114 ILE U CB  1 
ATOM 821  C CG1 . ILE A 1 114 ? -12.816 4.667   -11.320 1.00 71.92  ? 114 ILE U CG1 1 
ATOM 822  C CG2 . ILE A 1 114 ? -12.029 6.142   -13.168 1.00 71.92  ? 114 ILE U CG2 1 
ATOM 823  C CD1 . ILE A 1 114 ? -12.055 5.373   -10.226 1.00 71.92  ? 114 ILE U CD1 1 
ATOM 824  N N   . ALA A 1 115 ? -11.153 3.580   -15.396 1.00 67.76  ? 115 ALA U N   1 
ATOM 825  C CA  . ALA A 1 115 ? -10.580 3.775   -16.726 1.00 67.76  ? 115 ALA U CA  1 
ATOM 826  C C   . ALA A 1 115 ? -11.395 3.139   -17.841 1.00 67.76  ? 115 ALA U C   1 
ATOM 827  O O   . ALA A 1 115 ? -11.258 3.552   -18.993 1.00 67.76  ? 115 ALA U O   1 
ATOM 828  C CB  . ALA A 1 115 ? -9.152  3.239   -16.779 1.00 67.76  ? 115 ALA U CB  1 
ATOM 829  N N   . THR A 1 116 ? -12.222 2.139   -17.546 1.00 73.29  ? 116 THR U N   1 
ATOM 830  C CA  . THR A 1 116 ? -13.134 1.631   -18.566 1.00 73.29  ? 116 THR U CA  1 
ATOM 831  C C   . THR A 1 116 ? -14.158 2.676   -18.989 1.00 73.29  ? 116 THR U C   1 
ATOM 832  O O   . THR A 1 116 ? -14.506 2.764   -20.171 1.00 73.29  ? 116 THR U O   1 
ATOM 833  C CB  . THR A 1 116 ? -13.840 0.375   -18.061 1.00 73.29  ? 116 THR U CB  1 
ATOM 834  O OG1 . THR A 1 116 ? -12.885 -0.678  -17.903 1.00 73.29  ? 116 THR U OG1 1 
ATOM 835  C CG2 . THR A 1 116 ? -14.922 -0.073  -19.032 1.00 73.29  ? 116 THR U CG2 1 
ATOM 836  N N   . GLU A 1 117 ? -14.635 3.494   -18.056 1.00 73.34  ? 117 GLU U N   1 
ATOM 837  C CA  . GLU A 1 117 ? -15.763 4.370   -18.337 1.00 73.34  ? 117 GLU U CA  1 
ATOM 838  C C   . GLU A 1 117 ? -15.453 5.859   -18.288 1.00 73.34  ? 117 GLU U C   1 
ATOM 839  O O   . GLU A 1 117 ? -16.294 6.655   -18.713 1.00 73.34  ? 117 GLU U O   1 
ATOM 840  C CB  . GLU A 1 117 ? -16.923 4.055   -17.383 1.00 73.34  ? 117 GLU U CB  1 
ATOM 841  C CG  . GLU A 1 117 ? -17.355 2.604   -17.463 1.00 73.34  ? 117 GLU U CG  1 
ATOM 842  C CD  . GLU A 1 117 ? -18.706 2.373   -16.840 1.00 73.34  ? 117 GLU U CD  1 
ATOM 843  O OE1 . GLU A 1 117 ? -19.464 3.351   -16.689 1.00 73.34  ? 117 GLU U OE1 1 
ATOM 844  O OE2 . GLU A 1 117 ? -19.014 1.213   -16.502 1.00 73.34  ? 117 GLU U OE2 1 
ATOM 845  N N   . ALA A 1 118 ? -14.292 6.261   -17.789 1.00 66.37  ? 118 ALA U N   1 
ATOM 846  C CA  . ALA A 1 118 ? -13.671 7.523   -18.154 1.00 66.37  ? 118 ALA U CA  1 
ATOM 847  C C   . ALA A 1 118 ? -12.712 7.384   -19.324 1.00 66.37  ? 118 ALA U C   1 
ATOM 848  O O   . ALA A 1 118 ? -11.779 8.177   -19.436 1.00 66.37  ? 118 ALA U O   1 
ATOM 849  C CB  . ALA A 1 118 ? -12.937 8.119   -16.958 1.00 66.37  ? 118 ALA U CB  1 
ATOM 850  N N   . SER A 1 119 ? -12.899 6.376   -20.165 1.00 59.72  ? 119 SER U N   1 
ATOM 851  C CA  . SER A 1 119 ? -12.057 6.181   -21.335 1.00 59.72  ? 119 SER U CA  1 
ATOM 852  C C   . SER A 1 119 ? -11.964 7.448   -22.179 1.00 59.72  ? 119 SER U C   1 
ATOM 853  O O   . SER A 1 119 ? -12.992 7.969   -22.621 1.00 59.72  ? 119 SER U O   1 
ATOM 854  C CB  . SER A 1 119 ? -12.606 5.049   -22.199 1.00 59.72  ? 119 SER U CB  1 
ATOM 855  O OG  . SER A 1 119 ? -12.252 3.784   -21.685 1.00 59.72  ? 119 SER U OG  1 
ATOM 856  N N   . PRO A 1 120 ? -10.756 7.922   -22.486 1.00 57.31  ? 120 PRO U N   1 
ATOM 857  C CA  . PRO A 1 120 ? -10.611 9.104   -23.347 1.00 57.31  ? 120 PRO U CA  1 
ATOM 858  C C   . PRO A 1 120 ? -11.126 8.876   -24.754 1.00 57.31  ? 120 PRO U C   1 
ATOM 859  O O   . PRO A 1 120 ? -11.231 9.837   -25.520 1.00 57.31  ? 120 PRO U O   1 
ATOM 860  C CB  . PRO A 1 120 ? -9.105  9.382   -23.322 1.00 57.31  ? 120 PRO U CB  1 
ATOM 861  C CG  . PRO A 1 120 ? -8.483  8.104   -22.964 1.00 57.31  ? 120 PRO U CG  1 
ATOM 862  C CD  . PRO A 1 120 ? -9.463  7.341   -22.119 1.00 57.31  ? 120 PRO U CD  1 
ATOM 863  N N   . ALA A 1 121 ? -11.386 7.631   -25.137 1.00 61.99  ? 121 ALA U N   1 
ATOM 864  C CA  . ALA A 1 121 ? -12.049 7.362   -26.407 1.00 61.99  ? 121 ALA U CA  1 
ATOM 865  C C   . ALA A 1 121 ? -13.506 7.787   -26.373 1.00 61.99  ? 121 ALA U C   1 
ATOM 866  O O   . ALA A 1 121 ? -14.086 8.083   -27.422 1.00 61.99  ? 121 ALA U O   1 
ATOM 867  C CB  . ALA A 1 121 ? -11.952 5.880   -26.752 1.00 61.99  ? 121 ALA U CB  1 
ATOM 868  N N   . LYS A 1 122 ? -14.121 7.786   -25.198 1.00 63.28  ? 122 LYS U N   1 
ATOM 869  C CA  . LYS A 1 122 ? -15.519 8.153   -25.025 1.00 63.28  ? 122 LYS U CA  1 
ATOM 870  C C   . LYS A 1 122 ? -15.692 9.593   -24.576 1.00 63.28  ? 122 LYS U C   1 
ATOM 871  O O   . LYS A 1 122 ? -16.658 10.242  -24.976 1.00 63.28  ? 122 LYS U O   1 
ATOM 872  C CB  . LYS A 1 122 ? -16.208 7.223   -24.037 1.00 63.28  ? 122 LYS U CB  1 
ATOM 873  C CG  . LYS A 1 122 ? -16.419 5.843   -24.582 1.00 63.28  ? 122 LYS U CG  1 
ATOM 874  C CD  . LYS A 1 122 ? -17.179 4.985   -23.608 1.00 63.28  ? 122 LYS U CD  1 
ATOM 875  C CE  . LYS A 1 122 ? -17.360 3.592   -24.168 1.00 63.28  ? 122 LYS U CE  1 
ATOM 876  N NZ  . LYS A 1 122 ? -18.199 2.753   -23.275 1.00 63.28  ? 122 LYS U NZ  1 
ATOM 877  N N   . VAL A 1 123 ? -14.793 10.100  -23.735 1.00 61.49  ? 123 VAL U N   1 
ATOM 878  C CA  . VAL A 1 123 ? -14.809 11.517  -23.376 1.00 61.49  ? 123 VAL U CA  1 
ATOM 879  C C   . VAL A 1 123 ? -14.750 12.395  -24.621 1.00 61.49  ? 123 VAL U C   1 
ATOM 880  O O   . VAL A 1 123 ? -15.557 13.310  -24.789 1.00 61.49  ? 123 VAL U O   1 
ATOM 881  C CB  . VAL A 1 123 ? -13.654 11.840  -22.414 1.00 61.49  ? 123 VAL U CB  1 
ATOM 882  C CG1 . VAL A 1 123 ? -13.510 13.325  -22.243 1.00 61.49  ? 123 VAL U CG1 1 
ATOM 883  C CG2 . VAL A 1 123 ? -13.917 11.223  -21.068 1.00 61.49  ? 123 VAL U CG2 1 
ATOM 884  N N   . ALA A 1 124 ? -13.800 12.137  -25.511 1.00 62.27  ? 124 ALA U N   1 
ATOM 885  C CA  . ALA A 1 124 ? -13.700 12.942  -26.725 1.00 62.27  ? 124 ALA U CA  1 
ATOM 886  C C   . ALA A 1 124 ? -14.881 12.763  -27.674 1.00 62.27  ? 124 ALA U C   1 
ATOM 887  O O   . ALA A 1 124 ? -15.225 13.702  -28.393 1.00 62.27  ? 124 ALA U O   1 
ATOM 888  C CB  . ALA A 1 124 ? -12.395 12.635  -27.452 1.00 62.27  ? 124 ALA U CB  1 
ATOM 889  N N   . GLU A 1 125 ? -15.507 11.589  -27.719 1.00 69.83  ? 125 GLU U N   1 
ATOM 890  C CA  . GLU A 1 125 ? -16.696 11.431  -28.554 1.00 69.83  ? 125 GLU U CA  1 
ATOM 891  C C   . GLU A 1 125 ? -17.831 12.320  -28.083 1.00 69.83  ? 125 GLU U C   1 
ATOM 892  O O   . GLU A 1 125 ? -18.353 13.142  -28.839 1.00 69.83  ? 125 GLU U O   1 
ATOM 893  C CB  . GLU A 1 125 ? -17.166 9.986   -28.534 1.00 69.83  ? 125 GLU U CB  1 
ATOM 894  C CG  . GLU A 1 125 ? -18.481 9.798   -29.235 1.00 69.83  ? 125 GLU U CG  1 
ATOM 895  C CD  . GLU A 1 125 ? -19.009 8.393   -29.089 1.00 69.83  ? 125 GLU U CD  1 
ATOM 896  O OE1 . GLU A 1 125 ? -18.225 7.437   -29.260 1.00 69.83  ? 125 GLU U OE1 1 
ATOM 897  O OE2 . GLU A 1 125 ? -20.208 8.242   -28.783 1.00 69.83  ? 125 GLU U OE2 1 
ATOM 898  N N   . ILE A 1 126 ? -18.234 12.155  -26.828 1.00 62.07  ? 126 ILE U N   1 
ATOM 899  C CA  . ILE A 1 126 ? -19.388 12.850  -26.283 1.00 62.07  ? 126 ILE U CA  1 
ATOM 900  C C   . ILE A 1 126 ? -19.154 14.349  -26.186 1.00 62.07  ? 126 ILE U C   1 
ATOM 901  O O   . ILE A 1 126 ? -20.111 15.122  -26.212 1.00 62.07  ? 126 ILE U O   1 
ATOM 902  C CB  . ILE A 1 126 ? -19.791 12.180  -24.964 1.00 62.07  ? 126 ILE U CB  1 
ATOM 903  C CG1 . ILE A 1 126 ? -20.564 10.904  -25.293 1.00 62.07  ? 126 ILE U CG1 1 
ATOM 904  C CG2 . ILE A 1 126 ? -20.623 13.085  -24.105 1.00 62.07  ? 126 ILE U CG2 1 
ATOM 905  C CD1 . ILE A 1 126 ? -20.525 9.875   -24.219 1.00 62.07  ? 126 ILE U CD1 1 
ATOM 906  N N   . ALA A 1 127 ? -17.904 14.794  -26.125 1.00 66.22  ? 127 ALA U N   1 
ATOM 907  C CA  . ALA A 1 127 ? -17.643 16.227  -26.187 1.00 66.22  ? 127 ALA U CA  1 
ATOM 908  C C   . ALA A 1 127 ? -17.775 16.768  -27.606 1.00 66.22  ? 127 ALA U C   1 
ATOM 909  O O   . ALA A 1 127 ? -18.224 17.900  -27.788 1.00 66.22  ? 127 ALA U O   1 
ATOM 910  C CB  . ALA A 1 127 ? -16.261 16.546  -25.627 1.00 66.22  ? 127 ALA U CB  1 
ATOM 911  N N   . GLU A 1 128 ? -17.345 16.020  -28.619 1.00 74.93  ? 128 GLU U N   1 
ATOM 912  C CA  . GLU A 1 128 ? -17.502 16.505  -29.989 1.00 74.93  ? 128 GLU U CA  1 
ATOM 913  C C   . GLU A 1 128 ? -18.975 16.531  -30.386 1.00 74.93  ? 128 GLU U C   1 
ATOM 914  O O   . GLU A 1 128 ? -19.415 17.452  -31.078 1.00 74.93  ? 128 GLU U O   1 
ATOM 915  C CB  . GLU A 1 128 ? -16.693 15.655  -30.967 1.00 74.93  ? 128 GLU U CB  1 
ATOM 916  C CG  . GLU A 1 128 ? -17.513 14.658  -31.768 1.00 74.93  ? 128 GLU U CG  1 
ATOM 917  C CD  . GLU A 1 128 ? -16.665 13.636  -32.484 1.00 74.93  ? 128 GLU U CD  1 
ATOM 918  O OE1 . GLU A 1 128 ? -15.766 14.034  -33.253 1.00 74.93  ? 128 GLU U OE1 1 
ATOM 919  O OE2 . GLU A 1 128 ? -16.902 12.428  -32.283 1.00 74.93  ? 128 GLU U OE2 1 
ATOM 920  N N   . ASP A 1 129 ? -19.746 15.524  -29.971 1.00 71.24  ? 129 ASP U N   1 
ATOM 921  C CA  . ASP A 1 129 ? -21.151 15.451  -30.355 1.00 71.24  ? 129 ASP U CA  1 
ATOM 922  C C   . ASP A 1 129 ? -21.923 16.649  -29.838 1.00 71.24  ? 129 ASP U C   1 
ATOM 923  O O   . ASP A 1 129 ? -22.789 17.183  -30.536 1.00 71.24  ? 129 ASP U O   1 
ATOM 924  C CB  . ASP A 1 129 ? -21.784 14.170  -29.828 1.00 71.24  ? 129 ASP U CB  1 
ATOM 925  C CG  . ASP A 1 129 ? -21.913 13.113  -30.880 1.00 71.24  ? 129 ASP U CG  1 
ATOM 926  O OD1 . ASP A 1 129 ? -22.508 13.404  -31.934 1.00 71.24  ? 129 ASP U OD1 1 
ATOM 927  O OD2 . ASP A 1 129 ? -21.446 11.982  -30.646 1.00 71.24  ? 129 ASP U OD2 1 
ATOM 928  N N   . SER A 1 130 ? -21.642 17.072  -28.608 1.00 72.08  ? 130 SER U N   1 
ATOM 929  C CA  . SER A 1 130 ? -22.376 18.192  -28.029 1.00 72.08  ? 130 SER U CA  1 
ATOM 930  C C   . SER A 1 130 ? -22.151 19.471  -28.824 1.00 72.08  ? 130 SER U C   1 
ATOM 931  O O   . SER A 1 130 ? -23.095 20.230  -29.062 1.00 72.08  ? 130 SER U O   1 
ATOM 932  C CB  . SER A 1 130 ? -21.978 18.387  -26.568 1.00 72.08  ? 130 SER U CB  1 
ATOM 933  O OG  . SER A 1 130 ? -22.867 17.713  -25.689 1.00 72.08  ? 130 SER U OG  1 
ATOM 934  N N   . ASP A 1 131 ? -20.924 19.706  -29.282 1.00 78.39  ? 131 ASP U N   1 
ATOM 935  C CA  . ASP A 1 131 ? -20.599 20.958  -29.960 1.00 78.39  ? 131 ASP U CA  1 
ATOM 936  C C   . ASP A 1 131 ? -21.334 21.074  -31.286 1.00 78.39  ? 131 ASP U C   1 
ATOM 937  O O   . ASP A 1 131 ? -21.766 22.167  -31.662 1.00 78.39  ? 131 ASP U O   1 
ATOM 938  C CB  . ASP A 1 131 ? -19.097 21.101  -30.148 1.00 78.39  ? 131 ASP U CB  1 
ATOM 939  C CG  . ASP A 1 131 ? -18.401 21.487  -28.872 1.00 78.39  ? 131 ASP U CG  1 
ATOM 940  O OD1 . ASP A 1 131 ? -18.924 21.139  -27.793 1.00 78.39  ? 131 ASP U OD1 1 
ATOM 941  O OD2 . ASP A 1 131 ? -17.339 22.138  -28.945 1.00 78.39  ? 131 ASP U OD2 1 
ATOM 942  N N   . VAL A 1 132 ? -21.463 19.971  -32.019 1.00 74.86  ? 132 VAL U N   1 
ATOM 943  C CA  . VAL A 1 132 ? -22.193 20.011  -33.278 1.00 74.86  ? 132 VAL U CA  1 
ATOM 944  C C   . VAL A 1 132 ? -23.649 20.349  -33.021 1.00 74.86  ? 132 VAL U C   1 
ATOM 945  O O   . VAL A 1 132 ? -24.234 21.191  -33.709 1.00 74.86  ? 132 VAL U O   1 
ATOM 946  C CB  . VAL A 1 132 ? -22.078 18.662  -34.006 1.00 74.86  ? 132 VAL U CB  1 
ATOM 947  C CG1 . VAL A 1 132 ? -22.782 18.736  -35.332 1.00 74.86  ? 132 VAL U CG1 1 
ATOM 948  C CG2 . VAL A 1 132 ? -20.629 18.284  -34.196 1.00 74.86  ? 132 VAL U CG2 1 
ATOM 949  N N   . TYR A 1 133 ? -24.263 19.695  -32.046 1.00 71.93  ? 133 TYR U N   1 
ATOM 950  C CA  . TYR A 1 133 ? -25.650 20.004  -31.758 1.00 71.93  ? 133 TYR U CA  1 
ATOM 951  C C   . TYR A 1 133 ? -25.817 21.445  -31.293 1.00 71.93  ? 133 TYR U C   1 
ATOM 952  O O   . TYR A 1 133 ? -26.843 22.068  -31.575 1.00 71.93  ? 133 TYR U O   1 
ATOM 953  C CB  . TYR A 1 133 ? -26.190 19.050  -30.706 1.00 71.93  ? 133 TYR U CB  1 
ATOM 954  C CG  . TYR A 1 133 ? -26.188 17.627  -31.159 1.00 71.93  ? 133 TYR U CG  1 
ATOM 955  C CD1 . TYR A 1 133 ? -26.452 17.299  -32.467 1.00 71.93  ? 133 TYR U CD1 1 
ATOM 956  C CD2 . TYR A 1 133 ? -25.929 16.610  -30.271 1.00 71.93  ? 133 TYR U CD2 1 
ATOM 957  C CE1 . TYR A 1 133 ? -26.438 15.995  -32.879 1.00 71.93  ? 133 TYR U CE1 1 
ATOM 958  C CE2 . TYR A 1 133 ? -25.917 15.311  -30.670 1.00 71.93  ? 133 TYR U CE2 1 
ATOM 959  C CZ  . TYR A 1 133 ? -26.177 15.002  -31.972 1.00 71.93  ? 133 TYR U CZ  1 
ATOM 960  O OH  . TYR A 1 133 ? -26.162 13.689  -32.375 1.00 71.93  ? 133 TYR U OH  1 
ATOM 961  N N   . VAL A 1 134 ? -24.840 21.984  -30.563 1.00 78.04  ? 134 VAL U N   1 
ATOM 962  C CA  . VAL A 1 134 ? -24.902 23.384  -30.138 1.00 78.04  ? 134 VAL U CA  1 
ATOM 963  C C   . VAL A 1 134 ? -24.907 24.342  -31.319 1.00 78.04  ? 134 VAL U C   1 
ATOM 964  O O   . VAL A 1 134 ? -25.702 25.284  -31.358 1.00 78.04  ? 134 VAL U O   1 
ATOM 965  C CB  . VAL A 1 134 ? -23.764 23.714  -29.163 1.00 78.04  ? 134 VAL U CB  1 
ATOM 966  C CG1 . VAL A 1 134 ? -23.463 25.195  -29.198 1.00 78.04  ? 134 VAL U CG1 1 
ATOM 967  C CG2 . VAL A 1 134 ? -24.175 23.326  -27.765 1.00 78.04  ? 134 VAL U CG2 1 
ATOM 968  N N   . SER A 1 135 ? -24.042 24.132  -32.308 1.00 79.94  ? 135 SER U N   1 
ATOM 969  C CA  . SER A 1 135 ? -24.105 25.070  -33.421 1.00 79.94  ? 135 SER U CA  1 
ATOM 970  C C   . SER A 1 135 ? -25.293 24.807  -34.318 1.00 79.94  ? 135 SER U C   1 
ATOM 971  O O   . SER A 1 135 ? -25.702 25.698  -35.062 1.00 79.94  ? 135 SER U O   1 
ATOM 972  C CB  . SER A 1 135 ? -22.830 25.012  -34.250 1.00 79.94  ? 135 SER U CB  1 
ATOM 973  O OG  . SER A 1 135 ? -22.931 25.889  -35.350 1.00 79.94  ? 135 SER U OG  1 
ATOM 974  N N   . GLU A 1 136 ? -25.841 23.604  -34.274 1.00 85.83  ? 136 GLU U N   1 
ATOM 975  C CA  . GLU A 1 136 ? -27.021 23.322  -35.066 1.00 85.83  ? 136 GLU U CA  1 
ATOM 976  C C   . GLU A 1 136 ? -28.203 24.111  -34.538 1.00 85.83  ? 136 GLU U C   1 
ATOM 977  O O   . GLU A 1 136 ? -28.983 24.670  -35.311 1.00 85.83  ? 136 GLU U O   1 
ATOM 978  C CB  . GLU A 1 136 ? -27.316 21.835  -35.048 1.00 85.83  ? 136 GLU U CB  1 
ATOM 979  C CG  . GLU A 1 136 ? -28.454 21.446  -35.931 1.00 85.83  ? 136 GLU U CG  1 
ATOM 980  C CD  . GLU A 1 136 ? -28.684 19.963  -35.925 1.00 85.83  ? 136 GLU U CD  1 
ATOM 981  O OE1 . GLU A 1 136 ? -27.963 19.258  -35.194 1.00 85.83  ? 136 GLU U OE1 1 
ATOM 982  O OE2 . GLU A 1 136 ? -29.580 19.498  -36.656 1.00 85.83  ? 136 GLU U OE2 1 
ATOM 983  N N   . ILE A 1 137 ? -28.354 24.134  -33.214 1.00 88.20  ? 137 ILE U N   1 
ATOM 984  C CA  . ILE A 1 137 ? -29.473 24.783  -32.539 1.00 88.20  ? 137 ILE U CA  1 
ATOM 985  C C   . ILE A 1 137 ? -29.370 26.302  -32.588 1.00 88.20  ? 137 ILE U C   1 
ATOM 986  O O   . ILE A 1 137 ? -30.361 26.987  -32.855 1.00 88.20  ? 137 ILE U O   1 
ATOM 987  C CB  . ILE A 1 137 ? -29.571 24.275  -31.093 1.00 88.20  ? 137 ILE U CB  1 
ATOM 988  C CG1 . ILE A 1 137 ? -30.074 22.839  -31.078 1.00 88.20  ? 137 ILE U CG1 1 
ATOM 989  C CG2 . ILE A 1 137 ? -30.443 25.172  -30.267 1.00 88.20  ? 137 ILE U CG2 1 
ATOM 990  C CD1 . ILE A 1 137 ? -29.774 22.120  -29.815 1.00 88.20  ? 137 ILE U CD1 1 
ATOM 991  N N   . GLU A 1 138 ? -28.185 26.856  -32.348 1.00 102.40 ? 138 GLU U N   1 
ATOM 992  C CA  . GLU A 1 138 ? -28.059 28.310  -32.322 1.00 102.40 ? 138 GLU U CA  1 
ATOM 993  C C   . GLU A 1 138 ? -28.283 28.920  -33.699 1.00 102.40 ? 138 GLU U C   1 
ATOM 994  O O   . GLU A 1 138 ? -28.894 29.985  -33.816 1.00 102.40 ? 138 GLU U O   1 
ATOM 995  C CB  . GLU A 1 138 ? -26.694 28.705  -31.765 1.00 102.40 ? 138 GLU U CB  1 
ATOM 996  C CG  . GLU A 1 138 ? -26.462 30.197  -31.622 1.00 102.40 ? 138 GLU U CG  1 
ATOM 997  C CD  . GLU A 1 138 ? -26.081 30.872  -32.922 1.00 102.40 ? 138 GLU U CD  1 
ATOM 998  O OE1 . GLU A 1 138 ? -25.544 30.189  -33.817 1.00 102.40 ? 138 GLU U OE1 1 
ATOM 999  O OE2 . GLU A 1 138 ? -26.319 32.090  -33.046 1.00 102.40 ? 138 GLU U OE2 1 
ATOM 1000 N N   . GLU A 1 139 ? -27.781 28.290  -34.753 1.00 108.35 ? 139 GLU U N   1 
ATOM 1001 C CA  . GLU A 1 139 ? -28.061 28.807  -36.086 1.00 108.35 ? 139 GLU U CA  1 
ATOM 1002 C C   . GLU A 1 139 ? -29.522 28.612  -36.450 1.00 108.35 ? 139 GLU U C   1 
ATOM 1003 O O   . GLU A 1 139 ? -30.123 29.462  -37.110 1.00 108.35 ? 139 GLU U O   1 
ATOM 1004 C CB  . GLU A 1 139 ? -27.183 28.127  -37.122 1.00 108.35 ? 139 GLU U CB  1 
ATOM 1005 C CG  . GLU A 1 139 ? -27.291 28.745  -38.495 1.00 108.35 ? 139 GLU U CG  1 
ATOM 1006 C CD  . GLU A 1 139 ? -28.517 28.261  -39.246 1.00 108.35 ? 139 GLU U CD  1 
ATOM 1007 O OE1 . GLU A 1 139 ? -29.033 27.179  -38.894 1.00 108.35 ? 139 GLU U OE1 1 
ATOM 1008 O OE2 . GLU A 1 139 ? -28.965 28.962  -40.176 1.00 108.35 ? 139 GLU U OE2 1 
ATOM 1009 N N   . ALA A 1 140 ? -30.116 27.515  -36.005 1.00 107.07 ? 140 ALA U N   1 
ATOM 1010 C CA  . ALA A 1 140 ? -31.552 27.318  -36.107 1.00 107.07 ? 140 ALA U CA  1 
ATOM 1011 C C   . ALA A 1 140 ? -32.360 28.281  -35.257 1.00 107.07 ? 140 ALA U C   1 
ATOM 1012 O O   . ALA A 1 140 ? -33.591 28.256  -35.343 1.00 107.07 ? 140 ALA U O   1 
ATOM 1013 C CB  . ALA A 1 140 ? -31.899 25.895  -35.720 1.00 107.07 ? 140 ALA U CB  1 
ATOM 1014 N N   . ALA A 1 141 ? -31.728 29.067  -34.396 1.00 121.83 ? 141 ALA U N   1 
ATOM 1015 C CA  . ALA A 1 141 ? -32.406 30.214  -33.804 1.00 121.83 ? 141 ALA U CA  1 
ATOM 1016 C C   . ALA A 1 141 ? -32.323 31.467  -34.658 1.00 121.83 ? 141 ALA U C   1 
ATOM 1017 O O   . ALA A 1 141 ? -33.245 32.284  -34.631 1.00 121.83 ? 141 ALA U O   1 
ATOM 1018 C CB  . ALA A 1 141 ? -31.834 30.521  -32.422 1.00 121.83 ? 141 ALA U CB  1 
ATOM 1019 N N   . ASP A 1 142 ? -31.244 31.643  -35.417 1.00 136.36 ? 142 ASP U N   1 
ATOM 1020 C CA  . ASP A 1 142 ? -31.103 32.835  -36.250 1.00 136.36 ? 142 ASP U CA  1 
ATOM 1021 C C   . ASP A 1 142 ? -31.994 32.792  -37.483 1.00 136.36 ? 142 ASP U C   1 
ATOM 1022 O O   . ASP A 1 142 ? -32.529 33.822  -37.900 1.00 136.36 ? 142 ASP U O   1 
ATOM 1023 C CB  . ASP A 1 142 ? -29.653 33.023  -36.664 1.00 136.36 ? 142 ASP U CB  1 
ATOM 1024 C CG  . ASP A 1 142 ? -29.368 34.434  -37.109 1.00 136.36 ? 142 ASP U CG  1 
ATOM 1025 O OD1 . ASP A 1 142 ? -29.966 35.370  -36.541 1.00 136.36 ? 142 ASP U OD1 1 
ATOM 1026 O OD2 . ASP A 1 142 ? -28.548 34.612  -38.031 1.00 136.36 ? 142 ASP U OD2 1 
ATOM 1027 N N   . ILE A 1 143 ? -32.175 31.616  -38.079 1.00 136.08 ? 143 ILE U N   1 
ATOM 1028 C CA  . ILE A 1 143 ? -33.176 31.504  -39.123 1.00 136.08 ? 143 ILE U CA  1 
ATOM 1029 C C   . ILE A 1 143 ? -34.572 31.533  -38.542 1.00 136.08 ? 143 ILE U C   1 
ATOM 1030 O O   . ILE A 1 143 ? -35.530 31.833  -39.257 1.00 136.08 ? 143 ILE U O   1 
ATOM 1031 C CB  . ILE A 1 143 ? -32.943 30.208  -39.924 1.00 136.08 ? 143 ILE U CB  1 
ATOM 1032 C CG1 . ILE A 1 143 ? -33.889 30.107  -41.115 1.00 136.08 ? 143 ILE U CG1 1 
ATOM 1033 C CG2 . ILE A 1 143 ? -33.160 28.998  -39.051 1.00 136.08 ? 143 ILE U CG2 1 
ATOM 1034 C CD1 . ILE A 1 143 ? -33.764 31.254  -42.086 1.00 136.08 ? 143 ILE U CD1 1 
ATOM 1035 N N   . LEU A 1 144 ? -34.726 31.256  -37.253 1.00 145.18 ? 144 LEU U N   1 
ATOM 1036 C CA  . LEU A 1 144 ? -35.994 31.549  -36.602 1.00 145.18 ? 144 LEU U CA  1 
ATOM 1037 C C   . LEU A 1 144 ? -36.261 33.040  -36.416 1.00 145.18 ? 144 LEU U C   1 
ATOM 1038 O O   . LEU A 1 144 ? -37.396 33.404  -36.100 1.00 145.18 ? 144 LEU U O   1 
ATOM 1039 C CB  . LEU A 1 144 ? -36.043 30.808  -35.269 1.00 145.18 ? 144 LEU U CB  1 
ATOM 1040 C CG  . LEU A 1 144 ? -37.372 30.648  -34.550 1.00 145.18 ? 144 LEU U CG  1 
ATOM 1041 C CD1 . LEU A 1 144 ? -37.516 29.239  -34.035 1.00 145.18 ? 144 LEU U CD1 1 
ATOM 1042 C CD2 . LEU A 1 144 ? -37.414 31.615  -33.392 1.00 145.18 ? 144 LEU U CD2 1 
ATOM 1043 N N   . ALA A 1 145 ? -35.263 33.907  -36.573 1.00 181.89 ? 145 ALA U N   1 
ATOM 1044 C CA  . ALA A 1 145 ? -35.454 35.358  -36.634 1.00 181.89 ? 145 ALA U CA  1 
ATOM 1045 C C   . ALA A 1 145 ? -35.150 35.920  -38.026 1.00 181.89 ? 145 ALA U C   1 
ATOM 1046 O O   . ALA A 1 145 ? -34.527 36.974  -38.157 1.00 181.89 ? 145 ALA U O   1 
ATOM 1047 C CB  . ALA A 1 145 ? -34.614 36.061  -35.573 1.00 181.89 ? 145 ALA U CB  1 
ATOM 1048 N N   . GLY A 1 146 ? -35.556 35.208  -39.084 1.00 236.45 ? 146 GLY U N   1 
ATOM 1049 C CA  . GLY A 1 146 ? -35.269 35.600  -40.461 1.00 236.45 ? 146 GLY U CA  1 
ATOM 1050 C C   . GLY A 1 146 ? -36.114 36.712  -41.055 1.00 236.45 ? 146 GLY U C   1 
ATOM 1051 O O   . GLY A 1 146 ? -35.667 37.366  -42.003 1.00 236.45 ? 146 GLY U O   1 
ATOM 1052 N N   . ASP A 1 147 ? -37.297 36.972  -40.507 1.00 297.50 ? 147 ASP U N   1 
ATOM 1053 C CA  . ASP A 1 147 ? -38.266 37.955  -41.009 1.00 297.50 ? 147 ASP U CA  1 
ATOM 1054 C C   . ASP A 1 147 ? -37.864 39.438  -41.057 1.00 297.50 ? 147 ASP U C   1 
ATOM 1055 O O   . ASP A 1 147 ? -38.454 40.176  -41.858 1.00 297.50 ? 147 ASP U O   1 
ATOM 1056 C CB  . ASP A 1 147 ? -39.564 37.819  -40.210 1.00 297.50 ? 147 ASP U CB  1 
ATOM 1057 C CG  . ASP A 1 147 ? -40.647 38.776  -40.686 1.00 297.50 ? 147 ASP U CG  1 
ATOM 1058 O OD1 . ASP A 1 147 ? -41.096 38.619  -41.843 1.00 297.50 ? 147 ASP U OD1 1 
ATOM 1059 O OD2 . ASP A 1 147 ? -41.045 39.674  -39.914 1.00 297.50 ? 147 ASP U OD2 1 
ATOM 1060 N N   . PRO A 1 148 ? -36.880 39.930  -40.279 1.00 298.90 ? 148 PRO U N   1 
ATOM 1061 C CA  . PRO A 1 148 ? -36.421 41.319  -40.494 1.00 298.90 ? 148 PRO U CA  1 
ATOM 1062 C C   . PRO A 1 148 ? -36.107 41.654  -41.937 1.00 298.90 ? 148 PRO U C   1 
ATOM 1063 O O   . PRO A 1 148 ? -36.262 42.810  -42.354 1.00 298.90 ? 148 PRO U O   1 
ATOM 1064 C CB  . PRO A 1 148 ? -35.177 41.428  -39.598 1.00 298.90 ? 148 PRO U CB  1 
ATOM 1065 C CG  . PRO A 1 148 ? -35.417 40.450  -38.544 1.00 298.90 ? 148 PRO U CG  1 
ATOM 1066 C CD  . PRO A 1 148 ? -36.058 39.299  -39.236 1.00 298.90 ? 148 PRO U CD  1 
ATOM 1067 N N   . GLU A 1 149 ? -35.662 40.674  -42.713 1.00 315.78 ? 149 GLU U N   1 
ATOM 1068 C CA  . GLU A 1 149 ? -35.384 40.904  -44.121 1.00 315.78 ? 149 GLU U CA  1 
ATOM 1069 C C   . GLU A 1 149 ? -36.650 41.208  -44.914 1.00 315.78 ? 149 GLU U C   1 
ATOM 1070 O O   . GLU A 1 149 ? -36.582 41.891  -45.941 1.00 315.78 ? 149 GLU U O   1 
ATOM 1071 C CB  . GLU A 1 149 ? -34.669 39.687  -44.701 1.00 315.78 ? 149 GLU U CB  1 
ATOM 1072 C CG  . GLU A 1 149 ? -34.054 39.920  -46.063 1.00 315.78 ? 149 GLU U CG  1 
ATOM 1073 C CD  . GLU A 1 149 ? -32.967 40.981  -46.045 1.00 315.78 ? 149 GLU U CD  1 
ATOM 1074 O OE1 . GLU A 1 149 ? -32.459 41.311  -44.953 1.00 315.78 ? 149 GLU U OE1 1 
ATOM 1075 O OE2 . GLU A 1 149 ? -32.613 41.484  -47.131 1.00 315.78 ? 149 GLU U OE2 1 
ATOM 1076 N N   . ILE A 1 150 ? -37.808 40.737  -44.458 1.00 320.32 ? 150 ILE U N   1 
ATOM 1077 C CA  . ILE A 1 150 ? -39.052 41.109  -45.124 1.00 320.32 ? 150 ILE U CA  1 
ATOM 1078 C C   . ILE A 1 150 ? -39.522 42.481  -44.660 1.00 320.32 ? 150 ILE U C   1 
ATOM 1079 O O   . ILE A 1 150 ? -39.962 43.307  -45.467 1.00 320.32 ? 150 ILE U O   1 
ATOM 1080 C CB  . ILE A 1 150 ? -40.137 40.047  -44.868 1.00 320.32 ? 150 ILE U CB  1 
ATOM 1081 C CG1 . ILE A 1 150 ? -39.772 38.717  -45.525 1.00 320.32 ? 150 ILE U CG1 1 
ATOM 1082 C CG2 . ILE A 1 150 ? -41.495 40.538  -45.359 1.00 320.32 ? 150 ILE U CG2 1 
ATOM 1083 C CD1 . ILE A 1 150 ? -39.058 37.760  -44.599 1.00 320.32 ? 150 ILE U CD1 1 
ATOM 1084 N N   . ASP A 1 151 ? -39.435 42.742  -43.358 1.00 324.63 ? 151 ASP U N   1 
ATOM 1085 C CA  . ASP A 1 151 ? -39.902 44.012  -42.811 1.00 324.63 ? 151 ASP U CA  1 
ATOM 1086 C C   . ASP A 1 151 ? -39.122 45.188  -43.386 1.00 324.63 ? 151 ASP U C   1 
ATOM 1087 O O   . ASP A 1 151 ? -39.708 46.196  -43.798 1.00 324.63 ? 151 ASP U O   1 
ATOM 1088 C CB  . ASP A 1 151 ? -39.795 43.987  -41.290 1.00 324.63 ? 151 ASP U CB  1 
ATOM 1089 C CG  . ASP A 1 151 ? -40.411 42.742  -40.693 1.00 324.63 ? 151 ASP U CG  1 
ATOM 1090 O OD1 . ASP A 1 151 ? -41.525 42.372  -41.115 1.00 324.63 ? 151 ASP U OD1 1 
ATOM 1091 O OD2 . ASP A 1 151 ? -39.788 42.143  -39.793 1.00 324.63 ? 151 ASP U OD2 1 
ATOM 1092 N N   . LEU A 1 152 ? -37.799 45.064  -43.454 1.00 329.33 ? 152 LEU U N   1 
ATOM 1093 C CA  . LEU A 1 152 ? -36.976 46.114  -44.033 1.00 329.33 ? 152 LEU U CA  1 
ATOM 1094 C C   . LEU A 1 152 ? -37.175 46.267  -45.534 1.00 329.33 ? 152 LEU U C   1 
ATOM 1095 O O   . LEU A 1 152 ? -36.668 47.233  -46.111 1.00 329.33 ? 152 LEU U O   1 
ATOM 1096 C CB  . LEU A 1 152 ? -35.502 45.840  -43.736 1.00 329.33 ? 152 LEU U CB  1 
ATOM 1097 C CG  . LEU A 1 152 ? -35.083 45.893  -42.267 1.00 329.33 ? 152 LEU U CG  1 
ATOM 1098 C CD1 . LEU A 1 152 ? -33.674 45.368  -42.100 1.00 329.33 ? 152 LEU U CD1 1 
ATOM 1099 C CD2 . LEU A 1 152 ? -35.188 47.312  -41.741 1.00 329.33 ? 152 LEU U CD2 1 
ATOM 1100 N N   . GLY A 1 153 ? -37.894 45.354  -46.173 1.00 349.33 ? 153 GLY U N   1 
ATOM 1101 C CA  . GLY A 1 153 ? -38.023 45.377  -47.613 1.00 349.33 ? 153 GLY U CA  1 
ATOM 1102 C C   . GLY A 1 153 ? -39.349 45.907  -48.120 1.00 349.33 ? 153 GLY U C   1 
ATOM 1103 O O   . GLY A 1 153 ? -39.383 46.769  -49.002 1.00 349.33 ? 153 GLY U O   1 
ATOM 1104 N N   . ILE A 1 154 ? -40.451 45.423  -47.545 1.00 360.87 ? 154 ILE U N   1 
ATOM 1105 C CA  . ILE A 1 154 ? -41.773 45.786  -48.037 1.00 360.87 ? 154 ILE U CA  1 
ATOM 1106 C C   . ILE A 1 154 ? -42.197 47.202  -47.664 1.00 360.87 ? 154 ILE U C   1 
ATOM 1107 O O   . ILE A 1 154 ? -43.052 47.783  -48.344 1.00 360.87 ? 154 ILE U O   1 
ATOM 1108 C CB  . ILE A 1 154 ? -42.791 44.764  -47.492 1.00 360.87 ? 154 ILE U CB  1 
ATOM 1109 C CG1 . ILE A 1 154 ? -44.181 44.997  -48.086 1.00 360.87 ? 154 ILE U CG1 1 
ATOM 1110 C CG2 . ILE A 1 154 ? -42.852 44.836  -45.975 1.00 360.87 ? 154 ILE U CG2 1 
ATOM 1111 C CD1 . ILE A 1 154 ? -45.138 43.860  -47.841 1.00 360.87 ? 154 ILE U CD1 1 
ATOM 1112 N N   . ASP A 1 155 ? -41.617 47.791  -46.629 1.00 386.05 ? 155 ASP U N   1 
ATOM 1113 C CA  . ASP A 1 155 ? -41.944 49.153  -46.235 1.00 386.05 ? 155 ASP U CA  1 
ATOM 1114 C C   . ASP A 1 155 ? -40.738 50.064  -46.408 1.00 386.05 ? 155 ASP U C   1 
ATOM 1115 O O   . ASP A 1 155 ? -39.717 49.881  -45.738 1.00 386.05 ? 155 ASP U O   1 
ATOM 1116 C CB  . ASP A 1 155 ? -42.437 49.164  -44.793 1.00 386.05 ? 155 ASP U CB  1 
ATOM 1117 C CG  . ASP A 1 155 ? -43.721 48.385  -44.626 1.00 386.05 ? 155 ASP U CG  1 
ATOM 1118 O OD1 . ASP A 1 155 ? -44.450 48.226  -45.629 1.00 386.05 ? 155 ASP U OD1 1 
ATOM 1119 O OD2 . ASP A 1 155 ? -43.991 47.917  -43.501 1.00 386.05 ? 155 ASP U OD2 1 
ATOM 1120 N N   . VAL A 1 156 ? -40.855 51.039  -47.310 1.00 433.62 ? 156 VAL U N   1 
ATOM 1121 C CA  . VAL A 1 156 ? -39.759 51.960  -47.591 1.00 433.62 ? 156 VAL U CA  1 
ATOM 1122 C C   . VAL A 1 156 ? -40.261 53.399  -47.644 1.00 433.62 ? 156 VAL U C   1 
ATOM 1123 O O   . VAL A 1 156 ? -39.708 54.232  -48.373 1.00 433.62 ? 156 VAL U O   1 
ATOM 1124 C CB  . VAL A 1 156 ? -39.046 51.575  -48.900 1.00 433.62 ? 156 VAL U CB  1 
ATOM 1125 C CG1 . VAL A 1 156 ? -38.360 50.222  -48.758 1.00 433.62 ? 156 VAL U CG1 1 
ATOM 1126 C CG2 . VAL A 1 156 ? -40.043 51.536  -50.044 1.00 433.62 ? 156 VAL U CG2 1 
ATOM 1127 N N   . THR A 1 157 ? -41.307 53.705  -46.881 1.00 472.50 ? 157 THR U N   1 
ATOM 1128 C CA  . THR A 1 157 ? -42.225 54.786  -47.231 1.00 472.50 ? 157 THR U CA  1 
ATOM 1129 C C   . THR A 1 157 ? -41.620 56.153  -46.910 1.00 472.50 ? 157 THR U C   1 
ATOM 1130 O O   . THR A 1 157 ? -41.411 56.496  -45.742 1.00 472.50 ? 157 THR U O   1 
ATOM 1131 C CB  . THR A 1 157 ? -43.549 54.588  -46.503 1.00 472.50 ? 157 THR U CB  1 
ATOM 1132 O OG1 . THR A 1 157 ? -43.882 53.194  -46.495 1.00 472.50 ? 157 THR U OG1 1 
ATOM 1133 C CG2 . THR A 1 157 ? -44.658 55.366  -47.187 1.00 472.50 ? 157 THR U CG2 1 
ATOM 1134 N N   . ASP A 1 158 ? -41.311 56.921  -47.960 1.00 496.65 ? 158 ASP U N   1 
ATOM 1135 C CA  . ASP A 1 158 ? -40.722 58.252  -47.808 1.00 496.65 ? 158 ASP U CA  1 
ATOM 1136 C C   . ASP A 1 158 ? -41.731 59.275  -47.298 1.00 496.65 ? 158 ASP U C   1 
ATOM 1137 O O   . ASP A 1 158 ? -41.391 60.146  -46.489 1.00 496.65 ? 158 ASP U O   1 
ATOM 1138 C CB  . ASP A 1 158 ? -40.143 58.713  -49.144 1.00 496.65 ? 158 ASP U CB  1 
ATOM 1139 C CG  . ASP A 1 158 ? -38.853 57.999  -49.498 1.00 496.65 ? 158 ASP U CG  1 
ATOM 1140 O OD1 . ASP A 1 158 ? -38.129 57.586  -48.568 1.00 496.65 ? 158 ASP U OD1 1 
ATOM 1141 O OD2 . ASP A 1 158 ? -38.567 57.840  -50.705 1.00 496.65 ? 158 ASP U OD2 1 
ATOM 1142 N N   . GLU A 1 159 ? -42.976 59.175  -47.769 1.00 506.54 ? 159 GLU U N   1 
ATOM 1143 C CA  . GLU A 1 159 ? -43.946 60.271  -47.706 1.00 506.54 ? 159 GLU U CA  1 
ATOM 1144 C C   . GLU A 1 159 ? -44.046 60.921  -46.336 1.00 506.54 ? 159 GLU U C   1 
ATOM 1145 O O   . GLU A 1 159 ? -44.161 62.146  -46.225 1.00 506.54 ? 159 GLU U O   1 
ATOM 1146 C CB  . GLU A 1 159 ? -45.324 59.768  -48.130 1.00 506.54 ? 159 GLU U CB  1 
ATOM 1147 C CG  . GLU A 1 159 ? -46.395 60.852  -48.192 1.00 506.54 ? 159 GLU U CG  1 
ATOM 1148 C CD  . GLU A 1 159 ? -46.129 61.901  -49.260 1.00 506.54 ? 159 GLU U CD  1 
ATOM 1149 O OE1 . GLU A 1 159 ? -45.253 61.678  -50.124 1.00 506.54 ? 159 GLU U OE1 1 
ATOM 1150 O OE2 . GLU A 1 159 ? -46.796 62.956  -49.234 1.00 506.54 ? 159 GLU U OE2 1 
ATOM 1151 N N   . LEU A 1 160 ? -43.969 60.121  -45.282 1.00 507.99 ? 160 LEU U N   1 
ATOM 1152 C CA  . LEU A 1 160 ? -43.993 60.608  -43.911 1.00 507.99 ? 160 LEU U CA  1 
ATOM 1153 C C   . LEU A 1 160 ? -42.899 61.610  -43.583 1.00 507.99 ? 160 LEU U C   1 
ATOM 1154 O O   . LEU A 1 160 ? -42.947 62.205  -42.503 1.00 507.99 ? 160 LEU U O   1 
ATOM 1155 C CB  . LEU A 1 160 ? -43.895 59.426  -42.959 1.00 507.99 ? 160 LEU U CB  1 
ATOM 1156 C CG  . LEU A 1 160 ? -44.742 58.253  -43.438 1.00 507.99 ? 160 LEU U CG  1 
ATOM 1157 C CD1 . LEU A 1 160 ? -43.885 57.253  -44.174 1.00 507.99 ? 160 LEU U CD1 1 
ATOM 1158 C CD2 . LEU A 1 160 ? -45.451 57.597  -42.313 1.00 507.99 ? 160 LEU U CD2 1 
ATOM 1159 N N   . ASN A 1 161 ? -41.925 61.832  -44.468 1.00 515.28 ? 161 ASN U N   1 
ATOM 1160 C CA  . ASN A 1 161 ? -41.068 62.994  -44.266 1.00 515.28 ? 161 ASN U CA  1 
ATOM 1161 C C   . ASN A 1 161 ? -41.854 64.295  -44.327 1.00 515.28 ? 161 ASN U C   1 
ATOM 1162 O O   . ASN A 1 161 ? -41.481 65.273  -43.671 1.00 515.28 ? 161 ASN U O   1 
ATOM 1163 C CB  . ASN A 1 161 ? -39.967 63.030  -45.321 1.00 515.28 ? 161 ASN U CB  1 
ATOM 1164 C CG  . ASN A 1 161 ? -38.994 64.160  -45.094 1.00 515.28 ? 161 ASN U CG  1 
ATOM 1165 O OD1 . ASN A 1 161 ? -38.822 65.027  -45.951 1.00 515.28 ? 161 ASN U OD1 1 
ATOM 1166 N ND2 . ASN A 1 161 ? -38.358 64.169  -43.927 1.00 515.28 ? 161 ASN U ND2 1 
ATOM 1167 N N   . GLN A 1 162 ? -42.954 64.327  -45.076 1.00 518.76 ? 162 GLN U N   1 
ATOM 1168 C CA  . GLN A 1 162 ? -43.890 65.435  -44.931 1.00 518.76 ? 162 GLN U CA  1 
ATOM 1169 C C   . GLN A 1 162 ? -44.501 65.437  -43.542 1.00 518.76 ? 162 GLN U C   1 
ATOM 1170 O O   . GLN A 1 162 ? -44.573 66.473  -42.873 1.00 518.76 ? 162 GLN U O   1 
ATOM 1171 C CB  . GLN A 1 162 ? -44.985 65.359  -45.992 1.00 518.76 ? 162 GLN U CB  1 
ATOM 1172 C CG  . GLN A 1 162 ? -46.114 66.335  -45.729 1.00 518.76 ? 162 GLN U CG  1 
ATOM 1173 C CD  . GLN A 1 162 ? -45.635 67.756  -45.531 1.00 518.76 ? 162 GLN U CD  1 
ATOM 1174 O OE1 . GLN A 1 162 ? -44.732 68.228  -46.223 1.00 518.76 ? 162 GLN U OE1 1 
ATOM 1175 N NE2 . GLN A 1 162 ? -46.234 68.446  -44.562 1.00 518.76 ? 162 GLN U NE2 1 
ATOM 1176 N N   . LEU A 1 163 ? -44.930 64.265  -43.092 1.00 517.50 ? 163 LEU U N   1 
ATOM 1177 C CA  . LEU A 1 163 ? -45.522 64.130  -41.773 1.00 517.50 ? 163 LEU U CA  1 
ATOM 1178 C C   . LEU A 1 163 ? -44.525 64.468  -40.675 1.00 517.50 ? 163 LEU U C   1 
ATOM 1179 O O   . LEU A 1 163 ? -44.885 65.079  -39.665 1.00 517.50 ? 163 LEU U O   1 
ATOM 1180 C CB  . LEU A 1 163 ? -46.046 62.707  -41.619 1.00 517.50 ? 163 LEU U CB  1 
ATOM 1181 C CG  . LEU A 1 163 ? -46.766 62.329  -40.338 1.00 517.50 ? 163 LEU U CG  1 
ATOM 1182 C CD1 . LEU A 1 163 ? -47.867 63.320  -40.059 1.00 517.50 ? 163 LEU U CD1 1 
ATOM 1183 C CD2 . LEU A 1 163 ? -47.343 60.950  -40.529 1.00 517.50 ? 163 LEU U CD2 1 
ATOM 1184 N N   . GLU A 1 164 ? -43.261 64.097  -40.864 1.00 517.94 ? 164 GLU U N   1 
ATOM 1185 C CA  . GLU A 1 164 ? -42.191 64.640  -40.035 1.00 517.94 ? 164 GLU U CA  1 
ATOM 1186 C C   . GLU A 1 164 ? -42.093 66.155  -40.144 1.00 517.94 ? 164 GLU U C   1 
ATOM 1187 O O   . GLU A 1 164 ? -42.135 66.862  -39.131 1.00 517.94 ? 164 GLU U O   1 
ATOM 1188 C CB  . GLU A 1 164 ? -40.873 63.991  -40.433 1.00 517.94 ? 164 GLU U CB  1 
ATOM 1189 C CG  . GLU A 1 164 ? -40.850 62.514  -40.158 1.00 517.94 ? 164 GLU U CG  1 
ATOM 1190 C CD  . GLU A 1 164 ? -39.570 61.878  -40.604 1.00 517.94 ? 164 GLU U CD  1 
ATOM 1191 O OE1 . GLU A 1 164 ? -39.080 62.241  -41.693 1.00 517.94 ? 164 GLU U OE1 1 
ATOM 1192 O OE2 . GLU A 1 164 ? -39.041 61.031  -39.862 1.00 517.94 ? 164 GLU U OE2 1 
ATOM 1193 N N   . THR A 1 165 ? -41.974 66.679  -41.364 1.00 520.47 ? 165 THR U N   1 
ATOM 1194 C CA  . THR A 1 165 ? -41.614 68.086  -41.504 1.00 520.47 ? 165 THR U CA  1 
ATOM 1195 C C   . THR A 1 165 ? -42.725 69.002  -41.015 1.00 520.47 ? 165 THR U C   1 
ATOM 1196 O O   . THR A 1 165 ? -42.447 70.109  -40.543 1.00 520.47 ? 165 THR U O   1 
ATOM 1197 C CB  . THR A 1 165 ? -41.242 68.413  -42.953 1.00 520.47 ? 165 THR U CB  1 
ATOM 1198 O OG1 . THR A 1 165 ? -40.448 69.606  -42.978 1.00 520.47 ? 165 THR U OG1 1 
ATOM 1199 C CG2 . THR A 1 165 ? -42.476 68.634  -43.815 1.00 520.47 ? 165 THR U CG2 1 
ATOM 1200 N N   . GLU A 1 166 ? -43.979 68.559  -41.102 1.00 522.09 ? 166 GLU U N   1 
ATOM 1201 C CA  . GLU A 1 166 ? -45.077 69.344  -40.549 1.00 522.09 ? 166 GLU U CA  1 
ATOM 1202 C C   . GLU A 1 166 ? -45.079 69.301  -39.026 1.00 522.09 ? 166 GLU U C   1 
ATOM 1203 O O   . GLU A 1 166 ? -45.364 70.307  -38.373 1.00 522.09 ? 166 GLU U O   1 
ATOM 1204 C CB  . GLU A 1 166 ? -46.400 68.829  -41.110 1.00 522.09 ? 166 GLU U CB  1 
ATOM 1205 C CG  . GLU A 1 166 ? -46.754 67.422  -40.658 1.00 522.09 ? 166 GLU U CG  1 
ATOM 1206 C CD  . GLU A 1 166 ? -47.893 66.825  -41.445 1.00 522.09 ? 166 GLU U CD  1 
ATOM 1207 O OE1 . GLU A 1 166 ? -47.894 66.969  -42.684 1.00 522.09 ? 166 GLU U OE1 1 
ATOM 1208 O OE2 . GLU A 1 166 ? -48.794 66.223  -40.829 1.00 522.09 ? 166 GLU U OE2 1 
ATOM 1209 N N   . LEU A 1 167 ? -44.759 68.146  -38.443 1.00 521.55 ? 167 LEU U N   1 
ATOM 1210 C CA  . LEU A 1 167 ? -44.441 68.087  -37.022 1.00 521.55 ? 167 LEU U CA  1 
ATOM 1211 C C   . LEU A 1 167 ? -43.204 68.906  -36.693 1.00 521.55 ? 167 LEU U C   1 
ATOM 1212 O O   . LEU A 1 167 ? -43.134 69.550  -35.640 1.00 521.55 ? 167 LEU U O   1 
ATOM 1213 C CB  . LEU A 1 167 ? -44.248 66.637  -36.584 1.00 521.55 ? 167 LEU U CB  1 
ATOM 1214 C CG  . LEU A 1 167 ? -45.479 65.739  -36.695 1.00 521.55 ? 167 LEU U CG  1 
ATOM 1215 C CD1 . LEU A 1 167 ? -45.110 64.285  -36.443 1.00 521.55 ? 167 LEU U CD1 1 
ATOM 1216 C CD2 . LEU A 1 167 ? -46.560 66.204  -35.733 1.00 521.55 ? 167 LEU U CD2 1 
ATOM 1217 N N   . LEU A 1 168 ? -42.227 68.918  -37.594 1.00 521.95 ? 168 LEU U N   1 
ATOM 1218 C CA  . LEU A 1 168 ? -40.962 69.568  -37.282 1.00 521.95 ? 168 LEU U CA  1 
ATOM 1219 C C   . LEU A 1 168 ? -41.080 71.078  -37.381 1.00 521.95 ? 168 LEU U C   1 
ATOM 1220 O O   . LEU A 1 168 ? -40.494 71.803  -36.569 1.00 521.95 ? 168 LEU U O   1 
ATOM 1221 C CB  . LEU A 1 168 ? -39.874 69.058  -38.223 1.00 521.95 ? 168 LEU U CB  1 
ATOM 1222 C CG  . LEU A 1 168 ? -39.347 67.669  -37.875 1.00 521.95 ? 168 LEU U CG  1 
ATOM 1223 C CD1 . LEU A 1 168 ? -38.619 67.061  -39.063 1.00 521.95 ? 168 LEU U CD1 1 
ATOM 1224 C CD2 . LEU A 1 168 ? -38.455 67.722  -36.641 1.00 521.95 ? 168 LEU U CD2 1 
ATOM 1225 N N   . LEU A 1 169 ? -41.852 71.572  -38.346 1.00 524.15 ? 169 LEU U N   1 
ATOM 1226 C CA  . LEU A 1 169 ? -42.181 72.988  -38.323 1.00 524.15 ? 169 LEU U CA  1 
ATOM 1227 C C   . LEU A 1 169 ? -43.164 73.303  -37.202 1.00 524.15 ? 169 LEU U C   1 
ATOM 1228 O O   . LEU A 1 169 ? -43.130 74.406  -36.647 1.00 524.15 ? 169 LEU U O   1 
ATOM 1229 C CB  . LEU A 1 169 ? -42.728 73.422  -39.684 1.00 524.15 ? 169 LEU U CB  1 
ATOM 1230 C CG  . LEU A 1 169 ? -44.126 72.959  -40.106 1.00 524.15 ? 169 LEU U CG  1 
ATOM 1231 C CD1 . LEU A 1 169 ? -45.212 73.935  -39.667 1.00 524.15 ? 169 LEU U CD1 1 
ATOM 1232 C CD2 . LEU A 1 169 ? -44.182 72.743  -41.608 1.00 524.15 ? 169 LEU U CD2 1 
ATOM 1233 N N   . SER A 1 170 ? -44.040 72.359  -36.845 1.00 525.81 ? 170 SER U N   1 
ATOM 1234 C CA  . SER A 1 170 ? -44.852 72.563  -35.650 1.00 525.81 ? 170 SER U CA  1 
ATOM 1235 C C   . SER A 1 170 ? -43.991 72.568  -34.395 1.00 525.81 ? 170 SER U C   1 
ATOM 1236 O O   . SER A 1 170 ? -44.182 73.404  -33.505 1.00 525.81 ? 170 SER U O   1 
ATOM 1237 C CB  . SER A 1 170 ? -45.924 71.482  -35.546 1.00 525.81 ? 170 SER U CB  1 
ATOM 1238 O OG  . SER A 1 170 ? -46.731 71.683  -34.401 1.00 525.81 ? 170 SER U OG  1 
ATOM 1239 N N   . GLN A 1 171 ? -43.026 71.654  -34.314 1.00 523.83 ? 171 GLN U N   1 
ATOM 1240 C CA  . GLN A 1 171 ? -42.065 71.719  -33.222 1.00 523.83 ? 171 GLN U CA  1 
ATOM 1241 C C   . GLN A 1 171 ? -41.182 72.952  -33.354 1.00 523.83 ? 171 GLN U C   1 
ATOM 1242 O O   . GLN A 1 171 ? -40.849 73.596  -32.352 1.00 523.83 ? 171 GLN U O   1 
ATOM 1243 C CB  . GLN A 1 171 ? -41.229 70.442  -33.176 1.00 523.83 ? 171 GLN U CB  1 
ATOM 1244 C CG  . GLN A 1 171 ? -40.246 70.411  -32.024 1.00 523.83 ? 171 GLN U CG  1 
ATOM 1245 C CD  . GLN A 1 171 ? -39.464 69.118  -31.956 1.00 523.83 ? 171 GLN U CD  1 
ATOM 1246 O OE1 . GLN A 1 171 ? -38.568 68.966  -31.125 1.00 523.83 ? 171 GLN U OE1 1 
ATOM 1247 N NE2 . GLN A 1 171 ? -39.811 68.170  -32.821 1.00 523.83 ? 171 GLN U NE2 1 
ATOM 1248 N N   . GLY A 1 172 ? -40.795 73.291  -34.578 1.00 525.77 ? 172 GLY U N   1 
ATOM 1249 C CA  . GLY A 1 172 ? -40.133 74.550  -34.854 1.00 525.77 ? 172 GLY U CA  1 
ATOM 1250 C C   . GLY A 1 172 ? -41.092 75.721  -34.871 1.00 525.77 ? 172 GLY U C   1 
ATOM 1251 O O   . GLY A 1 172 ? -41.252 76.419  -33.872 1.00 525.77 ? 172 GLY U O   1 
# 
